data_1Y4Z
#
_entry.id   1Y4Z
#
_cell.length_a   154.456
_cell.length_b   241.342
_cell.length_c   140.014
_cell.angle_alpha   90.00
_cell.angle_beta   90.00
_cell.angle_gamma   90.00
#
_symmetry.space_group_name_H-M   'C 2 2 21'
#
loop_
_entity.id
_entity.type
_entity.pdbx_description
1 polymer 'Respiratory nitrate reductase 1 alpha chain'
2 polymer 'Respiratory nitrate reductase 1 beta chain'
3 polymer 'Respiratory nitrate reductase 1 gamma chain'
4 non-polymer 'PHOSPHORIC ACID 4-(2-AMINO-4-OXO-3,4,5,6,-TETRAHYDRO-PTERIDIN-6-YL)-2-HYDROXY-3,4-DIMERCAPTO-BUT-3-EN-YL ESTER GUANYLATE ESTER'
5 non-polymer 'MOLYBDENUM(VI) ION'
6 non-polymer 'IRON/SULFUR CLUSTER'
7 non-polymer '(1S)-2-{[{[(2S)-2,3-DIHYDROXYPROPYL]OXY}(HYDROXY)PHOSPHORYL]OXY}-1-[(PENTANOYLOXY)METHYL]ETHYL OCTANOATE'
8 non-polymer 'FE3-S4 CLUSTER'
9 non-polymer 'PROTOPORPHYRIN IX CONTAINING FE'
10 non-polymer PENTACHLOROPHENOL
11 water water
#
loop_
_entity_poly.entity_id
_entity_poly.type
_entity_poly.pdbx_seq_one_letter_code
_entity_poly.pdbx_strand_id
1 'polypeptide(L)'
;SKFLDRFRYFKQKGETFADGHGQLLNTNRDWEDGYRQRWQHDKIVRSTHGVNCTGSCSWKIYVKNGLVTWETQQTDYPRT
RPDLPNHEPRGCPRGASYSWYLYSANRLKYPMMRKRLMKMWREAKALHSDPVEAWASIIEDADKAKSFKQARGRGGFVRS
SWQEVNELIAASNVYTIKNYGPDRVAGFSPIPAMSMVSYASGARYLSLIGGTCLSFYDWYCDLPPASPQTWGEQTDVPES
ADWYNSSYIIAWGSNVPQTRTPDAHFFTEVRYKGTKTVAVTPDYAEIAKLCDLWLAPKQGTDAAMALAMGHVMLREFHLD
NPSQYFTDYVRRYTDMPMLVMLEERDGYYAAGRMLRAADLVDALGQENNPEWKTVAFNTNGEMVAPNGSIGFRWGEKGKW
NLEQRDGKTGEETELQLSLLGSQDEIAEVGFPYFGGDGTEHFNKVELENVLLHKLPVKRLQLADGSTALVTTVYDLTLAN
YGLERGLNDVNCATSYDDVKAYTPAWAEQITGVSRSQIIRIAREFADNADKTHGRSMIIVGAGLNHWYHLDMNYRGLINM
LIFCGCVGQSGGGWAHYVGQEKLRPQTGWQPLAFALDWQRPARHMNSTSYFYNHSSQWRYETVTAEELLSPMADKSRYTG
HLIDFNVRAERMGWLPSAPQLGTNPLTIAGEAEKAGMNPVDYTVKSLKEGSIRFAAEQPENGKNHPRNLFIWRSNLLGSS
GKGHEFMLKYLLGTEHGIQGKDLGQQGGVKPEEVDWQDNGLEGKLDLVVTLDFRLSSTCLYSDIILPTATWYEKDDMNTS
DMHPFIHPLSAAVDPAWEAKSDWEIYKAIAKKFSEVCVGHLGKETDIVTLPIQHDSAAELAQPLDVKDWKKGECDLIPGK
TAPHIMVVERDYPATYERFTSIGPLMEKIGNGGKGIAWNTQSEMDLLRKLNYTKAEGPAKGQPMLNTAIDAAEMILTLAP
ETNGQVAVKAWAALSEFTGRDHTHLALNKEDEKIRFRDIQAQPRKIISSPTWSGLEDEHVSYNAGYTNVHELIPWRTLSG
RQQLYQDHQWMRDFGESLLVYRPPIDTRSVKEVIGQKSNGNQEKALNFLTPHQKWGIHSTYSDNLLMLTLGRGGPVVWLS
EADAKDLGIADNDWIEVFNSNGALTARAVVSQRVPAGMTMMYHAQERIVNLPGSEITQQRGGIHNSVTRITPKPTHMIGG
YAHLAYGFNYYGTVGSNRDEFVVVRKMKNIDWLDGEGNDQVQESVK
;
A
2 'polypeptide(L)'
;MKIRSQVGMVLNLDKCIGCHTCSVTAKNVWTSREGVEYAWFNNVETKPGQGFPTDWENQEKYKGGWIRKINGKLQPRMGN
RAMLLGKIFANPHLPGIDDYYEPFDFDYQNLHTAPEGSKSQPIARPRSLITGERMAKIEKGPNWEDDLGGEFDKLAKDKN
FDNIQKAMYSQFENTFMMYLPRLCEHCLNPACVATCPSGAIYKREEDGIVLIDQDKCRGWRMCITGCPYKKIYFNWKSGK
SEKCIFCYPRIEAGQPTVCSETCVGRIRYLGVLLYDADAIERAASTENEKDLYQRQLDVFLDPNDPKVIEQAIKDGIPLS
VIEAAQQSPVYKMAMEWKLALPLHPEYRTLPMVWYVPPLSPIQSAADAGELGSNGILPDVESLRIPVQYLANLLTAGDTK
PVLRALKRMLAMRHYKRAETVDGKVDTRALEEVGLTEAQAQEMYRYLAIANYEDRFVVPSSHRELAREAFPEKNGCGFTF
GDGCHGSDTKFNLFNSRRIDAIDVTSKTEPHP
;
B
3 'polypeptide(L)'
;(FME)QFLNMFFFDIYPYIAGAVFLIGSWLRYDYGQYTWRAASSQMLDRKGMNLASNLFHIGILGIFVGHFFGMLTPHWM
YEAWLPIEVKQKMAMFAGGASGVLCLIGGVLLLKRRLFSPRVRATTTGADILILSLLVIQCALGLLTIPFSAQHMDGSEM
MKLVGWAQSVVTFHGGASQHLDGVAFIFRLHLVLGMTLFLLFPFSRLIHIWSVPVEYLTRKYQLVRARH
;
C
#
# COMPACT_ATOMS: atom_id res chain seq x y z
N SER A 1 -9.77 -49.07 -11.80
CA SER A 1 -9.23 -48.69 -13.14
C SER A 1 -10.06 -47.62 -13.83
N LYS A 2 -9.46 -46.50 -14.16
CA LYS A 2 -10.21 -45.45 -14.83
C LYS A 2 -10.73 -45.90 -16.22
N PHE A 3 -9.96 -46.75 -16.91
CA PHE A 3 -10.38 -47.25 -18.22
C PHE A 3 -11.60 -48.15 -18.03
N LEU A 4 -11.53 -49.07 -17.08
CA LEU A 4 -12.66 -49.93 -16.86
C LEU A 4 -13.87 -49.11 -16.40
N ASP A 5 -13.65 -48.02 -15.64
CA ASP A 5 -14.79 -47.22 -15.19
C ASP A 5 -15.59 -46.68 -16.36
N ARG A 6 -14.94 -46.40 -17.49
CA ARG A 6 -15.68 -45.90 -18.66
C ARG A 6 -16.85 -46.76 -19.10
N PHE A 7 -16.83 -48.06 -18.74
CA PHE A 7 -17.90 -48.99 -19.11
C PHE A 7 -19.14 -48.89 -18.21
N ARG A 8 -19.00 -48.27 -17.03
CA ARG A 8 -20.13 -48.06 -16.12
C ARG A 8 -20.91 -46.81 -16.58
N TYR A 9 -20.57 -46.34 -17.79
CA TYR A 9 -21.18 -45.19 -18.47
C TYR A 9 -22.64 -45.08 -18.08
N PHE A 10 -23.39 -46.08 -18.50
CA PHE A 10 -24.82 -46.16 -18.25
C PHE A 10 -25.17 -46.17 -16.78
N LYS A 11 -24.46 -46.99 -16.02
CA LYS A 11 -24.70 -47.14 -14.58
C LYS A 11 -24.60 -45.86 -13.73
N GLN A 12 -23.81 -44.89 -14.19
CA GLN A 12 -23.65 -43.67 -13.42
C GLN A 12 -24.66 -42.55 -13.67
N LYS A 13 -25.61 -42.77 -14.59
CA LYS A 13 -26.66 -41.78 -14.91
C LYS A 13 -27.77 -41.74 -13.85
N GLY A 14 -27.96 -40.60 -13.21
CA GLY A 14 -29.02 -40.48 -12.21
C GLY A 14 -30.22 -39.87 -12.91
N GLU A 15 -31.05 -39.16 -12.15
CA GLU A 15 -32.22 -38.52 -12.72
C GLU A 15 -31.91 -37.27 -13.56
N THR A 16 -32.73 -36.98 -14.57
CA THR A 16 -32.55 -35.78 -15.35
C THR A 16 -33.27 -34.70 -14.56
N PHE A 17 -33.10 -33.44 -14.93
CA PHE A 17 -33.82 -32.40 -14.21
C PHE A 17 -34.12 -31.28 -15.19
N ALA A 18 -35.04 -30.43 -14.80
CA ALA A 18 -35.41 -29.30 -15.64
C ALA A 18 -35.85 -29.73 -17.05
N ASP A 19 -36.71 -30.74 -17.12
CA ASP A 19 -37.24 -31.22 -18.39
C ASP A 19 -36.18 -31.57 -19.41
N GLY A 20 -35.21 -32.38 -19.00
CA GLY A 20 -34.16 -32.77 -19.94
C GLY A 20 -33.04 -31.77 -20.20
N HIS A 21 -33.06 -30.61 -19.55
CA HIS A 21 -31.99 -29.63 -19.77
C HIS A 21 -30.76 -30.07 -18.98
N GLY A 22 -30.99 -30.90 -17.96
CA GLY A 22 -29.92 -31.36 -17.10
C GLY A 22 -29.92 -32.84 -16.74
N GLN A 23 -28.73 -33.29 -16.34
CA GLN A 23 -28.48 -34.67 -15.97
C GLN A 23 -27.62 -34.77 -14.70
N LEU A 24 -28.10 -35.50 -13.71
CA LEU A 24 -27.34 -35.73 -12.48
C LEU A 24 -26.54 -37.02 -12.74
N LEU A 25 -25.24 -36.99 -12.47
CA LEU A 25 -24.35 -38.16 -12.63
C LEU A 25 -23.81 -38.64 -11.27
N ASN A 26 -23.57 -39.94 -11.13
CA ASN A 26 -22.99 -40.49 -9.90
C ASN A 26 -21.64 -40.99 -10.29
N THR A 27 -20.72 -40.06 -10.50
CA THR A 27 -19.41 -40.46 -10.93
C THR A 27 -18.31 -40.09 -9.93
N ASN A 28 -17.14 -40.67 -10.12
CA ASN A 28 -16.01 -40.45 -9.24
C ASN A 28 -15.61 -38.96 -9.20
N ARG A 29 -15.18 -38.51 -8.03
CA ARG A 29 -14.77 -37.11 -7.86
C ARG A 29 -13.46 -37.00 -7.06
N ASP A 30 -12.73 -38.10 -6.98
CA ASP A 30 -11.48 -38.15 -6.24
C ASP A 30 -10.46 -37.13 -6.73
N TRP A 31 -10.54 -36.72 -8.00
CA TRP A 31 -9.55 -35.77 -8.55
C TRP A 31 -9.58 -34.44 -7.74
N GLU A 32 -10.72 -34.15 -7.15
CA GLU A 32 -10.87 -32.91 -6.37
C GLU A 32 -9.78 -32.82 -5.29
N ASP A 33 -9.12 -33.93 -4.95
CA ASP A 33 -8.08 -33.85 -3.89
C ASP A 33 -6.90 -32.99 -4.31
N GLY A 34 -6.75 -32.86 -5.62
CA GLY A 34 -5.65 -32.09 -6.17
C GLY A 34 -5.61 -30.63 -5.69
N TYR A 35 -6.75 -29.96 -5.59
CA TYR A 35 -6.75 -28.59 -5.06
C TYR A 35 -6.81 -28.63 -3.53
N ARG A 36 -7.44 -29.63 -2.93
CA ARG A 36 -7.44 -29.70 -1.44
C ARG A 36 -6.00 -29.78 -0.88
N GLN A 37 -5.16 -30.57 -1.54
CA GLN A 37 -3.81 -30.79 -1.05
C GLN A 37 -2.91 -29.55 -1.23
N ARG A 38 -3.32 -28.58 -2.08
CA ARG A 38 -2.56 -27.34 -2.23
C ARG A 38 -2.88 -26.44 -1.00
N TRP A 39 -4.16 -26.39 -0.62
CA TRP A 39 -4.53 -25.53 0.47
C TRP A 39 -3.92 -25.99 1.77
N GLN A 40 -3.80 -27.30 1.95
CA GLN A 40 -3.28 -27.84 3.19
C GLN A 40 -1.88 -27.32 3.51
N HIS A 41 -1.58 -27.15 4.79
CA HIS A 41 -0.29 -26.59 5.17
C HIS A 41 0.18 -27.17 6.51
N ASP A 42 1.45 -26.90 6.84
CA ASP A 42 2.16 -27.43 8.03
C ASP A 42 1.71 -26.77 9.33
N LYS A 43 1.55 -25.45 9.26
CA LYS A 43 1.17 -24.66 10.42
C LYS A 43 0.95 -23.20 9.95
N ILE A 44 0.42 -22.38 10.83
CA ILE A 44 0.33 -20.97 10.51
C ILE A 44 0.99 -20.28 11.73
N VAL A 45 1.67 -19.17 11.51
CA VAL A 45 2.37 -18.45 12.55
C VAL A 45 1.86 -17.01 12.53
N ARG A 46 1.74 -16.37 13.69
CA ARG A 46 1.27 -14.98 13.65
C ARG A 46 2.41 -14.02 13.38
N SER A 47 2.27 -13.13 12.42
CA SER A 47 3.33 -12.11 12.25
C SER A 47 2.72 -10.87 11.67
N THR A 48 3.55 -9.86 11.41
CA THR A 48 3.04 -8.63 10.84
C THR A 48 4.12 -8.01 9.94
N HIS A 49 3.93 -6.77 9.52
CA HIS A 49 4.86 -6.16 8.59
C HIS A 49 5.60 -4.95 9.18
N GLY A 50 6.93 -4.93 9.10
CA GLY A 50 7.70 -3.84 9.64
C GLY A 50 7.95 -2.83 8.52
N VAL A 51 6.86 -2.26 8.03
CA VAL A 51 6.97 -1.32 6.92
C VAL A 51 6.17 -0.11 7.33
N ASN A 52 6.50 1.04 6.78
CA ASN A 52 5.85 2.29 7.20
C ASN A 52 4.50 2.62 6.56
N CYS A 53 3.47 1.87 6.94
CA CYS A 53 2.14 2.07 6.37
C CYS A 53 1.04 2.52 7.34
N THR A 54 1.28 2.37 8.64
CA THR A 54 0.28 2.67 9.69
C THR A 54 -0.73 1.48 9.82
N GLY A 55 -0.68 0.53 8.88
CA GLY A 55 -1.59 -0.60 8.95
C GLY A 55 -1.48 -1.40 10.25
N SER A 56 -0.28 -1.85 10.62
CA SER A 56 -0.09 -2.60 11.85
C SER A 56 -1.10 -3.75 11.80
N CYS A 57 -1.06 -4.56 10.76
CA CYS A 57 -2.04 -5.65 10.65
C CYS A 57 -1.44 -7.01 11.00
N SER A 58 -2.16 -7.80 11.79
CA SER A 58 -1.67 -9.14 12.16
C SER A 58 -2.08 -10.15 11.06
N TRP A 59 -1.14 -10.96 10.62
CA TRP A 59 -1.40 -11.95 9.58
C TRP A 59 -1.12 -13.39 10.00
N LYS A 60 -1.68 -14.33 9.26
CA LYS A 60 -1.44 -15.74 9.43
C LYS A 60 -0.43 -16.06 8.34
N ILE A 61 0.77 -16.51 8.74
CA ILE A 61 1.82 -16.89 7.83
C ILE A 61 1.73 -18.42 7.71
N TYR A 62 1.51 -18.87 6.48
CA TYR A 62 1.37 -20.29 6.22
C TYR A 62 2.67 -20.89 5.81
N VAL A 63 3.08 -21.95 6.51
CA VAL A 63 4.29 -22.68 6.18
C VAL A 63 3.79 -24.03 5.65
N LYS A 64 4.31 -24.45 4.49
CA LYS A 64 3.88 -25.69 3.82
C LYS A 64 5.15 -26.26 3.18
N ASN A 65 5.36 -27.58 3.32
CA ASN A 65 6.57 -28.16 2.78
C ASN A 65 7.79 -27.52 3.43
N GLY A 66 7.62 -27.04 4.65
CA GLY A 66 8.73 -26.42 5.37
C GLY A 66 9.19 -25.09 4.81
N LEU A 67 8.34 -24.42 4.04
CA LEU A 67 8.67 -23.13 3.45
C LEU A 67 7.47 -22.22 3.64
N VAL A 68 7.70 -20.92 3.66
CA VAL A 68 6.62 -19.94 3.75
C VAL A 68 5.96 -19.90 2.36
N THR A 69 4.65 -20.15 2.29
CA THR A 69 3.99 -20.14 0.99
C THR A 69 3.00 -18.99 0.73
N TRP A 70 2.23 -18.53 1.73
CA TRP A 70 1.35 -17.39 1.53
C TRP A 70 0.90 -16.92 2.89
N GLU A 71 0.10 -15.86 2.90
CA GLU A 71 -0.41 -15.28 4.13
C GLU A 71 -1.89 -14.88 3.93
N THR A 72 -2.70 -14.86 5.00
CA THR A 72 -4.09 -14.38 4.96
C THR A 72 -4.25 -13.63 6.30
N GLN A 73 -5.09 -12.61 6.36
CA GLN A 73 -5.22 -11.87 7.62
C GLN A 73 -5.76 -12.62 8.84
N GLN A 74 -5.23 -12.28 10.00
CA GLN A 74 -5.79 -12.81 11.24
C GLN A 74 -7.10 -12.02 11.37
N THR A 75 -8.10 -12.60 12.00
CA THR A 75 -9.38 -11.89 12.19
C THR A 75 -9.78 -11.85 13.66
N ASP A 76 -8.87 -12.26 14.54
CA ASP A 76 -9.15 -12.36 15.97
C ASP A 76 -8.81 -11.16 16.90
N TYR A 77 -8.76 -9.94 16.38
CA TYR A 77 -8.51 -8.81 17.26
C TYR A 77 -9.62 -8.73 18.27
N PRO A 78 -9.34 -8.19 19.48
CA PRO A 78 -10.38 -8.04 20.52
C PRO A 78 -11.44 -7.20 19.84
N ARG A 79 -12.70 -7.62 19.93
CA ARG A 79 -13.76 -6.84 19.27
C ARG A 79 -14.03 -5.47 19.93
N THR A 80 -14.49 -4.51 19.14
CA THR A 80 -14.83 -3.16 19.61
C THR A 80 -16.25 -3.25 20.16
N ARG A 81 -16.71 -2.18 20.82
CA ARG A 81 -18.05 -2.12 21.39
C ARG A 81 -19.03 -2.60 20.34
N PRO A 82 -20.22 -3.06 20.75
CA PRO A 82 -21.28 -3.55 19.88
C PRO A 82 -21.78 -2.54 18.82
N ASP A 83 -21.74 -1.25 19.16
CA ASP A 83 -22.22 -0.21 18.25
C ASP A 83 -21.15 0.29 17.27
N LEU A 84 -20.00 -0.37 17.22
CA LEU A 84 -18.93 -0.01 16.31
C LEU A 84 -18.52 -1.21 15.49
N PRO A 85 -18.06 -0.99 14.24
CA PRO A 85 -17.62 -2.12 13.41
C PRO A 85 -16.35 -2.63 14.08
N ASN A 86 -16.02 -3.89 13.83
CA ASN A 86 -14.78 -4.45 14.36
C ASN A 86 -13.67 -4.16 13.36
N HIS A 87 -12.43 -4.40 13.76
CA HIS A 87 -11.30 -4.13 12.88
C HIS A 87 -11.03 -5.18 11.79
N GLU A 88 -11.33 -6.44 12.08
CA GLU A 88 -10.97 -7.49 11.11
C GLU A 88 -11.58 -7.21 9.75
N PRO A 89 -10.89 -7.63 8.69
CA PRO A 89 -9.60 -8.35 8.65
C PRO A 89 -8.37 -7.50 8.52
N ARG A 90 -8.55 -6.19 8.35
CA ARG A 90 -7.44 -5.28 8.08
C ARG A 90 -6.76 -5.84 6.82
N GLY A 91 -5.48 -5.59 6.64
CA GLY A 91 -4.74 -6.03 5.47
C GLY A 91 -4.72 -4.97 4.36
N CYS A 92 -3.97 -5.22 3.28
CA CYS A 92 -3.92 -4.33 2.12
C CYS A 92 -3.23 -5.20 1.08
N PRO A 93 -3.21 -4.81 -0.21
CA PRO A 93 -2.58 -5.59 -1.29
C PRO A 93 -1.08 -5.69 -1.23
N ARG A 94 -0.40 -4.66 -0.73
CA ARG A 94 1.06 -4.69 -0.60
C ARG A 94 1.36 -5.80 0.41
N GLY A 95 0.70 -5.76 1.57
CA GLY A 95 0.92 -6.77 2.60
C GLY A 95 0.69 -8.21 2.11
N ALA A 96 -0.38 -8.45 1.36
CA ALA A 96 -0.69 -9.78 0.83
C ALA A 96 0.40 -10.34 -0.08
N SER A 97 1.26 -9.49 -0.60
CA SER A 97 2.32 -9.94 -1.48
C SER A 97 3.68 -10.13 -0.78
N TYR A 98 3.76 -9.88 0.52
CA TYR A 98 5.10 -9.99 1.15
C TYR A 98 5.80 -11.33 1.02
N SER A 99 5.05 -12.43 1.13
CA SER A 99 5.64 -13.78 1.03
C SER A 99 6.50 -13.98 -0.22
N TRP A 100 6.22 -13.21 -1.25
CA TRP A 100 6.98 -13.31 -2.49
C TRP A 100 8.52 -13.12 -2.28
N TYR A 101 8.88 -12.22 -1.36
CA TYR A 101 10.27 -11.87 -1.10
C TYR A 101 11.14 -12.98 -0.54
N LEU A 102 10.61 -13.88 0.27
CA LEU A 102 11.46 -14.87 0.90
C LEU A 102 12.49 -15.65 0.07
N TYR A 103 12.09 -16.14 -1.10
CA TYR A 103 12.98 -16.95 -1.94
C TYR A 103 13.06 -16.37 -3.35
N SER A 104 12.62 -15.14 -3.52
CA SER A 104 12.59 -14.47 -4.83
C SER A 104 13.97 -14.19 -5.42
N ALA A 105 14.03 -13.78 -6.69
CA ALA A 105 15.33 -13.53 -7.33
C ALA A 105 16.02 -12.25 -6.82
N ASN A 106 15.35 -11.46 -5.98
CA ASN A 106 16.02 -10.28 -5.47
C ASN A 106 16.34 -10.36 -3.97
N ARG A 107 16.23 -11.54 -3.38
CA ARG A 107 16.51 -11.75 -1.97
C ARG A 107 18.01 -11.66 -1.74
N LEU A 108 18.42 -10.94 -0.69
CA LEU A 108 19.84 -10.87 -0.32
C LEU A 108 20.13 -12.09 0.56
N LYS A 109 21.05 -12.93 0.13
CA LYS A 109 21.38 -14.14 0.86
C LYS A 109 22.67 -14.12 1.70
N TYR A 110 23.66 -13.35 1.26
CA TYR A 110 24.97 -13.33 1.94
C TYR A 110 25.51 -11.95 2.10
N PRO A 111 26.44 -11.75 3.06
CA PRO A 111 27.04 -10.43 3.25
C PRO A 111 27.76 -10.17 1.92
N MET A 112 27.64 -8.95 1.40
CA MET A 112 28.28 -8.58 0.14
C MET A 112 29.20 -7.36 0.32
N MET A 113 30.30 -7.32 -0.44
CA MET A 113 31.19 -6.18 -0.35
C MET A 113 31.62 -5.79 -1.76
N ARG A 114 31.77 -4.48 -2.03
CA ARG A 114 32.24 -3.97 -3.34
C ARG A 114 33.62 -4.64 -3.60
N LYS A 115 33.82 -5.18 -4.79
CA LYS A 115 35.05 -5.88 -5.09
C LYS A 115 36.33 -5.10 -4.88
N ARG A 116 36.33 -3.86 -5.36
CA ARG A 116 37.50 -3.03 -5.23
C ARG A 116 37.86 -2.82 -3.77
N LEU A 117 36.85 -2.61 -2.93
CA LEU A 117 37.08 -2.41 -1.49
C LEU A 117 37.58 -3.70 -0.83
N MET A 118 37.10 -4.85 -1.32
CA MET A 118 37.52 -6.14 -0.77
C MET A 118 38.98 -6.41 -1.12
N LYS A 119 39.34 -6.22 -2.40
CA LYS A 119 40.72 -6.42 -2.83
C LYS A 119 41.65 -5.52 -1.97
N MET A 120 41.29 -4.26 -1.77
CA MET A 120 42.16 -3.40 -0.97
C MET A 120 42.19 -3.75 0.52
N TRP A 121 41.05 -4.15 1.07
CA TRP A 121 40.93 -4.55 2.46
C TRP A 121 41.85 -5.72 2.76
N ARG A 122 41.81 -6.72 1.87
CA ARG A 122 42.64 -7.90 2.06
C ARG A 122 44.12 -7.66 1.89
N GLU A 123 44.47 -6.75 0.97
CA GLU A 123 45.85 -6.40 0.73
C GLU A 123 46.36 -5.57 1.92
N ALA A 124 45.50 -4.73 2.49
CA ALA A 124 45.85 -3.90 3.66
C ALA A 124 46.04 -4.82 4.87
N LYS A 125 45.18 -5.82 5.03
CA LYS A 125 45.34 -6.73 6.18
C LYS A 125 46.63 -7.56 6.10
N ALA A 126 47.14 -7.78 4.91
CA ALA A 126 48.36 -8.54 4.78
C ALA A 126 49.57 -7.71 5.25
N LEU A 127 49.37 -6.40 5.40
CA LEU A 127 50.45 -5.49 5.78
C LEU A 127 50.24 -4.88 7.14
N HIS A 128 49.02 -4.99 7.65
CA HIS A 128 48.69 -4.43 8.95
C HIS A 128 47.89 -5.43 9.73
N SER A 129 48.54 -6.13 10.65
CA SER A 129 47.89 -7.15 11.45
C SER A 129 46.71 -6.58 12.24
N ASP A 130 46.77 -5.31 12.67
CA ASP A 130 45.65 -4.73 13.40
C ASP A 130 44.65 -4.10 12.39
N PRO A 131 43.40 -4.61 12.31
CA PRO A 131 42.43 -4.05 11.34
C PRO A 131 42.17 -2.52 11.33
N VAL A 132 42.37 -1.83 12.45
CA VAL A 132 42.21 -0.38 12.49
C VAL A 132 43.27 0.27 11.59
N GLU A 133 44.50 -0.25 11.67
CA GLU A 133 45.60 0.27 10.89
C GLU A 133 45.48 -0.16 9.44
N ALA A 134 44.87 -1.32 9.20
CA ALA A 134 44.65 -1.70 7.82
C ALA A 134 43.63 -0.67 7.24
N TRP A 135 42.58 -0.34 8.00
CA TRP A 135 41.59 0.64 7.50
C TRP A 135 42.26 2.02 7.31
N ALA A 136 43.10 2.40 8.26
CA ALA A 136 43.81 3.66 8.15
C ALA A 136 44.55 3.76 6.83
N SER A 137 45.30 2.71 6.49
CA SER A 137 46.11 2.70 5.28
C SER A 137 45.33 2.87 3.98
N ILE A 138 44.04 2.53 4.02
CA ILE A 138 43.24 2.67 2.80
C ILE A 138 42.58 4.02 2.74
N ILE A 139 41.98 4.41 3.86
CA ILE A 139 41.26 5.64 3.95
C ILE A 139 42.12 6.92 3.89
N GLU A 140 43.40 6.82 4.25
CA GLU A 140 44.28 7.97 4.25
C GLU A 140 45.01 8.10 2.92
N ASP A 141 44.74 7.18 2.01
CA ASP A 141 45.35 7.25 0.71
C ASP A 141 44.25 7.77 -0.20
N ALA A 142 44.38 9.01 -0.71
CA ALA A 142 43.36 9.60 -1.58
C ALA A 142 43.01 8.72 -2.81
N ASP A 143 44.00 8.13 -3.45
CA ASP A 143 43.70 7.29 -4.61
C ASP A 143 42.93 6.02 -4.23
N LYS A 144 43.28 5.42 -3.10
CA LYS A 144 42.59 4.18 -2.68
C LYS A 144 41.14 4.49 -2.31
N ALA A 145 40.98 5.51 -1.49
CA ALA A 145 39.65 5.93 -1.05
C ALA A 145 38.73 6.18 -2.25
N LYS A 146 39.25 6.89 -3.24
CA LYS A 146 38.49 7.19 -4.40
C LYS A 146 38.21 5.98 -5.31
N SER A 147 39.09 5.01 -5.34
CA SER A 147 38.82 3.91 -6.24
C SER A 147 37.57 3.11 -5.81
N PHE A 148 37.24 3.06 -4.51
CA PHE A 148 36.04 2.33 -4.10
C PHE A 148 34.81 3.24 -4.00
N LYS A 149 34.99 4.54 -3.71
CA LYS A 149 33.83 5.40 -3.67
C LYS A 149 33.23 5.64 -5.07
N GLN A 150 34.07 5.62 -6.11
CA GLN A 150 33.57 5.83 -7.46
C GLN A 150 32.99 4.53 -8.04
N ALA A 151 33.22 3.42 -7.38
CA ALA A 151 32.67 2.14 -7.82
C ALA A 151 31.22 2.00 -7.26
N ARG A 152 30.83 2.90 -6.36
CA ARG A 152 29.51 2.84 -5.76
C ARG A 152 28.42 3.01 -6.82
N GLY A 153 27.51 2.01 -6.89
CA GLY A 153 26.41 2.02 -7.84
C GLY A 153 26.87 1.58 -9.23
N ARG A 154 28.06 0.98 -9.30
CA ARG A 154 28.62 0.53 -10.57
C ARG A 154 29.01 -0.95 -10.66
N GLY A 155 28.24 -1.80 -9.98
CA GLY A 155 28.49 -3.24 -10.07
C GLY A 155 29.65 -3.72 -9.23
N GLY A 156 30.05 -4.96 -9.47
CA GLY A 156 31.16 -5.52 -8.72
C GLY A 156 30.94 -5.98 -7.27
N PHE A 157 29.71 -6.32 -6.88
CA PHE A 157 29.56 -6.81 -5.53
C PHE A 157 30.06 -8.25 -5.51
N VAL A 158 30.76 -8.66 -4.44
CA VAL A 158 31.23 -10.02 -4.33
C VAL A 158 30.81 -10.60 -2.98
N ARG A 159 30.62 -11.91 -2.95
CA ARG A 159 30.23 -12.54 -1.68
C ARG A 159 31.34 -12.48 -0.63
N SER A 160 31.00 -12.06 0.57
CA SER A 160 31.97 -11.92 1.68
C SER A 160 31.48 -12.89 2.78
N SER A 161 31.74 -12.60 4.05
CA SER A 161 31.33 -13.47 5.14
C SER A 161 31.05 -12.56 6.30
N TRP A 162 30.29 -13.04 7.29
CA TRP A 162 29.97 -12.20 8.42
C TRP A 162 31.26 -11.80 9.15
N GLN A 163 32.18 -12.75 9.27
CA GLN A 163 33.41 -12.46 9.93
C GLN A 163 34.19 -11.30 9.24
N GLU A 164 34.31 -11.34 7.93
CA GLU A 164 35.04 -10.31 7.22
C GLU A 164 34.39 -8.95 7.29
N VAL A 165 33.09 -8.86 7.06
CA VAL A 165 32.46 -7.55 7.10
C VAL A 165 32.34 -7.00 8.52
N ASN A 166 32.16 -7.87 9.51
CA ASN A 166 32.05 -7.39 10.88
C ASN A 166 33.37 -6.76 11.35
N GLU A 167 34.48 -7.33 10.91
CA GLU A 167 35.80 -6.82 11.26
C GLU A 167 36.02 -5.49 10.58
N LEU A 168 35.74 -5.40 9.28
CA LEU A 168 35.92 -4.13 8.55
C LEU A 168 35.04 -3.03 9.18
N ILE A 169 33.78 -3.34 9.41
CA ILE A 169 32.86 -2.36 10.00
C ILE A 169 33.38 -1.85 11.32
N ALA A 170 33.79 -2.77 12.18
CA ALA A 170 34.29 -2.43 13.53
C ALA A 170 35.57 -1.61 13.47
N ALA A 171 36.47 -2.01 12.58
CA ALA A 171 37.74 -1.32 12.43
C ALA A 171 37.52 0.13 11.97
N SER A 172 36.64 0.28 10.99
CA SER A 172 36.32 1.59 10.46
C SER A 172 35.62 2.43 11.51
N ASN A 173 34.74 1.85 12.32
CA ASN A 173 34.06 2.64 13.34
C ASN A 173 35.08 3.15 14.42
N VAL A 174 36.02 2.28 14.81
CA VAL A 174 37.03 2.60 15.83
C VAL A 174 37.94 3.73 15.32
N TYR A 175 38.46 3.55 14.11
CA TYR A 175 39.31 4.51 13.44
C TYR A 175 38.67 5.89 13.36
N THR A 176 37.41 5.91 12.95
CA THR A 176 36.64 7.13 12.84
C THR A 176 36.43 7.79 14.17
N ILE A 177 36.05 7.02 15.18
CA ILE A 177 35.76 7.56 16.51
C ILE A 177 37.05 8.11 17.13
N LYS A 178 38.10 7.31 17.05
CA LYS A 178 39.40 7.68 17.60
C LYS A 178 39.94 8.95 16.96
N ASN A 179 39.90 9.03 15.64
CA ASN A 179 40.46 10.18 14.95
C ASN A 179 39.66 11.44 14.65
N TYR A 180 38.34 11.34 14.58
CA TYR A 180 37.50 12.49 14.28
C TYR A 180 36.49 12.70 15.39
N GLY A 181 35.93 11.61 15.91
CA GLY A 181 34.98 11.76 17.01
C GLY A 181 33.84 10.78 16.93
N PRO A 182 33.20 10.44 18.07
CA PRO A 182 32.10 9.47 17.95
C PRO A 182 30.98 9.93 16.99
N ASP A 183 30.72 11.25 16.97
CA ASP A 183 29.68 11.83 16.13
C ASP A 183 30.00 11.91 14.64
N ARG A 184 31.08 11.27 14.20
CA ARG A 184 31.34 11.22 12.77
C ARG A 184 30.81 9.84 12.29
N VAL A 185 30.20 9.09 13.22
CA VAL A 185 29.60 7.79 12.90
C VAL A 185 28.12 8.06 13.08
N ALA A 186 27.32 7.60 12.13
CA ALA A 186 25.89 7.83 12.20
C ALA A 186 25.02 6.68 11.70
N GLY A 187 23.77 6.74 12.10
CA GLY A 187 22.84 5.74 11.65
C GLY A 187 21.52 6.33 11.23
N PHE A 188 20.97 5.83 10.12
CA PHE A 188 19.64 6.28 9.69
C PHE A 188 18.64 5.11 9.66
N SER A 189 17.61 5.20 10.50
CA SER A 189 16.55 4.20 10.53
C SER A 189 15.29 4.94 10.96
N PRO A 190 14.15 4.69 10.29
CA PRO A 190 12.91 5.40 10.66
C PRO A 190 11.86 4.65 11.44
N ILE A 191 10.80 5.37 11.81
CA ILE A 191 9.60 4.79 12.38
C ILE A 191 9.79 3.53 13.22
N PRO A 192 10.20 3.67 14.47
CA PRO A 192 10.38 2.48 15.29
C PRO A 192 9.08 1.71 15.60
N ALA A 193 7.92 2.36 15.53
CA ALA A 193 6.67 1.68 15.84
C ALA A 193 6.38 0.44 14.98
N MET A 194 6.90 0.39 13.76
CA MET A 194 6.67 -0.76 12.89
C MET A 194 7.52 -1.99 13.24
N SER A 195 8.58 -1.79 14.02
CA SER A 195 9.42 -2.91 14.45
C SER A 195 10.41 -2.34 15.44
N MET A 196 9.89 -2.18 16.66
CA MET A 196 10.57 -1.59 17.80
C MET A 196 11.95 -2.07 18.09
N VAL A 197 12.11 -3.38 18.31
CA VAL A 197 13.41 -3.93 18.63
C VAL A 197 14.35 -3.80 17.44
N SER A 198 13.80 -3.97 16.22
CA SER A 198 14.66 -3.87 15.02
C SER A 198 15.27 -2.46 14.87
N TYR A 199 14.52 -1.45 15.26
CA TYR A 199 15.00 -0.08 15.20
C TYR A 199 16.00 0.04 16.34
N ALA A 200 15.60 -0.40 17.53
CA ALA A 200 16.44 -0.29 18.70
C ALA A 200 17.83 -0.88 18.52
N SER A 201 17.96 -1.96 17.74
CA SER A 201 19.25 -2.62 17.57
C SER A 201 20.41 -1.69 17.15
N GLY A 202 20.29 -1.02 16.00
CA GLY A 202 21.34 -0.13 15.56
C GLY A 202 21.40 1.15 16.43
N ALA A 203 20.25 1.66 16.84
CA ALA A 203 20.23 2.89 17.63
C ALA A 203 21.01 2.71 18.93
N ARG A 204 20.87 1.52 19.53
CA ARG A 204 21.50 1.17 20.81
C ARG A 204 23.01 1.06 20.67
N TYR A 205 23.48 0.40 19.60
CA TYR A 205 24.90 0.26 19.36
C TYR A 205 25.48 1.69 19.18
N LEU A 206 24.91 2.48 18.27
CA LEU A 206 25.34 3.85 17.99
C LEU A 206 25.33 4.69 19.25
N SER A 207 24.26 4.64 20.00
CA SER A 207 24.19 5.43 21.20
C SER A 207 25.24 5.07 22.21
N LEU A 208 25.61 3.79 22.30
CA LEU A 208 26.62 3.41 23.28
C LEU A 208 27.98 4.02 22.91
N ILE A 209 28.30 3.97 21.62
CA ILE A 209 29.57 4.48 21.17
C ILE A 209 29.63 5.96 20.89
N GLY A 210 28.52 6.66 21.08
CA GLY A 210 28.49 8.11 20.84
C GLY A 210 28.08 8.59 19.44
N GLY A 211 27.75 7.68 18.52
CA GLY A 211 27.34 8.06 17.18
C GLY A 211 25.98 8.75 17.09
N THR A 212 25.74 9.47 16.00
CA THR A 212 24.48 10.18 15.90
C THR A 212 23.29 9.33 15.38
N CYS A 213 22.14 9.48 16.03
CA CYS A 213 20.89 8.82 15.64
C CYS A 213 20.07 9.87 14.89
N LEU A 214 19.91 9.66 13.59
CA LEU A 214 19.17 10.61 12.76
C LEU A 214 17.66 10.51 12.89
N SER A 215 16.95 11.65 12.87
CA SER A 215 15.49 11.66 13.00
C SER A 215 14.79 11.28 11.65
N PHE A 216 13.46 11.15 11.67
CA PHE A 216 12.73 10.76 10.46
C PHE A 216 11.42 11.43 10.22
N TYR A 217 10.70 11.75 11.30
CA TYR A 217 9.35 12.34 11.15
C TYR A 217 9.41 13.69 10.46
N ASP A 218 10.34 14.53 10.90
CA ASP A 218 10.49 15.86 10.26
C ASP A 218 11.09 15.67 8.85
N TRP A 219 12.16 14.89 8.74
CA TRP A 219 12.79 14.62 7.46
C TRP A 219 11.82 14.17 6.36
N TYR A 220 10.88 13.30 6.72
CA TYR A 220 9.92 12.79 5.73
C TYR A 220 8.74 13.73 5.48
N CYS A 221 8.67 14.82 6.26
CA CYS A 221 7.59 15.79 6.18
C CYS A 221 6.27 15.18 6.64
N ASP A 222 6.33 14.29 7.61
CA ASP A 222 5.13 13.65 8.18
C ASP A 222 4.77 14.49 9.43
N LEU A 223 5.80 15.12 10.01
CA LEU A 223 5.63 16.01 11.14
C LEU A 223 4.91 17.27 10.67
N PRO A 224 3.82 17.65 11.33
CA PRO A 224 3.10 18.86 10.94
C PRO A 224 3.51 19.85 12.04
N PRO A 225 4.44 20.77 11.74
CA PRO A 225 4.89 21.73 12.75
C PRO A 225 3.79 22.50 13.45
N ALA A 226 2.64 22.56 12.80
CA ALA A 226 1.46 23.24 13.29
C ALA A 226 0.94 22.57 14.56
N SER A 227 1.25 21.29 14.71
CA SER A 227 0.78 20.54 15.88
C SER A 227 1.59 20.99 17.11
N PRO A 228 2.92 21.03 17.00
CA PRO A 228 3.67 21.50 18.15
C PRO A 228 3.34 22.97 18.39
N GLN A 229 3.11 23.73 17.32
CA GLN A 229 2.78 25.15 17.53
C GLN A 229 1.46 25.36 18.29
N THR A 230 0.45 24.61 17.87
CA THR A 230 -0.86 24.74 18.46
C THR A 230 -1.05 24.00 19.78
N TRP A 231 -0.38 22.85 19.90
CA TRP A 231 -0.62 22.01 21.06
C TRP A 231 0.57 21.59 21.87
N GLY A 232 1.77 21.89 21.39
CA GLY A 232 2.96 21.45 22.11
C GLY A 232 3.08 19.91 22.10
N GLU A 233 2.55 19.29 21.03
CA GLU A 233 2.55 17.83 20.84
C GLU A 233 3.01 17.46 19.44
N GLN A 234 3.93 16.53 19.35
CA GLN A 234 4.42 16.10 18.07
C GLN A 234 3.28 15.67 17.13
N THR A 235 2.47 14.73 17.58
CA THR A 235 1.31 14.23 16.85
C THR A 235 0.52 13.27 17.74
N ASP A 236 -0.77 13.51 17.83
CA ASP A 236 -1.64 12.65 18.61
C ASP A 236 -2.99 12.79 17.92
N VAL A 237 -3.58 11.67 17.54
CA VAL A 237 -4.79 11.76 16.79
C VAL A 237 -5.78 10.68 17.19
N PRO A 238 -7.04 10.84 16.79
CA PRO A 238 -8.05 9.84 17.14
C PRO A 238 -7.77 8.55 16.36
N GLU A 239 -8.23 7.42 16.90
CA GLU A 239 -8.06 6.13 16.21
C GLU A 239 -9.12 6.02 15.11
N SER A 240 -8.93 5.11 14.15
CA SER A 240 -9.90 4.99 13.06
C SER A 240 -11.30 4.59 13.54
N ALA A 241 -11.37 3.81 14.63
CA ALA A 241 -12.69 3.43 15.11
C ALA A 241 -13.44 4.72 15.52
N ASP A 242 -12.70 5.74 15.96
CA ASP A 242 -13.36 7.00 16.34
C ASP A 242 -14.02 7.75 15.17
N TRP A 243 -13.59 7.50 13.94
CA TRP A 243 -14.25 8.13 12.80
C TRP A 243 -15.74 7.74 12.83
N TYR A 244 -16.00 6.51 13.26
CA TYR A 244 -17.34 6.00 13.32
C TYR A 244 -18.24 6.77 14.32
N ASN A 245 -17.62 7.49 15.23
CA ASN A 245 -18.40 8.30 16.19
C ASN A 245 -18.64 9.71 15.63
N SER A 246 -18.17 10.01 14.41
CA SER A 246 -18.34 11.36 13.83
C SER A 246 -19.59 11.42 12.97
N SER A 247 -20.24 12.57 12.92
CA SER A 247 -21.44 12.66 12.10
C SER A 247 -21.24 13.55 10.88
N TYR A 248 -20.01 14.07 10.74
CA TYR A 248 -19.64 14.92 9.59
C TYR A 248 -18.12 14.87 9.40
N ILE A 249 -17.68 14.31 8.25
CA ILE A 249 -16.25 14.14 7.96
C ILE A 249 -15.75 14.71 6.62
N ILE A 250 -14.69 15.52 6.66
CA ILE A 250 -14.11 16.01 5.43
C ILE A 250 -12.75 15.29 5.30
N ALA A 251 -12.51 14.60 4.15
CA ALA A 251 -11.22 13.93 3.92
C ALA A 251 -10.53 15.00 3.07
N TRP A 252 -9.48 15.60 3.60
CA TRP A 252 -8.87 16.70 2.90
C TRP A 252 -7.43 16.38 2.59
N GLY A 253 -7.11 16.11 1.33
CA GLY A 253 -5.72 15.78 0.97
C GLY A 253 -5.28 14.45 1.60
N SER A 254 -6.25 13.57 1.84
CA SER A 254 -5.99 12.25 2.42
C SER A 254 -6.70 11.23 1.54
N ASN A 255 -5.97 10.33 0.92
CA ASN A 255 -6.53 9.35 -0.03
C ASN A 255 -6.87 8.03 0.72
N VAL A 256 -7.79 8.14 1.69
CA VAL A 256 -8.13 7.03 2.54
C VAL A 256 -8.15 5.59 1.94
N PRO A 257 -8.92 5.36 0.87
CA PRO A 257 -8.89 3.99 0.36
C PRO A 257 -7.52 3.40 -0.06
N GLN A 258 -6.64 4.28 -0.51
CA GLN A 258 -5.32 3.93 -1.01
C GLN A 258 -4.22 3.92 0.03
N THR A 259 -4.25 4.94 0.87
CA THR A 259 -3.24 5.12 1.91
C THR A 259 -3.61 4.79 3.35
N ARG A 260 -4.85 4.36 3.59
CA ARG A 260 -5.26 3.96 4.94
C ARG A 260 -6.19 2.75 4.71
N THR A 261 -5.82 1.94 3.73
CA THR A 261 -6.58 0.82 3.30
C THR A 261 -7.27 -0.05 4.36
N PRO A 262 -6.51 -0.64 5.31
CA PRO A 262 -7.16 -1.49 6.31
C PRO A 262 -8.17 -0.79 7.21
N ASP A 263 -8.16 0.55 7.20
CA ASP A 263 -9.09 1.34 8.05
C ASP A 263 -10.25 1.99 7.29
N ALA A 264 -10.17 1.98 5.98
CA ALA A 264 -11.15 2.59 5.12
C ALA A 264 -12.58 2.16 5.42
N HIS A 265 -12.83 0.92 5.82
CA HIS A 265 -14.21 0.51 6.09
C HIS A 265 -14.85 1.38 7.20
N PHE A 266 -14.09 1.94 8.12
CA PHE A 266 -14.75 2.75 9.15
C PHE A 266 -15.39 3.96 8.46
N PHE A 267 -14.73 4.44 7.41
CA PHE A 267 -15.21 5.59 6.63
C PHE A 267 -16.40 5.18 5.75
N THR A 268 -16.31 4.04 5.03
CA THR A 268 -17.43 3.67 4.20
C THR A 268 -18.67 3.26 5.03
N GLU A 269 -18.42 2.62 6.17
CA GLU A 269 -19.52 2.16 7.02
C GLU A 269 -20.19 3.27 7.80
N VAL A 270 -19.44 4.26 8.27
CA VAL A 270 -20.05 5.33 9.06
C VAL A 270 -21.07 6.10 8.22
N ARG A 271 -20.96 5.99 6.90
CA ARG A 271 -21.92 6.67 6.03
C ARG A 271 -23.33 6.07 6.24
N TYR A 272 -23.41 4.78 6.49
CA TYR A 272 -24.70 4.13 6.69
C TYR A 272 -25.39 4.56 7.98
N LYS A 273 -24.65 5.18 8.89
CA LYS A 273 -25.16 5.68 10.15
C LYS A 273 -25.65 7.14 9.96
N GLY A 274 -25.62 7.61 8.72
CA GLY A 274 -26.07 8.96 8.39
C GLY A 274 -25.03 10.08 8.36
N THR A 275 -23.76 9.69 8.52
CA THR A 275 -22.65 10.63 8.50
C THR A 275 -22.41 11.13 7.06
N LYS A 276 -22.27 12.44 6.90
CA LYS A 276 -22.01 12.98 5.56
C LYS A 276 -20.50 13.09 5.37
N THR A 277 -20.05 12.85 4.15
CA THR A 277 -18.63 12.90 3.89
C THR A 277 -18.32 13.78 2.67
N VAL A 278 -17.19 14.48 2.73
CA VAL A 278 -16.75 15.36 1.66
C VAL A 278 -15.26 15.15 1.41
N ALA A 279 -14.93 14.95 0.13
CA ALA A 279 -13.57 14.75 -0.38
C ALA A 279 -13.08 16.09 -0.95
N VAL A 280 -11.86 16.50 -0.59
CA VAL A 280 -11.27 17.74 -1.12
C VAL A 280 -9.90 17.37 -1.70
N THR A 281 -9.85 17.18 -3.02
CA THR A 281 -8.61 16.80 -3.70
C THR A 281 -8.67 17.42 -5.11
N PRO A 282 -7.52 17.88 -5.66
CA PRO A 282 -7.48 18.51 -6.99
C PRO A 282 -7.80 17.56 -8.14
N ASP A 283 -7.47 16.28 -7.98
CA ASP A 283 -7.76 15.28 -9.01
C ASP A 283 -8.96 14.44 -8.57
N TYR A 284 -9.48 13.59 -9.47
CA TYR A 284 -10.57 12.73 -9.06
C TYR A 284 -9.82 11.53 -8.47
N ALA A 285 -9.62 11.61 -7.17
CA ALA A 285 -8.89 10.56 -6.46
C ALA A 285 -9.78 9.41 -5.98
N GLU A 286 -9.14 8.34 -5.56
CA GLU A 286 -9.88 7.20 -5.05
C GLU A 286 -10.79 7.66 -3.91
N ILE A 287 -10.31 8.55 -3.05
CA ILE A 287 -11.16 9.00 -1.97
C ILE A 287 -12.48 9.63 -2.44
N ALA A 288 -12.51 10.19 -3.65
CA ALA A 288 -13.75 10.82 -4.12
C ALA A 288 -14.84 9.79 -4.36
N LYS A 289 -14.43 8.59 -4.73
CA LYS A 289 -15.38 7.54 -5.02
C LYS A 289 -16.26 7.23 -3.81
N LEU A 290 -15.74 7.47 -2.61
CA LEU A 290 -16.48 7.17 -1.42
C LEU A 290 -17.20 8.33 -0.77
N CYS A 291 -17.14 9.54 -1.31
CA CYS A 291 -17.83 10.61 -0.61
C CYS A 291 -19.16 11.12 -1.21
N ASP A 292 -19.81 12.02 -0.49
CA ASP A 292 -21.08 12.56 -0.97
C ASP A 292 -20.87 13.77 -1.83
N LEU A 293 -19.68 14.39 -1.70
CA LEU A 293 -19.39 15.62 -2.47
C LEU A 293 -17.91 15.67 -2.76
N TRP A 294 -17.55 16.07 -3.96
CA TRP A 294 -16.14 16.19 -4.36
C TRP A 294 -15.83 17.66 -4.65
N LEU A 295 -14.94 18.27 -3.86
CA LEU A 295 -14.53 19.67 -4.07
C LEU A 295 -13.09 19.62 -4.64
N ALA A 296 -12.76 20.41 -5.67
CA ALA A 296 -11.42 20.29 -6.24
C ALA A 296 -10.61 21.59 -6.34
N PRO A 297 -10.12 22.06 -5.20
CA PRO A 297 -9.32 23.29 -5.24
C PRO A 297 -8.01 23.05 -5.97
N LYS A 298 -7.46 24.15 -6.50
CA LYS A 298 -6.17 24.13 -7.16
C LYS A 298 -5.20 23.64 -6.08
N GLN A 299 -4.38 22.65 -6.42
CA GLN A 299 -3.43 22.12 -5.45
C GLN A 299 -2.57 23.25 -4.87
N GLY A 300 -2.26 23.11 -3.59
CA GLY A 300 -1.45 24.08 -2.91
C GLY A 300 -2.16 25.31 -2.38
N THR A 301 -3.45 25.46 -2.69
CA THR A 301 -4.18 26.64 -2.27
C THR A 301 -5.20 26.35 -1.18
N ASP A 302 -5.12 25.16 -0.57
CA ASP A 302 -6.12 24.78 0.43
C ASP A 302 -6.30 25.73 1.63
N ALA A 303 -5.22 26.34 2.08
CA ALA A 303 -5.32 27.22 3.20
C ALA A 303 -6.37 28.33 2.91
N ALA A 304 -6.47 28.76 1.65
CA ALA A 304 -7.43 29.80 1.26
C ALA A 304 -8.86 29.36 1.49
N MET A 305 -9.15 28.11 1.12
CA MET A 305 -10.51 27.59 1.32
C MET A 305 -10.80 27.47 2.82
N ALA A 306 -9.84 26.94 3.56
CA ALA A 306 -9.98 26.82 5.01
C ALA A 306 -10.23 28.18 5.69
N LEU A 307 -9.53 29.24 5.25
CA LEU A 307 -9.73 30.58 5.85
C LEU A 307 -11.16 31.08 5.60
N ALA A 308 -11.67 30.87 4.39
CA ALA A 308 -12.99 31.34 4.03
C ALA A 308 -14.05 30.59 4.83
N MET A 309 -13.82 29.28 5.03
CA MET A 309 -14.76 28.48 5.82
C MET A 309 -14.77 28.98 7.24
N GLY A 310 -13.58 29.23 7.78
CA GLY A 310 -13.51 29.72 9.15
C GLY A 310 -14.26 31.04 9.27
N HIS A 311 -14.12 31.89 8.26
CA HIS A 311 -14.77 33.19 8.22
C HIS A 311 -16.28 33.02 8.42
N VAL A 312 -16.88 32.16 7.60
CA VAL A 312 -18.31 31.92 7.68
C VAL A 312 -18.67 31.44 9.05
N MET A 313 -17.87 30.53 9.58
CA MET A 313 -18.12 29.94 10.89
C MET A 313 -18.10 30.99 12.01
N LEU A 314 -17.12 31.86 12.00
CA LEU A 314 -17.05 32.86 13.04
C LEU A 314 -18.25 33.80 12.88
N ARG A 315 -18.50 34.21 11.63
CA ARG A 315 -19.59 35.12 11.30
C ARG A 315 -20.92 34.61 11.79
N GLU A 316 -21.24 33.37 11.42
CA GLU A 316 -22.54 32.83 11.81
C GLU A 316 -22.68 32.17 13.17
N PHE A 317 -21.63 31.51 13.67
CA PHE A 317 -21.76 30.79 14.97
C PHE A 317 -21.08 31.43 16.16
N HIS A 318 -20.27 32.44 15.91
CA HIS A 318 -19.65 33.12 17.03
C HIS A 318 -20.18 34.55 17.19
N LEU A 319 -20.45 35.23 16.08
CA LEU A 319 -20.94 36.62 16.13
C LEU A 319 -22.45 36.82 16.00
N ASP A 320 -23.01 36.52 14.83
CA ASP A 320 -24.44 36.75 14.60
C ASP A 320 -25.40 35.93 15.48
N ASN A 321 -25.12 34.65 15.66
CA ASN A 321 -25.95 33.83 16.52
C ASN A 321 -25.04 32.95 17.41
N PRO A 322 -24.41 33.58 18.42
CA PRO A 322 -23.50 32.88 19.32
C PRO A 322 -23.89 31.49 19.80
N SER A 323 -23.03 30.52 19.49
CA SER A 323 -23.23 29.15 19.91
C SER A 323 -22.75 29.01 21.33
N GLN A 324 -23.65 28.58 22.20
CA GLN A 324 -23.33 28.37 23.59
C GLN A 324 -22.17 27.37 23.70
N TYR A 325 -22.31 26.26 23.02
CA TYR A 325 -21.23 25.27 23.06
C TYR A 325 -19.90 25.84 22.54
N PHE A 326 -19.88 26.47 21.38
CA PHE A 326 -18.62 26.99 20.83
C PHE A 326 -17.96 28.08 21.64
N THR A 327 -18.76 29.04 22.09
CA THR A 327 -18.25 30.17 22.87
C THR A 327 -17.57 29.71 24.13
N ASP A 328 -18.26 28.89 24.92
CA ASP A 328 -17.68 28.36 26.15
C ASP A 328 -16.41 27.53 25.87
N TYR A 329 -16.43 26.79 24.76
CA TYR A 329 -15.29 25.95 24.38
C TYR A 329 -14.07 26.84 24.06
N VAL A 330 -14.21 27.88 23.25
CA VAL A 330 -13.00 28.68 22.99
C VAL A 330 -12.56 29.54 24.19
N ARG A 331 -13.49 29.83 25.09
CA ARG A 331 -13.19 30.63 26.26
C ARG A 331 -12.27 29.82 27.18
N ARG A 332 -12.61 28.55 27.36
CA ARG A 332 -11.83 27.69 28.25
C ARG A 332 -10.60 26.96 27.71
N TYR A 333 -10.62 26.66 26.42
CA TYR A 333 -9.57 25.86 25.80
C TYR A 333 -8.62 26.48 24.75
N THR A 334 -8.72 27.79 24.51
CA THR A 334 -7.84 28.45 23.55
C THR A 334 -7.18 29.66 24.22
N ASP A 335 -6.21 30.25 23.54
CA ASP A 335 -5.52 31.43 24.05
C ASP A 335 -6.24 32.71 23.56
N MET A 336 -7.48 32.55 23.07
CA MET A 336 -8.23 33.67 22.55
C MET A 336 -8.39 34.86 23.52
N PRO A 337 -8.71 34.59 24.79
CA PRO A 337 -8.84 35.66 25.79
C PRO A 337 -7.48 36.24 26.22
N MET A 338 -6.39 35.56 25.89
CA MET A 338 -5.09 36.07 26.28
C MET A 338 -4.77 37.44 25.63
N LEU A 339 -3.99 38.25 26.35
CA LEU A 339 -3.64 39.59 25.89
C LEU A 339 -2.36 39.76 25.08
N VAL A 340 -2.50 40.45 23.95
CA VAL A 340 -1.35 40.72 23.10
C VAL A 340 -0.99 42.22 23.15
N MET A 341 0.31 42.49 23.30
CA MET A 341 0.88 43.83 23.33
C MET A 341 1.07 44.38 21.91
N LEU A 342 0.73 45.67 21.71
CA LEU A 342 0.87 46.31 20.40
C LEU A 342 2.15 47.07 20.27
N GLU A 343 2.80 46.97 19.12
CA GLU A 343 4.05 47.64 18.91
C GLU A 343 3.87 48.85 18.00
N GLU A 344 4.49 49.97 18.36
CA GLU A 344 4.37 51.15 17.52
C GLU A 344 5.11 51.09 16.21
N ARG A 345 4.39 51.39 15.13
CA ARG A 345 4.94 51.43 13.79
C ARG A 345 4.66 52.83 13.25
N ASP A 346 5.03 53.10 12.01
CA ASP A 346 4.81 54.42 11.43
C ASP A 346 3.34 54.69 11.06
N GLY A 347 2.57 55.26 11.98
CA GLY A 347 1.17 55.54 11.70
C GLY A 347 0.19 54.43 12.04
N TYR A 348 0.71 53.29 12.48
CA TYR A 348 -0.14 52.16 12.84
C TYR A 348 0.56 51.27 13.85
N TYR A 349 -0.07 50.16 14.18
CA TYR A 349 0.52 49.23 15.14
C TYR A 349 0.69 47.84 14.55
N ALA A 350 1.60 47.08 15.14
CA ALA A 350 1.82 45.69 14.75
C ALA A 350 1.59 44.85 16.03
N ALA A 351 1.13 43.61 15.87
CA ALA A 351 0.90 42.73 17.01
C ALA A 351 2.26 42.27 17.53
N GLY A 352 2.49 42.42 18.82
CA GLY A 352 3.77 42.03 19.38
C GLY A 352 3.66 40.76 20.19
N ARG A 353 4.55 40.56 21.16
CA ARG A 353 4.52 39.36 21.99
C ARG A 353 3.33 39.45 22.91
N MET A 354 2.96 38.31 23.49
CA MET A 354 1.84 38.25 24.41
C MET A 354 2.27 38.86 25.75
N LEU A 355 1.30 39.49 26.44
CA LEU A 355 1.54 40.12 27.74
C LEU A 355 1.80 39.02 28.76
N ARG A 356 2.81 39.20 29.60
CA ARG A 356 3.15 38.24 30.65
C ARG A 356 2.86 38.86 32.02
N ALA A 357 2.65 38.02 33.03
CA ALA A 357 2.37 38.50 34.40
C ALA A 357 3.47 39.43 34.85
N ALA A 358 4.69 39.13 34.43
CA ALA A 358 5.85 39.92 34.78
C ALA A 358 5.79 41.36 34.25
N ASP A 359 4.94 41.61 33.25
CA ASP A 359 4.84 42.93 32.68
C ASP A 359 4.11 43.91 33.60
N LEU A 360 3.19 43.42 34.40
CA LEU A 360 2.43 44.27 35.30
C LEU A 360 3.16 44.55 36.61
N VAL A 361 2.76 45.65 37.25
CA VAL A 361 3.34 46.12 38.50
C VAL A 361 3.49 45.06 39.59
N ASP A 362 2.39 44.47 40.05
CA ASP A 362 2.53 43.45 41.09
C ASP A 362 2.95 42.06 40.51
N ALA A 363 3.23 42.00 39.20
CA ALA A 363 3.58 40.75 38.54
C ALA A 363 2.39 39.82 38.85
N LEU A 364 1.24 40.45 39.06
CA LEU A 364 -0.01 39.75 39.33
C LEU A 364 0.11 38.74 40.46
N GLY A 365 0.94 39.07 41.44
CA GLY A 365 1.13 38.19 42.58
C GLY A 365 1.89 36.93 42.23
N GLN A 366 2.44 36.92 41.01
CA GLN A 366 3.18 35.78 40.49
C GLN A 366 4.66 35.88 40.78
N GLU A 367 5.13 35.05 41.68
CA GLU A 367 6.51 35.04 42.05
C GLU A 367 7.36 34.08 41.19
N ASN A 368 6.81 32.91 40.88
CA ASN A 368 7.53 31.92 40.07
C ASN A 368 7.28 32.08 38.57
N ASN A 369 8.35 32.12 37.77
CA ASN A 369 8.22 32.24 36.32
C ASN A 369 7.14 33.23 35.87
N PRO A 370 7.15 34.47 36.39
CA PRO A 370 6.10 35.41 35.96
C PRO A 370 6.17 35.83 34.49
N GLU A 371 7.34 35.73 33.91
CA GLU A 371 7.51 36.12 32.55
C GLU A 371 7.07 34.98 31.61
N TRP A 372 6.61 33.88 32.22
CA TRP A 372 6.17 32.74 31.45
C TRP A 372 4.73 32.42 31.68
N LYS A 373 4.01 33.37 32.26
CA LYS A 373 2.57 33.21 32.50
C LYS A 373 1.81 34.27 31.72
N THR A 374 0.80 33.85 30.95
CA THR A 374 0.01 34.77 30.15
C THR A 374 -1.12 35.40 30.90
N VAL A 375 -1.64 36.48 30.34
CA VAL A 375 -2.66 37.29 30.99
C VAL A 375 -3.95 37.55 30.25
N ALA A 376 -5.06 37.50 30.99
CA ALA A 376 -6.35 37.80 30.40
C ALA A 376 -7.15 38.71 31.32
N PHE A 377 -8.32 39.14 30.83
CA PHE A 377 -9.22 39.96 31.60
C PHE A 377 -10.36 39.06 31.99
N ASN A 378 -10.88 39.18 33.20
CA ASN A 378 -12.04 38.36 33.54
C ASN A 378 -13.27 39.14 33.14
N THR A 379 -14.43 38.53 33.24
CA THR A 379 -15.64 39.19 32.82
C THR A 379 -15.96 40.43 33.64
N ASN A 380 -15.20 40.67 34.71
CA ASN A 380 -15.40 41.85 35.54
C ASN A 380 -14.32 42.88 35.27
N GLY A 381 -13.78 42.87 34.05
CA GLY A 381 -12.75 43.80 33.66
C GLY A 381 -11.44 43.77 34.42
N GLU A 382 -11.20 42.77 35.26
CA GLU A 382 -9.94 42.73 35.99
C GLU A 382 -8.92 41.83 35.31
N MET A 383 -7.66 42.17 35.47
CA MET A 383 -6.57 41.40 34.88
C MET A 383 -6.35 40.12 35.70
N VAL A 384 -5.91 39.05 35.03
CA VAL A 384 -5.67 37.80 35.76
C VAL A 384 -4.69 36.88 35.03
N ALA A 385 -3.95 36.09 35.78
CA ALA A 385 -3.02 35.13 35.21
C ALA A 385 -3.75 33.83 35.49
N PRO A 386 -4.43 33.28 34.48
CA PRO A 386 -5.15 32.02 34.71
C PRO A 386 -4.28 30.75 34.81
N ASN A 387 -4.75 29.76 35.57
CA ASN A 387 -4.03 28.50 35.72
C ASN A 387 -3.65 27.89 34.39
N GLY A 388 -2.59 27.09 34.38
CA GLY A 388 -2.24 26.36 33.18
C GLY A 388 -1.22 26.88 32.19
N SER A 389 -0.79 28.13 32.33
CA SER A 389 0.20 28.66 31.41
C SER A 389 1.49 27.94 31.76
N ILE A 390 2.40 27.87 30.81
CA ILE A 390 3.66 27.14 30.95
C ILE A 390 4.53 27.52 32.15
N GLY A 391 4.30 28.69 32.73
CA GLY A 391 5.11 29.10 33.88
C GLY A 391 4.75 28.30 35.11
N PHE A 392 3.52 27.80 35.15
CA PHE A 392 3.07 26.97 36.25
C PHE A 392 3.49 25.51 36.19
N ARG A 393 4.14 25.09 35.11
CA ARG A 393 4.55 23.70 34.96
C ARG A 393 5.78 23.36 35.77
N TRP A 394 6.71 24.31 35.84
CA TRP A 394 7.97 24.09 36.54
C TRP A 394 8.17 25.02 37.73
N GLY A 395 9.02 24.62 38.67
CA GLY A 395 9.28 25.47 39.82
C GLY A 395 8.17 25.63 40.85
N GLU A 396 7.03 24.99 40.65
CA GLU A 396 5.89 25.01 41.58
C GLU A 396 4.97 23.84 41.20
N LYS A 397 3.86 23.64 41.91
CA LYS A 397 2.97 22.52 41.59
C LYS A 397 1.51 22.74 41.91
N GLY A 398 0.64 21.98 41.27
CA GLY A 398 -0.79 22.06 41.52
C GLY A 398 -1.64 23.06 40.77
N LYS A 399 -1.03 23.86 39.92
CA LYS A 399 -1.77 24.89 39.19
C LYS A 399 -1.67 24.77 37.68
N TRP A 400 -0.88 23.79 37.24
CA TRP A 400 -0.72 23.55 35.81
C TRP A 400 -1.94 22.72 35.39
N ASN A 401 -3.07 23.38 35.20
CA ASN A 401 -4.31 22.71 34.81
C ASN A 401 -5.20 23.72 34.13
N LEU A 402 -6.27 23.24 33.53
CA LEU A 402 -7.20 24.10 32.81
C LEU A 402 -8.48 24.45 33.59
N GLU A 403 -8.37 24.42 34.92
CA GLU A 403 -9.50 24.85 35.72
C GLU A 403 -9.56 26.37 35.47
N GLN A 404 -10.74 26.89 35.20
CA GLN A 404 -10.87 28.33 34.95
C GLN A 404 -10.77 29.00 36.33
N ARG A 405 -9.54 29.21 36.77
CA ARG A 405 -9.24 29.81 38.07
C ARG A 405 -8.15 30.86 37.98
N ASP A 406 -8.15 31.74 38.98
CA ASP A 406 -7.21 32.82 39.09
C ASP A 406 -5.89 32.27 39.67
N GLY A 407 -4.84 32.35 38.88
CA GLY A 407 -3.53 31.87 39.29
C GLY A 407 -2.95 32.48 40.55
N LYS A 408 -3.57 33.53 41.10
CA LYS A 408 -3.03 34.12 42.33
C LYS A 408 -3.93 33.86 43.54
N THR A 409 -5.22 34.13 43.41
CA THR A 409 -6.16 33.91 44.50
C THR A 409 -6.70 32.49 44.54
N GLY A 410 -6.50 31.75 43.45
CA GLY A 410 -7.00 30.39 43.38
C GLY A 410 -8.51 30.37 43.33
N GLU A 411 -9.12 31.49 42.98
CA GLU A 411 -10.57 31.54 42.93
C GLU A 411 -11.07 31.34 41.51
N GLU A 412 -12.29 30.87 41.39
CA GLU A 412 -12.87 30.66 40.07
C GLU A 412 -13.01 31.98 39.36
N THR A 413 -12.66 32.01 38.08
CA THR A 413 -12.78 33.23 37.29
C THR A 413 -13.43 32.90 35.98
N GLU A 414 -13.77 33.92 35.22
CA GLU A 414 -14.39 33.73 33.93
C GLU A 414 -13.72 34.64 32.96
N LEU A 415 -13.12 34.10 31.91
CA LEU A 415 -12.42 34.92 30.94
C LEU A 415 -13.33 35.60 29.91
N GLN A 416 -13.01 36.85 29.62
CA GLN A 416 -13.75 37.65 28.67
C GLN A 416 -13.03 37.41 27.36
N LEU A 417 -13.77 37.30 26.27
CA LEU A 417 -13.14 37.07 24.97
C LEU A 417 -12.75 38.38 24.24
N SER A 418 -13.74 39.20 23.93
CA SER A 418 -13.47 40.42 23.19
C SER A 418 -13.56 41.69 24.02
N LEU A 419 -12.61 42.60 23.77
CA LEU A 419 -12.57 43.91 24.42
C LEU A 419 -13.64 44.82 23.80
N LEU A 420 -14.10 44.47 22.60
CA LEU A 420 -15.13 45.27 21.95
C LEU A 420 -16.20 45.60 22.97
N GLY A 421 -16.39 46.89 23.21
CA GLY A 421 -17.40 47.28 24.18
C GLY A 421 -16.81 47.54 25.54
N SER A 422 -15.54 47.86 25.57
CA SER A 422 -14.95 48.17 26.85
C SER A 422 -13.54 48.59 26.59
N GLN A 423 -13.32 49.05 25.36
CA GLN A 423 -11.99 49.50 24.94
C GLN A 423 -11.81 50.98 25.21
N ASP A 424 -10.58 51.39 25.46
CA ASP A 424 -10.24 52.80 25.70
C ASP A 424 -10.16 53.57 24.39
N GLU A 425 -9.98 52.86 23.29
CA GLU A 425 -9.85 53.47 21.98
C GLU A 425 -9.71 52.39 20.94
N ILE A 426 -9.78 52.80 19.69
CA ILE A 426 -9.63 51.90 18.56
C ILE A 426 -8.27 52.20 17.96
N ALA A 427 -7.45 51.17 17.78
CA ALA A 427 -6.14 51.34 17.19
C ALA A 427 -6.13 50.62 15.85
N GLU A 428 -5.25 51.04 14.96
CA GLU A 428 -5.19 50.37 13.68
C GLU A 428 -3.94 49.49 13.68
N VAL A 429 -4.18 48.21 13.43
CA VAL A 429 -3.13 47.19 13.44
C VAL A 429 -2.92 46.65 12.03
N GLY A 430 -1.67 46.57 11.58
CA GLY A 430 -1.40 46.04 10.26
C GLY A 430 -1.29 44.51 10.27
N PHE A 431 -1.86 43.85 9.26
CA PHE A 431 -1.78 42.40 9.17
C PHE A 431 -1.08 42.02 7.85
N PRO A 432 -0.18 41.03 7.88
CA PRO A 432 0.47 40.73 6.61
C PRO A 432 -0.48 40.01 5.68
N TYR A 433 -0.32 40.26 4.38
CA TYR A 433 -1.16 39.65 3.39
C TYR A 433 -0.28 39.23 2.22
N PHE A 434 -0.25 37.92 1.95
CA PHE A 434 0.60 37.39 0.89
C PHE A 434 -0.18 36.87 -0.31
N GLY A 435 -1.50 37.00 -0.26
CA GLY A 435 -2.38 36.52 -1.32
C GLY A 435 -2.22 37.13 -2.70
N GLY A 436 -1.46 38.23 -2.78
CA GLY A 436 -1.20 38.87 -4.06
C GLY A 436 0.11 38.36 -4.65
N ASP A 437 0.93 37.68 -3.84
CA ASP A 437 2.21 37.14 -4.35
C ASP A 437 1.97 35.76 -4.97
N GLY A 438 3.02 35.14 -5.51
CA GLY A 438 2.83 33.82 -6.09
C GLY A 438 3.39 33.70 -7.49
N THR A 439 3.43 32.50 -8.04
CA THR A 439 3.97 32.34 -9.38
C THR A 439 2.84 32.45 -10.41
N GLU A 440 3.19 32.26 -11.69
CA GLU A 440 2.26 32.36 -12.80
C GLU A 440 1.29 31.18 -12.84
N HIS A 441 1.63 30.11 -12.11
CA HIS A 441 0.80 28.91 -12.09
C HIS A 441 -0.40 28.93 -11.12
N PHE A 442 -0.48 29.96 -10.27
CA PHE A 442 -1.57 30.10 -9.31
C PHE A 442 -2.24 31.46 -9.40
N ASN A 443 -3.57 31.49 -9.20
CA ASN A 443 -4.36 32.71 -9.25
C ASN A 443 -4.02 33.51 -8.03
N LYS A 444 -3.99 34.82 -8.17
CA LYS A 444 -3.65 35.74 -7.07
C LYS A 444 -4.74 36.75 -6.86
N VAL A 445 -4.77 37.33 -5.68
CA VAL A 445 -5.73 38.39 -5.45
C VAL A 445 -5.03 39.57 -4.76
N GLU A 446 -4.86 40.63 -5.53
CA GLU A 446 -4.22 41.86 -5.06
C GLU A 446 -5.08 42.68 -4.08
N LEU A 447 -4.51 42.99 -2.93
CA LEU A 447 -5.16 43.88 -1.94
C LEU A 447 -3.99 44.81 -1.58
N GLU A 448 -3.40 44.64 -0.40
CA GLU A 448 -2.23 45.42 0.01
C GLU A 448 -1.34 44.48 0.83
N ASN A 449 -0.02 44.65 0.77
CA ASN A 449 0.89 43.78 1.53
C ASN A 449 0.58 43.85 3.02
N VAL A 450 0.19 45.03 3.50
CA VAL A 450 -0.20 45.17 4.91
C VAL A 450 -1.65 45.64 4.92
N LEU A 451 -2.50 44.94 5.64
CA LEU A 451 -3.90 45.30 5.71
C LEU A 451 -4.15 45.88 7.08
N LEU A 452 -4.66 47.11 7.11
CA LEU A 452 -4.97 47.76 8.38
C LEU A 452 -6.37 47.40 8.86
N HIS A 453 -6.47 47.11 10.15
CA HIS A 453 -7.76 46.76 10.73
C HIS A 453 -7.96 47.53 12.04
N LYS A 454 -9.21 47.86 12.34
CA LYS A 454 -9.50 48.58 13.58
C LYS A 454 -9.74 47.54 14.64
N LEU A 455 -8.94 47.61 15.71
CA LEU A 455 -9.03 46.71 16.83
C LEU A 455 -9.37 47.47 18.09
N PRO A 456 -10.21 46.91 18.96
CA PRO A 456 -10.53 47.62 20.19
C PRO A 456 -9.35 47.38 21.15
N VAL A 457 -8.76 48.43 21.69
CA VAL A 457 -7.65 48.27 22.61
C VAL A 457 -7.90 48.83 23.98
N LYS A 458 -6.90 48.64 24.85
CA LYS A 458 -6.95 49.12 26.22
C LYS A 458 -5.52 49.44 26.61
N ARG A 459 -5.28 50.66 27.05
CA ARG A 459 -3.94 51.07 27.46
C ARG A 459 -3.70 50.57 28.87
N LEU A 460 -2.49 50.08 29.13
CA LEU A 460 -2.10 49.55 30.44
C LEU A 460 -0.84 50.22 30.94
N GLN A 461 -0.72 50.27 32.27
CA GLN A 461 0.44 50.85 32.92
C GLN A 461 1.40 49.72 33.30
N LEU A 462 2.49 49.60 32.56
CA LEU A 462 3.45 48.54 32.81
C LEU A 462 4.31 48.72 34.08
N ALA A 463 5.00 47.64 34.44
CA ALA A 463 5.85 47.60 35.60
C ALA A 463 7.05 48.52 35.49
N ASP A 464 7.61 48.68 34.30
CA ASP A 464 8.77 49.54 34.19
C ASP A 464 8.35 51.00 33.97
N GLY A 465 7.11 51.30 34.32
CA GLY A 465 6.63 52.67 34.20
C GLY A 465 6.09 53.05 32.85
N SER A 466 6.48 52.35 31.79
CA SER A 466 5.98 52.68 30.46
C SER A 466 4.51 52.32 30.38
N THR A 467 3.89 52.63 29.25
CA THR A 467 2.49 52.32 29.12
C THR A 467 2.36 51.48 27.84
N ALA A 468 1.27 50.75 27.67
CA ALA A 468 1.17 49.98 26.44
C ALA A 468 -0.25 49.64 26.05
N LEU A 469 -0.47 49.44 24.76
CA LEU A 469 -1.80 49.04 24.27
C LEU A 469 -1.89 47.52 24.09
N VAL A 470 -3.02 46.93 24.51
CA VAL A 470 -3.20 45.49 24.36
C VAL A 470 -4.56 45.17 23.76
N THR A 471 -4.67 43.97 23.18
CA THR A 471 -5.94 43.51 22.64
C THR A 471 -5.93 42.00 22.83
N THR A 472 -7.05 41.32 22.59
CA THR A 472 -7.05 39.86 22.79
C THR A 472 -6.72 39.12 21.49
N VAL A 473 -6.29 37.87 21.64
CA VAL A 473 -5.99 37.02 20.51
C VAL A 473 -7.28 36.93 19.73
N TYR A 474 -8.38 36.82 20.46
CA TYR A 474 -9.71 36.74 19.87
C TYR A 474 -10.02 37.89 18.88
N ASP A 475 -9.87 39.13 19.34
CA ASP A 475 -10.15 40.28 18.50
C ASP A 475 -9.21 40.30 17.29
N LEU A 476 -7.94 40.05 17.55
CA LEU A 476 -6.94 40.00 16.49
C LEU A 476 -7.34 38.92 15.45
N THR A 477 -7.89 37.81 15.96
CA THR A 477 -8.32 36.71 15.10
C THR A 477 -9.52 37.09 14.22
N LEU A 478 -10.53 37.76 14.78
CA LEU A 478 -11.68 38.19 13.98
C LEU A 478 -11.26 39.22 12.91
N ALA A 479 -10.28 40.07 13.24
CA ALA A 479 -9.79 41.08 12.31
C ALA A 479 -9.07 40.38 11.17
N ASN A 480 -8.18 39.47 11.55
CA ASN A 480 -7.37 38.71 10.58
C ASN A 480 -8.26 37.99 9.56
N TYR A 481 -9.41 37.48 10.01
CA TYR A 481 -10.37 36.80 9.13
C TYR A 481 -11.20 37.82 8.31
N GLY A 482 -11.12 39.09 8.69
CA GLY A 482 -11.84 40.13 7.98
C GLY A 482 -13.30 40.28 8.39
N LEU A 483 -13.61 40.03 9.65
CA LEU A 483 -14.98 40.16 10.11
C LEU A 483 -15.29 41.59 10.59
N GLU A 484 -16.23 42.23 9.91
CA GLU A 484 -16.69 43.58 10.25
C GLU A 484 -17.40 43.52 11.59
N ARG A 485 -16.93 44.31 12.54
CA ARG A 485 -17.54 44.32 13.86
C ARG A 485 -18.20 45.65 14.24
N GLY A 486 -18.46 46.48 13.24
CA GLY A 486 -19.12 47.75 13.49
C GLY A 486 -18.23 48.98 13.59
N LEU A 487 -16.92 48.81 13.47
CA LEU A 487 -16.00 49.93 13.54
C LEU A 487 -15.78 50.54 12.15
N ASN A 488 -16.51 50.02 11.17
CA ASN A 488 -16.40 50.47 9.77
C ASN A 488 -14.99 50.32 9.26
N ASP A 489 -14.56 49.08 9.25
CA ASP A 489 -13.24 48.68 8.79
C ASP A 489 -13.35 48.48 7.30
N VAL A 490 -12.63 49.27 6.56
CA VAL A 490 -12.64 49.18 5.11
C VAL A 490 -12.07 47.87 4.58
N ASN A 491 -11.21 47.22 5.37
CA ASN A 491 -10.66 45.96 4.90
C ASN A 491 -11.44 44.73 5.39
N CYS A 492 -12.56 44.99 6.07
CA CYS A 492 -13.43 43.93 6.56
C CYS A 492 -14.53 43.77 5.54
N ALA A 493 -15.06 42.56 5.45
CA ALA A 493 -16.08 42.20 4.47
C ALA A 493 -17.44 42.78 4.81
N THR A 494 -18.20 43.15 3.78
CA THR A 494 -19.55 43.65 4.00
C THR A 494 -20.51 42.51 3.67
N SER A 495 -19.99 41.47 3.02
CA SER A 495 -20.81 40.33 2.64
C SER A 495 -19.83 39.23 2.20
N TYR A 496 -20.34 38.01 2.08
CA TYR A 496 -19.48 36.92 1.66
C TYR A 496 -19.02 37.18 0.22
N ASP A 497 -19.72 38.06 -0.51
CA ASP A 497 -19.34 38.34 -1.91
C ASP A 497 -18.30 39.45 -2.04
N ASP A 498 -18.00 40.12 -0.92
CA ASP A 498 -17.02 41.19 -0.90
C ASP A 498 -15.61 40.58 -1.01
N VAL A 499 -14.87 40.95 -2.04
CA VAL A 499 -13.55 40.40 -2.16
C VAL A 499 -12.62 41.02 -1.15
N LYS A 500 -12.47 40.34 -0.04
CA LYS A 500 -11.62 40.82 1.01
C LYS A 500 -10.92 39.72 1.78
N ALA A 501 -10.00 40.23 2.56
CA ALA A 501 -9.17 39.52 3.49
C ALA A 501 -9.85 38.58 4.51
N TYR A 502 -10.53 37.57 4.19
CA TYR A 502 -10.57 36.30 3.58
C TYR A 502 -11.96 35.70 3.34
N THR A 503 -12.60 36.11 2.27
CA THR A 503 -14.01 35.72 2.13
C THR A 503 -14.24 34.58 1.18
N PRO A 504 -15.48 34.09 1.13
CA PRO A 504 -15.83 33.01 0.21
C PRO A 504 -15.57 33.52 -1.22
N ALA A 505 -15.92 34.79 -1.51
CA ALA A 505 -15.66 35.32 -2.85
C ALA A 505 -14.15 35.39 -3.06
N TRP A 506 -13.43 35.85 -2.06
CA TRP A 506 -11.98 35.92 -2.15
C TRP A 506 -11.39 34.52 -2.47
N ALA A 507 -11.79 33.51 -1.70
CA ALA A 507 -11.23 32.17 -1.88
C ALA A 507 -11.58 31.50 -3.19
N GLU A 508 -12.74 31.84 -3.74
CA GLU A 508 -13.16 31.29 -5.01
C GLU A 508 -12.16 31.70 -6.08
N GLN A 509 -11.60 32.89 -5.93
CA GLN A 509 -10.63 33.37 -6.93
C GLN A 509 -9.32 32.66 -6.81
N ILE A 510 -8.88 32.49 -5.56
CA ILE A 510 -7.63 31.84 -5.26
C ILE A 510 -7.65 30.35 -5.51
N THR A 511 -8.73 29.70 -5.08
CA THR A 511 -8.80 28.26 -5.19
C THR A 511 -9.58 27.70 -6.34
N GLY A 512 -10.53 28.46 -6.88
CA GLY A 512 -11.37 28.00 -7.97
C GLY A 512 -12.60 27.21 -7.45
N VAL A 513 -12.69 27.00 -6.14
CA VAL A 513 -13.88 26.32 -5.61
C VAL A 513 -14.97 27.35 -5.52
N SER A 514 -16.16 26.97 -5.99
CA SER A 514 -17.31 27.88 -5.96
C SER A 514 -17.60 28.40 -4.57
N ARG A 515 -17.75 29.69 -4.44
CA ARG A 515 -18.03 30.28 -3.12
C ARG A 515 -19.28 29.68 -2.44
N SER A 516 -20.27 29.26 -3.20
CA SER A 516 -21.46 28.72 -2.53
C SER A 516 -21.19 27.32 -1.93
N GLN A 517 -20.18 26.62 -2.44
CA GLN A 517 -19.84 25.33 -1.88
C GLN A 517 -19.13 25.62 -0.56
N ILE A 518 -18.21 26.58 -0.60
CA ILE A 518 -17.44 26.99 0.57
C ILE A 518 -18.39 27.35 1.68
N ILE A 519 -19.39 28.14 1.33
CA ILE A 519 -20.38 28.56 2.31
C ILE A 519 -21.27 27.44 2.84
N ARG A 520 -21.79 26.63 1.94
CA ARG A 520 -22.69 25.57 2.34
C ARG A 520 -22.04 24.53 3.26
N ILE A 521 -20.83 24.10 2.92
CA ILE A 521 -20.13 23.10 3.70
C ILE A 521 -19.63 23.70 5.01
N ALA A 522 -19.10 24.93 4.99
CA ALA A 522 -18.66 25.53 6.27
C ALA A 522 -19.87 25.52 7.20
N ARG A 523 -21.01 25.91 6.67
CA ARG A 523 -22.23 25.96 7.45
C ARG A 523 -22.67 24.58 7.98
N GLU A 524 -22.80 23.60 7.08
CA GLU A 524 -23.18 22.25 7.50
C GLU A 524 -22.26 21.68 8.58
N PHE A 525 -20.96 21.91 8.42
CA PHE A 525 -19.98 21.40 9.34
C PHE A 525 -20.10 22.04 10.71
N ALA A 526 -20.33 23.35 10.74
CA ALA A 526 -20.43 24.04 12.03
C ALA A 526 -21.78 23.68 12.68
N ASP A 527 -22.83 23.61 11.87
CA ASP A 527 -24.13 23.25 12.41
C ASP A 527 -24.07 21.84 13.01
N ASN A 528 -23.47 20.89 12.29
CA ASN A 528 -23.36 19.51 12.80
C ASN A 528 -22.62 19.54 14.12
N ALA A 529 -21.49 20.23 14.18
CA ALA A 529 -20.73 20.29 15.43
C ALA A 529 -21.50 20.95 16.59
N ASP A 530 -22.27 21.98 16.29
CA ASP A 530 -23.03 22.65 17.33
C ASP A 530 -24.05 21.65 17.90
N LYS A 531 -24.81 20.97 17.03
CA LYS A 531 -25.82 19.96 17.40
C LYS A 531 -25.32 18.75 18.15
N THR A 532 -24.10 18.31 17.84
CA THR A 532 -23.55 17.11 18.44
C THR A 532 -22.48 17.43 19.43
N HIS A 533 -22.26 18.70 19.68
CA HIS A 533 -21.20 19.07 20.61
C HIS A 533 -19.83 18.58 20.16
N GLY A 534 -19.48 18.92 18.93
CA GLY A 534 -18.17 18.61 18.43
C GLY A 534 -17.89 17.38 17.62
N ARG A 535 -18.91 16.73 17.08
CA ARG A 535 -18.63 15.51 16.32
C ARG A 535 -18.43 15.73 14.81
N SER A 536 -17.56 16.69 14.46
CA SER A 536 -17.21 16.97 13.06
C SER A 536 -15.72 16.72 13.03
N MET A 537 -15.23 16.09 11.97
CA MET A 537 -13.81 15.74 11.92
C MET A 537 -13.22 15.98 10.54
N ILE A 538 -11.93 16.23 10.52
CA ILE A 538 -11.24 16.40 9.28
C ILE A 538 -10.05 15.44 9.29
N ILE A 539 -10.01 14.59 8.28
CA ILE A 539 -8.96 13.61 8.14
C ILE A 539 -8.06 14.31 7.11
N VAL A 540 -6.79 14.47 7.43
CA VAL A 540 -5.91 15.20 6.55
C VAL A 540 -4.59 14.47 6.38
N GLY A 541 -4.00 14.59 5.19
CA GLY A 541 -2.75 13.90 4.94
C GLY A 541 -1.67 14.67 4.21
N ALA A 542 -0.75 13.94 3.59
CA ALA A 542 0.36 14.56 2.90
C ALA A 542 -0.02 15.40 1.70
N GLY A 543 -1.26 15.28 1.26
CA GLY A 543 -1.71 16.08 0.14
C GLY A 543 -1.62 17.55 0.55
N LEU A 544 -1.81 17.82 1.85
CA LEU A 544 -1.67 19.18 2.38
C LEU A 544 -0.35 19.33 3.11
N ASN A 545 0.06 18.31 3.87
CA ASN A 545 1.27 18.42 4.67
C ASN A 545 2.66 18.39 4.01
N HIS A 546 2.73 18.13 2.71
CA HIS A 546 4.04 18.10 2.08
C HIS A 546 4.35 19.37 1.25
N TRP A 547 3.58 20.44 1.48
CA TRP A 547 3.80 21.75 0.81
C TRP A 547 4.73 22.54 1.72
N TYR A 548 5.47 23.47 1.14
CA TYR A 548 6.38 24.28 1.95
C TYR A 548 5.62 25.03 3.06
N HIS A 549 4.39 25.44 2.76
CA HIS A 549 3.60 26.15 3.74
C HIS A 549 2.59 25.23 4.40
N LEU A 550 3.02 23.99 4.65
CA LEU A 550 2.14 23.02 5.33
C LEU A 550 1.50 23.66 6.59
N ASP A 551 2.23 24.50 7.33
CA ASP A 551 1.65 25.06 8.55
C ASP A 551 0.41 25.90 8.34
N MET A 552 0.33 26.60 7.22
CA MET A 552 -0.86 27.40 6.93
C MET A 552 -2.00 26.44 6.52
N ASN A 553 -1.73 25.41 5.71
CA ASN A 553 -2.83 24.52 5.39
C ASN A 553 -3.36 23.93 6.69
N TYR A 554 -2.46 23.52 7.57
CA TYR A 554 -2.89 22.91 8.83
C TYR A 554 -3.57 23.86 9.83
N ARG A 555 -2.98 25.03 10.04
CA ARG A 555 -3.65 25.91 10.99
C ARG A 555 -5.03 26.31 10.48
N GLY A 556 -5.24 26.30 9.17
CA GLY A 556 -6.54 26.64 8.64
C GLY A 556 -7.58 25.59 8.98
N LEU A 557 -7.22 24.31 8.78
CA LEU A 557 -8.11 23.20 9.10
C LEU A 557 -8.28 23.16 10.62
N ILE A 558 -7.17 23.35 11.33
CA ILE A 558 -7.21 23.32 12.80
C ILE A 558 -8.08 24.39 13.42
N ASN A 559 -8.05 25.61 12.86
CA ASN A 559 -8.91 26.68 13.39
C ASN A 559 -10.40 26.34 13.21
N MET A 560 -10.74 25.76 12.06
CA MET A 560 -12.12 25.34 11.79
C MET A 560 -12.59 24.41 12.93
N LEU A 561 -11.76 23.41 13.26
CA LEU A 561 -12.09 22.45 14.33
C LEU A 561 -12.18 23.11 15.70
N ILE A 562 -11.28 24.02 15.98
CA ILE A 562 -11.29 24.75 17.25
C ILE A 562 -12.51 25.61 17.41
N PHE A 563 -12.82 26.40 16.39
CA PHE A 563 -13.98 27.27 16.46
C PHE A 563 -15.26 26.47 16.63
N CYS A 564 -15.25 25.17 16.33
CA CYS A 564 -16.48 24.39 16.45
C CYS A 564 -16.39 23.41 17.63
N GLY A 565 -15.40 23.63 18.48
CA GLY A 565 -15.25 22.77 19.67
C GLY A 565 -15.14 21.28 19.38
N CYS A 566 -14.44 20.91 18.31
CA CYS A 566 -14.28 19.51 17.92
C CYS A 566 -13.04 18.79 18.43
N VAL A 567 -11.99 19.54 18.77
CA VAL A 567 -10.80 18.91 19.29
C VAL A 567 -11.04 18.45 20.73
N GLY A 568 -10.81 17.15 21.00
CA GLY A 568 -11.05 16.64 22.34
C GLY A 568 -12.39 15.96 22.56
N GLN A 569 -13.25 15.87 21.55
CA GLN A 569 -14.53 15.19 21.69
C GLN A 569 -14.52 13.96 20.76
N SER A 570 -14.91 12.80 21.30
CA SER A 570 -14.96 11.60 20.48
C SER A 570 -15.82 11.89 19.25
N GLY A 571 -15.35 11.50 18.07
CA GLY A 571 -16.09 11.75 16.85
C GLY A 571 -15.73 13.10 16.21
N GLY A 572 -14.83 13.84 16.87
CA GLY A 572 -14.47 15.15 16.34
C GLY A 572 -12.98 15.42 16.35
N GLY A 573 -12.55 16.45 15.61
CA GLY A 573 -11.14 16.80 15.66
C GLY A 573 -10.27 16.70 14.43
N TRP A 574 -8.99 16.96 14.68
CA TRP A 574 -7.92 16.94 13.70
C TRP A 574 -7.37 15.49 13.58
N ALA A 575 -7.63 14.82 12.46
CA ALA A 575 -7.16 13.44 12.28
C ALA A 575 -6.09 13.37 11.18
N HIS A 576 -4.87 13.62 11.59
CA HIS A 576 -3.71 13.63 10.74
C HIS A 576 -3.12 12.21 10.65
N TYR A 577 -3.06 11.64 9.45
CA TYR A 577 -2.46 10.32 9.27
C TYR A 577 -1.46 10.41 8.13
N VAL A 578 -0.23 10.02 8.42
CA VAL A 578 0.86 10.05 7.47
C VAL A 578 1.60 8.72 7.66
N GLY A 579 2.78 8.76 8.27
CA GLY A 579 3.55 7.56 8.54
C GLY A 579 3.16 6.98 9.89
N GLN A 580 3.65 5.78 10.19
CA GLN A 580 3.30 5.09 11.44
C GLN A 580 4.06 5.64 12.66
N GLU A 581 3.77 6.88 13.04
CA GLU A 581 4.53 7.49 14.12
C GLU A 581 4.27 7.05 15.56
N LYS A 582 3.12 6.44 15.83
CA LYS A 582 2.81 6.08 17.19
C LYS A 582 3.30 4.75 17.75
N LEU A 583 4.47 4.82 18.37
CA LEU A 583 5.06 3.71 19.06
C LEU A 583 4.39 3.95 20.44
N ARG A 584 3.35 3.19 20.71
CA ARG A 584 2.60 3.41 21.93
C ARG A 584 3.35 3.30 23.29
N PRO A 585 4.11 2.20 23.53
CA PRO A 585 4.86 1.99 24.78
C PRO A 585 6.18 2.78 24.74
N GLN A 586 6.04 4.07 24.49
CA GLN A 586 7.20 4.95 24.29
C GLN A 586 8.34 4.94 25.32
N THR A 587 7.99 5.18 26.59
CA THR A 587 9.00 5.25 27.64
C THR A 587 9.55 3.90 28.00
N GLY A 588 9.00 2.85 27.40
CA GLY A 588 9.55 1.53 27.68
C GLY A 588 10.57 1.27 26.60
N TRP A 589 10.31 1.81 25.42
CA TRP A 589 11.19 1.62 24.27
C TRP A 589 12.39 2.60 24.20
N GLN A 590 12.18 3.84 24.62
CA GLN A 590 13.27 4.83 24.55
C GLN A 590 14.57 4.44 25.27
N PRO A 591 14.45 3.89 26.48
CA PRO A 591 15.73 3.53 27.11
C PRO A 591 16.48 2.42 26.35
N LEU A 592 15.74 1.45 25.84
CA LEU A 592 16.36 0.39 25.08
C LEU A 592 17.00 0.93 23.81
N ALA A 593 16.25 1.69 23.04
CA ALA A 593 16.80 2.20 21.78
C ALA A 593 17.99 3.14 21.90
N PHE A 594 17.96 4.02 22.87
CA PHE A 594 19.07 4.94 22.97
C PHE A 594 19.99 4.70 24.18
N ALA A 595 19.99 3.48 24.70
CA ALA A 595 20.89 3.09 25.81
C ALA A 595 20.84 4.03 27.01
N LEU A 596 19.65 4.51 27.33
CA LEU A 596 19.50 5.42 28.47
C LEU A 596 19.51 4.66 29.79
N ASP A 597 19.55 3.33 29.69
CA ASP A 597 19.63 2.49 30.88
C ASP A 597 21.11 2.48 31.33
N TRP A 598 21.99 2.87 30.40
CA TRP A 598 23.43 2.92 30.66
C TRP A 598 24.08 4.30 30.67
N GLN A 599 23.71 5.16 29.73
CA GLN A 599 24.35 6.49 29.61
C GLN A 599 23.33 7.47 29.13
N ARG A 600 23.44 8.70 29.62
CA ARG A 600 22.52 9.79 29.30
C ARG A 600 23.34 11.10 29.14
N PRO A 601 23.12 11.89 28.05
CA PRO A 601 22.18 11.68 26.96
C PRO A 601 22.80 11.00 25.75
N ALA A 602 21.95 10.73 24.77
CA ALA A 602 22.39 10.15 23.50
C ALA A 602 22.59 11.33 22.54
N ARG A 603 22.91 11.06 21.27
CA ARG A 603 23.12 12.10 20.26
C ARG A 603 22.08 12.10 19.12
N HIS A 604 20.92 12.68 19.43
CA HIS A 604 19.84 12.79 18.45
C HIS A 604 20.12 13.98 17.53
N MET A 605 19.77 13.85 16.25
CA MET A 605 19.97 14.89 15.25
C MET A 605 18.74 15.00 14.36
N ASN A 606 18.37 16.23 13.97
CA ASN A 606 17.23 16.42 13.09
C ASN A 606 17.75 16.32 11.65
N SER A 607 17.33 15.26 10.94
CA SER A 607 17.82 14.95 9.60
C SER A 607 17.71 15.96 8.44
N THR A 608 16.66 16.77 8.40
CA THR A 608 16.55 17.74 7.29
C THR A 608 17.76 18.71 7.32
N SER A 609 18.07 19.28 8.48
CA SER A 609 19.24 20.16 8.57
C SER A 609 20.50 19.34 8.28
N TYR A 610 20.54 18.11 8.79
CA TYR A 610 21.71 17.25 8.57
C TYR A 610 22.02 16.98 7.11
N PHE A 611 21.02 16.65 6.30
CA PHE A 611 21.31 16.40 4.90
C PHE A 611 21.44 17.69 4.08
N TYR A 612 20.75 18.74 4.51
CA TYR A 612 20.86 20.02 3.80
C TYR A 612 22.33 20.44 3.87
N ASN A 613 22.90 20.24 5.07
CA ASN A 613 24.29 20.55 5.35
C ASN A 613 25.28 19.61 4.68
N HIS A 614 25.28 18.33 5.06
CA HIS A 614 26.25 17.40 4.51
C HIS A 614 26.10 16.96 3.06
N SER A 615 24.90 16.94 2.49
CA SER A 615 24.85 16.57 1.05
C SER A 615 24.96 17.89 0.26
N SER A 616 25.29 18.98 0.98
CA SER A 616 25.53 20.31 0.42
C SER A 616 24.45 20.90 -0.45
N GLN A 617 23.19 20.58 -0.13
CA GLN A 617 22.10 21.11 -0.90
C GLN A 617 21.98 22.65 -0.70
N TRP A 618 22.55 23.17 0.39
CA TRP A 618 22.54 24.62 0.64
C TRP A 618 23.42 25.34 -0.43
N ARG A 619 24.40 24.63 -0.98
CA ARG A 619 25.25 25.27 -2.00
C ARG A 619 24.48 25.59 -3.28
N TYR A 620 23.22 25.19 -3.33
CA TYR A 620 22.38 25.45 -4.46
C TYR A 620 21.08 26.14 -4.07
N GLU A 621 21.00 26.72 -2.86
CA GLU A 621 19.73 27.34 -2.43
C GLU A 621 19.28 28.51 -3.33
N THR A 622 17.99 28.55 -3.67
CA THR A 622 17.44 29.61 -4.52
C THR A 622 16.41 30.39 -3.72
N VAL A 623 16.05 29.90 -2.54
CA VAL A 623 15.03 30.59 -1.76
C VAL A 623 15.77 31.39 -0.70
N THR A 624 15.33 32.62 -0.46
CA THR A 624 16.01 33.44 0.52
C THR A 624 15.10 33.72 1.68
N ALA A 625 15.68 33.92 2.86
CA ALA A 625 14.89 34.23 4.02
C ALA A 625 14.18 35.53 3.79
N GLU A 626 14.89 36.46 3.17
CA GLU A 626 14.36 37.79 2.92
C GLU A 626 12.98 37.76 2.26
N GLU A 627 12.82 36.88 1.28
CA GLU A 627 11.54 36.81 0.61
C GLU A 627 10.40 36.15 1.41
N LEU A 628 10.66 35.72 2.63
CA LEU A 628 9.64 35.08 3.46
C LEU A 628 9.26 35.96 4.65
N LEU A 629 10.00 37.02 4.89
CA LEU A 629 9.67 37.90 6.04
C LEU A 629 8.34 38.64 5.95
N SER A 630 7.77 38.95 7.10
CA SER A 630 6.54 39.78 7.16
C SER A 630 6.94 41.12 6.55
N PRO A 631 6.02 41.78 5.84
CA PRO A 631 6.42 43.05 5.28
C PRO A 631 6.64 44.01 6.44
N MET A 632 6.18 43.61 7.63
CA MET A 632 6.37 44.46 8.80
C MET A 632 7.60 44.19 9.64
N ALA A 633 8.52 43.38 9.13
CA ALA A 633 9.74 43.06 9.89
C ALA A 633 10.95 43.88 9.44
N ASP A 634 11.89 44.10 10.35
CA ASP A 634 13.12 44.82 10.02
C ASP A 634 14.05 43.90 9.19
N LYS A 635 13.97 43.99 7.87
CA LYS A 635 14.78 43.15 6.99
C LYS A 635 16.24 43.04 7.36
N SER A 636 16.78 44.11 7.95
CA SER A 636 18.19 44.17 8.28
C SER A 636 18.55 43.24 9.42
N ARG A 637 17.59 42.88 10.25
CA ARG A 637 17.89 41.98 11.35
C ARG A 637 17.75 40.49 10.96
N TYR A 638 17.59 40.23 9.66
CA TYR A 638 17.43 38.86 9.18
C TYR A 638 18.16 38.61 7.88
N THR A 639 19.45 38.92 7.85
CA THR A 639 20.21 38.69 6.65
C THR A 639 20.91 37.37 6.78
N GLY A 640 21.32 36.83 5.64
CA GLY A 640 22.02 35.55 5.63
C GLY A 640 21.31 34.48 4.80
N HIS A 641 22.03 33.42 4.52
CA HIS A 641 21.55 32.27 3.76
C HIS A 641 20.64 31.47 4.72
N LEU A 642 19.72 30.67 4.18
CA LEU A 642 18.87 29.89 5.09
C LEU A 642 19.76 29.03 6.00
N ILE A 643 20.89 28.53 5.50
CA ILE A 643 21.75 27.73 6.35
C ILE A 643 22.32 28.56 7.52
N ASP A 644 22.45 29.88 7.36
CA ASP A 644 22.97 30.71 8.48
C ASP A 644 21.99 30.71 9.63
N PHE A 645 20.71 30.68 9.30
CA PHE A 645 19.73 30.67 10.37
C PHE A 645 19.80 29.35 11.17
N ASN A 646 20.22 28.28 10.48
CA ASN A 646 20.30 26.97 11.15
C ASN A 646 21.49 26.98 12.09
N VAL A 647 22.63 27.45 11.61
CA VAL A 647 23.82 27.53 12.44
C VAL A 647 23.57 28.34 13.70
N ARG A 648 22.81 29.44 13.58
CA ARG A 648 22.51 30.30 14.73
C ARG A 648 21.59 29.56 15.69
N ALA A 649 20.61 28.87 15.11
CA ALA A 649 19.67 28.09 15.90
C ALA A 649 20.47 27.07 16.70
N GLU A 650 21.41 26.40 16.04
CA GLU A 650 22.25 25.43 16.72
C GLU A 650 23.05 26.02 17.91
N ARG A 651 23.84 27.06 17.67
CA ARG A 651 24.64 27.63 18.77
C ARG A 651 23.78 28.22 19.90
N MET A 652 22.49 28.48 19.63
CA MET A 652 21.59 28.99 20.69
C MET A 652 20.85 27.86 21.44
N GLY A 653 21.19 26.62 21.11
CA GLY A 653 20.57 25.48 21.76
C GLY A 653 19.15 25.19 21.32
N TRP A 654 18.78 25.70 20.15
CA TRP A 654 17.44 25.49 19.63
C TRP A 654 17.27 24.15 18.94
N LEU A 655 18.25 23.80 18.10
CA LEU A 655 18.31 22.57 17.30
C LEU A 655 19.61 21.83 17.59
N PRO A 656 19.62 20.50 17.39
CA PRO A 656 20.84 19.73 17.64
C PRO A 656 21.86 19.92 16.51
N SER A 657 23.08 19.42 16.71
CA SER A 657 24.14 19.51 15.71
C SER A 657 24.78 18.15 15.43
N ALA A 658 25.34 17.95 14.25
CA ALA A 658 26.04 16.70 13.98
C ALA A 658 26.86 16.68 12.71
N PRO A 659 28.19 16.54 12.84
CA PRO A 659 29.01 16.44 14.04
C PRO A 659 28.76 17.70 14.89
N GLN A 660 29.03 17.61 16.17
CA GLN A 660 28.73 18.70 17.06
C GLN A 660 29.75 19.83 17.10
N LEU A 661 30.99 19.50 17.49
CA LEU A 661 32.07 20.47 17.57
C LEU A 661 33.11 20.15 16.54
N GLY A 662 33.92 21.16 16.20
CA GLY A 662 34.97 21.02 15.21
C GLY A 662 36.20 20.28 15.71
N THR A 663 36.15 19.82 16.95
CA THR A 663 37.27 19.10 17.50
C THR A 663 36.72 17.77 18.07
N ASN A 664 37.51 16.70 18.03
CA ASN A 664 37.09 15.39 18.51
C ASN A 664 36.63 15.54 19.94
N PRO A 665 35.34 15.37 20.20
CA PRO A 665 34.88 15.55 21.59
C PRO A 665 35.39 14.56 22.64
N LEU A 666 36.18 13.57 22.23
CA LEU A 666 36.75 12.62 23.21
C LEU A 666 38.06 13.24 23.76
N THR A 667 38.54 14.31 23.10
CA THR A 667 39.78 14.96 23.51
C THR A 667 39.63 16.21 24.39
N ILE A 668 38.43 16.76 24.50
CA ILE A 668 38.18 17.98 25.28
C ILE A 668 38.52 17.87 26.74
N ALA A 669 38.10 16.76 27.36
CA ALA A 669 38.33 16.55 28.79
C ALA A 669 39.82 16.57 29.12
N GLY A 670 40.62 15.94 28.27
CA GLY A 670 42.04 15.90 28.46
C GLY A 670 42.62 17.31 28.48
N GLU A 671 42.14 18.15 27.57
CA GLU A 671 42.61 19.51 27.50
C GLU A 671 42.14 20.35 28.69
N ALA A 672 40.91 20.13 29.14
CA ALA A 672 40.39 20.87 30.28
C ALA A 672 41.24 20.59 31.52
N GLU A 673 41.68 19.34 31.65
CA GLU A 673 42.52 18.91 32.77
C GLU A 673 43.83 19.69 32.82
N LYS A 674 44.53 19.70 31.68
CA LYS A 674 45.79 20.42 31.56
C LYS A 674 45.59 21.89 31.85
N ALA A 675 44.47 22.47 31.41
CA ALA A 675 44.25 23.90 31.66
C ALA A 675 43.75 24.18 33.08
N GLY A 676 43.53 23.13 33.86
CA GLY A 676 43.08 23.33 35.22
C GLY A 676 41.61 23.64 35.41
N MET A 677 40.78 23.28 34.42
CA MET A 677 39.35 23.52 34.55
C MET A 677 38.52 22.29 34.25
N ASN A 678 37.30 22.25 34.78
CA ASN A 678 36.44 21.12 34.49
C ASN A 678 35.98 21.27 33.05
N PRO A 679 35.76 20.14 32.36
CA PRO A 679 35.33 20.12 30.96
C PRO A 679 34.23 21.08 30.55
N VAL A 680 33.12 21.13 31.28
CA VAL A 680 32.06 22.05 30.90
C VAL A 680 32.62 23.49 30.75
N ASP A 681 33.22 24.00 31.83
CA ASP A 681 33.78 25.34 31.81
C ASP A 681 34.84 25.57 30.74
N TYR A 682 35.70 24.58 30.53
CA TYR A 682 36.72 24.73 29.53
C TYR A 682 36.12 24.83 28.13
N THR A 683 34.99 24.13 27.94
CA THR A 683 34.31 24.11 26.66
C THR A 683 33.64 25.46 26.40
N VAL A 684 32.96 26.00 27.41
CA VAL A 684 32.29 27.28 27.27
C VAL A 684 33.25 28.42 26.98
N LYS A 685 34.40 28.39 27.64
CA LYS A 685 35.42 29.40 27.48
C LYS A 685 36.00 29.26 26.08
N SER A 686 36.28 28.04 25.68
CA SER A 686 36.83 27.82 24.35
C SER A 686 35.82 28.29 23.28
N LEU A 687 34.54 28.07 23.54
CA LEU A 687 33.49 28.48 22.61
C LEU A 687 33.39 30.01 22.54
N LYS A 688 33.45 30.67 23.69
CA LYS A 688 33.41 32.14 23.70
C LYS A 688 34.62 32.68 22.97
N GLU A 689 35.78 32.07 23.19
CA GLU A 689 37.02 32.48 22.55
C GLU A 689 37.22 32.07 21.13
N GLY A 690 36.60 30.98 20.71
CA GLY A 690 36.73 30.56 19.34
C GLY A 690 37.82 29.55 19.12
N SER A 691 38.36 29.04 20.21
CA SER A 691 39.40 28.04 20.10
C SER A 691 38.69 26.70 19.78
N ILE A 692 37.41 26.58 20.19
CA ILE A 692 36.54 25.43 19.89
C ILE A 692 35.38 26.07 19.15
N ARG A 693 34.95 25.47 18.04
CA ARG A 693 33.84 25.99 17.24
C ARG A 693 32.79 24.92 16.95
N PHE A 694 31.56 25.34 16.70
CA PHE A 694 30.49 24.43 16.31
C PHE A 694 30.89 23.98 14.90
N ALA A 695 30.81 22.67 14.65
CA ALA A 695 31.22 22.09 13.36
C ALA A 695 30.40 22.62 12.17
N ALA A 696 29.18 23.04 12.43
CA ALA A 696 28.30 23.57 11.39
C ALA A 696 28.92 24.78 10.67
N GLU A 697 29.79 25.52 11.36
CA GLU A 697 30.44 26.70 10.76
C GLU A 697 31.40 26.34 9.64
N GLN A 698 32.01 25.16 9.71
CA GLN A 698 32.96 24.74 8.70
C GLN A 698 32.75 23.28 8.26
N PRO A 699 31.58 23.01 7.65
CA PRO A 699 31.22 21.67 7.19
C PRO A 699 32.11 21.01 6.18
N GLU A 700 33.02 21.74 5.53
CA GLU A 700 33.85 21.15 4.46
C GLU A 700 35.35 21.10 4.73
N ASN A 701 35.75 21.44 5.95
CA ASN A 701 37.17 21.50 6.32
C ASN A 701 37.85 20.15 6.46
N GLY A 702 37.13 19.05 6.21
CA GLY A 702 37.76 17.73 6.28
C GLY A 702 37.61 16.97 7.59
N LYS A 703 37.10 17.61 8.61
CA LYS A 703 36.95 16.93 9.89
C LYS A 703 35.54 17.05 10.43
N ASN A 704 34.70 17.82 9.73
CA ASN A 704 33.35 18.08 10.25
C ASN A 704 32.20 17.42 9.51
N HIS A 705 32.51 16.42 8.70
CA HIS A 705 31.48 15.66 8.00
C HIS A 705 31.36 14.20 8.53
N PRO A 706 30.17 13.60 8.37
CA PRO A 706 30.04 12.21 8.84
C PRO A 706 30.91 11.30 7.93
N ARG A 707 31.46 10.22 8.48
CA ARG A 707 32.32 9.35 7.71
C ARG A 707 31.81 7.90 7.56
N ASN A 708 31.06 7.43 8.54
CA ASN A 708 30.50 6.08 8.49
C ASN A 708 29.01 6.23 8.65
N LEU A 709 28.27 5.59 7.74
CA LEU A 709 26.81 5.66 7.83
C LEU A 709 26.19 4.27 7.73
N PHE A 710 25.37 3.99 8.75
CA PHE A 710 24.58 2.74 8.83
C PHE A 710 23.16 3.07 8.37
N ILE A 711 22.63 2.26 7.45
CA ILE A 711 21.26 2.46 6.93
C ILE A 711 20.50 1.11 7.09
N TRP A 712 19.35 1.13 7.76
CA TRP A 712 18.59 -0.12 7.92
C TRP A 712 17.11 0.22 8.12
N ARG A 713 16.24 -0.58 7.48
CA ARG A 713 14.78 -0.37 7.54
C ARG A 713 14.51 0.94 6.78
N SER A 714 15.38 1.23 5.82
CA SER A 714 15.34 2.48 5.05
C SER A 714 15.89 2.33 3.65
N ASN A 715 15.32 3.09 2.72
CA ASN A 715 15.87 3.05 1.36
C ASN A 715 16.21 4.53 1.03
N LEU A 716 16.84 5.23 2.00
CA LEU A 716 17.24 6.62 1.89
C LEU A 716 17.69 7.06 0.49
N LEU A 717 18.47 6.24 -0.21
CA LEU A 717 18.89 6.58 -1.56
C LEU A 717 18.01 6.04 -2.70
N GLY A 718 16.70 6.03 -2.55
CA GLY A 718 15.88 5.53 -3.62
C GLY A 718 14.47 5.82 -3.21
N SER A 719 14.32 6.35 -2.03
CA SER A 719 12.97 6.63 -1.64
C SER A 719 12.90 7.97 -0.99
N SER A 720 13.24 8.02 0.29
CA SER A 720 13.11 9.25 1.02
C SER A 720 14.06 10.39 0.77
N GLY A 721 15.26 10.10 0.29
CA GLY A 721 16.23 11.15 0.13
C GLY A 721 15.97 12.26 -0.86
N LYS A 722 15.38 13.37 -0.40
CA LYS A 722 15.14 14.52 -1.29
C LYS A 722 16.51 14.97 -1.81
N GLY A 723 16.60 15.45 -3.05
CA GLY A 723 17.90 15.85 -3.54
C GLY A 723 18.81 14.67 -3.80
N HIS A 724 18.24 13.61 -4.40
CA HIS A 724 18.98 12.38 -4.71
C HIS A 724 20.33 12.64 -5.39
N GLU A 725 20.36 13.48 -6.42
CA GLU A 725 21.65 13.68 -7.12
C GLU A 725 22.70 14.38 -6.24
N PHE A 726 22.29 15.22 -5.31
CA PHE A 726 23.21 15.87 -4.39
C PHE A 726 23.79 14.84 -3.42
N MET A 727 22.99 13.85 -3.03
CA MET A 727 23.49 12.83 -2.13
C MET A 727 24.54 12.00 -2.83
N LEU A 728 24.30 11.68 -4.10
CA LEU A 728 25.27 10.91 -4.86
C LEU A 728 26.58 11.65 -5.03
N LYS A 729 26.50 12.93 -5.36
CA LYS A 729 27.72 13.72 -5.57
C LYS A 729 28.52 14.00 -4.29
N TYR A 730 27.85 14.55 -3.30
CA TYR A 730 28.51 14.97 -2.07
C TYR A 730 28.71 13.93 -0.95
N LEU A 731 27.76 13.03 -0.76
CA LEU A 731 27.93 12.00 0.28
C LEU A 731 28.65 10.81 -0.30
N LEU A 732 28.26 10.38 -1.49
CA LEU A 732 28.87 9.22 -2.14
C LEU A 732 30.16 9.42 -2.99
N GLY A 733 30.27 10.55 -3.70
CA GLY A 733 31.44 10.76 -4.54
C GLY A 733 31.28 10.02 -5.86
N THR A 734 30.05 9.84 -6.34
CA THR A 734 29.87 9.15 -7.61
C THR A 734 29.36 10.12 -8.68
N GLU A 735 29.26 9.62 -9.92
CA GLU A 735 28.67 10.43 -10.99
C GLU A 735 27.28 10.90 -10.52
N HIS A 736 26.78 12.02 -11.01
CA HIS A 736 25.48 12.47 -10.55
C HIS A 736 24.81 13.19 -11.70
N GLY A 737 23.55 13.54 -11.54
CA GLY A 737 22.88 14.21 -12.62
C GLY A 737 22.41 15.60 -12.32
N ILE A 738 23.05 16.30 -11.38
CA ILE A 738 22.64 17.67 -11.11
C ILE A 738 22.84 18.48 -12.42
N GLN A 739 21.85 19.30 -12.80
CA GLN A 739 21.91 20.08 -14.03
C GLN A 739 22.29 21.55 -13.82
N GLY A 740 21.96 22.12 -12.66
CA GLY A 740 22.26 23.52 -12.41
C GLY A 740 23.63 23.89 -11.82
N LYS A 741 23.89 25.19 -11.73
CA LYS A 741 25.15 25.70 -11.15
C LYS A 741 24.95 26.04 -9.71
N ASP A 742 26.00 25.94 -8.90
CA ASP A 742 25.86 26.30 -7.49
C ASP A 742 26.02 27.83 -7.24
N LEU A 743 25.77 28.28 -6.01
CA LEU A 743 25.88 29.68 -5.59
C LEU A 743 27.16 30.31 -6.16
N GLY A 744 28.28 29.60 -5.99
CA GLY A 744 29.57 30.06 -6.45
C GLY A 744 29.70 30.28 -7.93
N GLN A 745 29.24 29.31 -8.72
CA GLN A 745 29.28 29.40 -10.19
C GLN A 745 28.33 30.47 -10.74
N GLN A 746 27.35 30.86 -9.93
CA GLN A 746 26.44 31.90 -10.36
C GLN A 746 26.84 33.23 -9.71
N GLY A 747 27.97 33.23 -9.00
CA GLY A 747 28.43 34.43 -8.34
C GLY A 747 27.45 35.00 -7.34
N GLY A 748 26.64 34.15 -6.72
CA GLY A 748 25.68 34.65 -5.75
C GLY A 748 26.29 35.01 -4.39
N VAL A 749 25.40 35.37 -3.46
CA VAL A 749 25.80 35.75 -2.11
C VAL A 749 26.15 34.52 -1.25
N LYS A 750 27.36 34.52 -0.71
CA LYS A 750 27.83 33.44 0.16
C LYS A 750 27.22 33.61 1.57
N PRO A 751 27.11 32.52 2.35
CA PRO A 751 26.53 32.66 3.68
C PRO A 751 27.37 33.49 4.65
N GLU A 752 26.78 34.01 5.70
CA GLU A 752 27.59 34.77 6.64
C GLU A 752 28.08 33.97 7.85
N GLU A 753 27.60 32.73 8.05
CA GLU A 753 28.01 31.93 9.21
C GLU A 753 28.80 30.68 8.88
N VAL A 754 28.92 30.37 7.59
CA VAL A 754 29.51 29.15 7.11
C VAL A 754 30.58 29.41 6.07
N ASP A 755 31.74 28.78 6.17
CA ASP A 755 32.80 29.01 5.19
C ASP A 755 32.33 28.64 3.77
N TRP A 756 32.89 29.30 2.77
CA TRP A 756 32.56 28.99 1.40
C TRP A 756 33.77 28.48 0.65
N GLN A 757 33.58 27.53 -0.26
CA GLN A 757 34.70 27.09 -1.08
C GLN A 757 34.06 26.76 -2.43
N ASP A 758 34.74 27.10 -3.52
CA ASP A 758 34.19 26.92 -4.84
C ASP A 758 34.11 25.49 -5.29
N ASN A 759 35.02 24.66 -4.82
CA ASN A 759 35.02 23.25 -5.18
C ASN A 759 34.61 22.54 -3.91
N GLY A 760 33.34 22.19 -3.82
CA GLY A 760 32.82 21.56 -2.63
C GLY A 760 33.38 20.17 -2.38
N LEU A 761 33.55 19.85 -1.10
CA LEU A 761 34.05 18.52 -0.73
C LEU A 761 33.07 17.42 -1.20
N GLU A 762 33.59 16.42 -1.91
CA GLU A 762 32.77 15.30 -2.40
C GLU A 762 33.16 13.97 -1.73
N GLY A 763 32.35 12.91 -1.96
CA GLY A 763 32.58 11.59 -1.36
C GLY A 763 32.90 11.62 0.14
N LYS A 764 32.13 12.37 0.91
CA LYS A 764 32.38 12.46 2.34
C LYS A 764 32.28 11.13 3.09
N LEU A 765 31.32 10.30 2.73
CA LEU A 765 31.19 9.04 3.49
C LEU A 765 32.27 8.05 3.14
N ASP A 766 33.00 7.61 4.16
CA ASP A 766 34.09 6.61 4.00
C ASP A 766 33.53 5.16 3.88
N LEU A 767 32.39 4.91 4.53
CA LEU A 767 31.79 3.58 4.54
C LEU A 767 30.28 3.70 4.68
N VAL A 768 29.57 3.11 3.72
CA VAL A 768 28.10 3.07 3.73
C VAL A 768 27.74 1.59 3.91
N VAL A 769 27.03 1.25 4.99
CA VAL A 769 26.67 -0.13 5.28
C VAL A 769 25.15 -0.20 5.32
N THR A 770 24.58 -1.07 4.49
CA THR A 770 23.13 -1.19 4.45
C THR A 770 22.63 -2.61 4.77
N LEU A 771 21.65 -2.69 5.67
CA LEU A 771 21.02 -3.96 6.07
C LEU A 771 19.66 -4.04 5.35
N ASP A 772 19.42 -5.11 4.57
CA ASP A 772 18.13 -5.27 3.91
C ASP A 772 17.90 -6.76 3.57
N PHE A 773 16.69 -7.09 3.13
CA PHE A 773 16.39 -8.46 2.72
C PHE A 773 16.28 -8.53 1.20
N ARG A 774 16.22 -7.36 0.53
CA ARG A 774 16.12 -7.29 -0.93
C ARG A 774 17.19 -6.29 -1.39
N LEU A 775 17.74 -6.46 -2.59
CA LEU A 775 18.77 -5.53 -3.06
C LEU A 775 18.06 -4.26 -3.53
N SER A 776 17.99 -3.26 -2.65
CA SER A 776 17.32 -2.00 -2.95
C SER A 776 18.25 -1.02 -3.66
N SER A 777 17.72 0.14 -3.99
CA SER A 777 18.50 1.17 -4.62
C SER A 777 19.61 1.61 -3.68
N THR A 778 19.32 1.64 -2.38
CA THR A 778 20.33 2.05 -1.44
C THR A 778 21.43 0.97 -1.37
N CYS A 779 21.04 -0.32 -1.31
CA CYS A 779 22.07 -1.37 -1.33
C CYS A 779 22.98 -1.27 -2.56
N LEU A 780 22.38 -0.98 -3.70
CA LEU A 780 23.12 -0.91 -4.94
C LEU A 780 24.26 0.13 -4.93
N TYR A 781 24.12 1.15 -4.08
CA TYR A 781 25.12 2.24 -3.95
C TYR A 781 25.93 2.15 -2.68
N SER A 782 25.83 1.04 -1.95
CA SER A 782 26.55 0.94 -0.69
C SER A 782 27.91 0.25 -0.88
N ASP A 783 28.69 0.21 0.19
CA ASP A 783 29.99 -0.48 0.15
C ASP A 783 29.81 -1.95 0.67
N ILE A 784 28.94 -2.12 1.65
CA ILE A 784 28.70 -3.42 2.27
C ILE A 784 27.19 -3.57 2.43
N ILE A 785 26.67 -4.74 2.03
CA ILE A 785 25.23 -5.07 2.14
C ILE A 785 25.20 -6.28 3.07
N LEU A 786 24.39 -6.20 4.12
CA LEU A 786 24.27 -7.28 5.12
C LEU A 786 22.88 -7.86 4.94
N PRO A 787 22.76 -9.19 4.72
CA PRO A 787 21.45 -9.81 4.52
C PRO A 787 20.65 -9.86 5.85
N THR A 788 19.48 -9.25 5.84
CA THR A 788 18.70 -9.25 7.08
C THR A 788 17.48 -10.18 6.96
N ALA A 789 16.98 -10.61 8.11
CA ALA A 789 15.78 -11.45 8.19
C ALA A 789 14.55 -10.67 7.76
N THR A 790 13.68 -11.33 7.00
CA THR A 790 12.41 -10.72 6.60
C THR A 790 11.52 -10.71 7.83
N TRP A 791 10.38 -10.03 7.71
CA TRP A 791 9.43 -9.93 8.79
C TRP A 791 8.79 -11.25 9.20
N TYR A 792 8.88 -12.25 8.34
CA TYR A 792 8.37 -13.57 8.62
C TYR A 792 9.49 -14.49 9.19
N GLU A 793 10.65 -13.92 9.46
CA GLU A 793 11.74 -14.70 9.98
C GLU A 793 12.33 -14.12 11.31
N LYS A 794 11.61 -13.26 12.03
CA LYS A 794 12.19 -12.73 13.30
C LYS A 794 11.13 -12.28 14.24
N ASP A 795 11.46 -12.15 15.52
CA ASP A 795 10.47 -11.72 16.51
C ASP A 795 10.66 -10.24 16.77
N ASP A 796 9.56 -9.53 16.97
CA ASP A 796 9.58 -8.09 17.24
C ASP A 796 8.18 -7.66 17.55
N MET A 797 7.98 -6.36 17.76
CA MET A 797 6.64 -5.85 18.07
C MET A 797 6.29 -4.62 17.21
N ASN A 798 4.98 -4.39 17.04
CA ASN A 798 4.47 -3.34 16.19
C ASN A 798 3.22 -2.68 16.78
N THR A 799 3.13 -1.34 16.69
CA THR A 799 1.91 -0.61 17.12
C THR A 799 1.63 0.48 16.09
N SER A 800 0.48 1.08 16.17
CA SER A 800 0.11 2.13 15.23
C SER A 800 -0.87 3.14 15.83
N ASP A 801 -0.95 4.30 15.18
CA ASP A 801 -1.87 5.37 15.54
C ASP A 801 -3.30 4.93 15.26
N MET A 802 -3.48 4.02 14.29
CA MET A 802 -4.85 3.67 13.87
C MET A 802 -5.71 2.85 14.81
N HIS A 803 -5.07 2.01 15.61
CA HIS A 803 -5.81 1.16 16.52
C HIS A 803 -5.00 1.00 17.78
N PRO A 804 -5.62 0.50 18.85
CA PRO A 804 -4.95 0.33 20.11
C PRO A 804 -4.30 -0.99 20.42
N PHE A 805 -4.03 -1.83 19.40
CA PHE A 805 -3.44 -3.13 19.73
C PHE A 805 -1.93 -3.25 19.59
N ILE A 806 -1.29 -4.04 20.45
CA ILE A 806 0.13 -4.26 20.34
C ILE A 806 0.17 -5.75 19.91
N HIS A 807 0.97 -6.05 18.90
CA HIS A 807 1.05 -7.42 18.44
C HIS A 807 2.43 -7.66 17.88
N PRO A 808 2.80 -8.93 17.67
CA PRO A 808 4.14 -9.25 17.18
C PRO A 808 4.48 -9.66 15.77
N LEU A 809 5.80 -9.60 15.49
CA LEU A 809 6.38 -10.12 14.27
C LEU A 809 6.92 -11.42 14.88
N SER A 810 6.89 -12.53 14.14
CA SER A 810 7.41 -13.80 14.64
C SER A 810 8.13 -14.50 13.53
N ALA A 811 9.04 -15.37 13.92
CA ALA A 811 9.79 -16.13 12.94
C ALA A 811 9.01 -17.39 12.56
N ALA A 812 8.50 -17.46 11.35
CA ALA A 812 7.75 -18.66 10.94
C ALA A 812 8.77 -19.76 10.71
N VAL A 813 9.96 -19.34 10.29
CA VAL A 813 11.06 -20.28 10.06
C VAL A 813 12.35 -19.51 10.31
N ASP A 814 13.47 -20.18 10.64
CA ASP A 814 14.75 -19.45 10.82
C ASP A 814 15.11 -18.68 9.53
N PRO A 815 15.76 -17.50 9.65
CA PRO A 815 16.14 -16.73 8.45
C PRO A 815 16.83 -17.64 7.41
N ALA A 816 16.44 -17.51 6.15
CA ALA A 816 17.01 -18.32 5.05
C ALA A 816 18.48 -17.92 4.73
N TRP A 817 19.20 -18.81 4.05
CA TRP A 817 20.57 -18.56 3.71
C TRP A 817 21.34 -17.99 4.89
N GLU A 818 22.12 -16.91 4.72
CA GLU A 818 22.91 -16.41 5.84
C GLU A 818 22.34 -15.17 6.50
N ALA A 819 21.06 -14.89 6.26
CA ALA A 819 20.46 -13.72 6.83
C ALA A 819 20.38 -13.78 8.36
N LYS A 820 20.29 -12.60 9.01
CA LYS A 820 20.20 -12.53 10.47
C LYS A 820 19.28 -11.39 10.81
N SER A 821 18.66 -11.44 11.97
CA SER A 821 17.76 -10.36 12.32
C SER A 821 18.59 -9.09 12.58
N ASP A 822 17.95 -7.92 12.50
CA ASP A 822 18.67 -6.67 12.76
C ASP A 822 19.33 -6.71 14.16
N TRP A 823 18.57 -7.18 15.15
CA TRP A 823 19.07 -7.33 16.50
C TRP A 823 20.37 -8.14 16.55
N GLU A 824 20.41 -9.28 15.85
CA GLU A 824 21.60 -10.13 15.85
C GLU A 824 22.74 -9.52 15.06
N ILE A 825 22.40 -8.76 14.02
CA ILE A 825 23.46 -8.13 13.22
C ILE A 825 24.20 -7.08 14.06
N TYR A 826 23.45 -6.21 14.73
CA TYR A 826 24.10 -5.18 15.55
C TYR A 826 24.77 -5.77 16.79
N LYS A 827 24.17 -6.82 17.39
CA LYS A 827 24.82 -7.49 18.53
C LYS A 827 26.20 -8.02 18.11
N ALA A 828 26.27 -8.69 16.96
CA ALA A 828 27.56 -9.20 16.45
C ALA A 828 28.57 -8.06 16.15
N ILE A 829 28.07 -6.94 15.62
CA ILE A 829 28.92 -5.79 15.35
C ILE A 829 29.43 -5.24 16.70
N ALA A 830 28.54 -5.12 17.66
CA ALA A 830 28.92 -4.60 18.94
C ALA A 830 29.97 -5.52 19.54
N LYS A 831 29.86 -6.81 19.24
CA LYS A 831 30.79 -7.75 19.81
C LYS A 831 32.16 -7.65 19.15
N LYS A 832 32.22 -7.54 17.83
CA LYS A 832 33.50 -7.40 17.19
C LYS A 832 34.14 -6.04 17.56
N PHE A 833 33.31 -5.00 17.62
CA PHE A 833 33.80 -3.66 17.97
C PHE A 833 34.52 -3.69 19.30
N SER A 834 33.89 -4.33 20.26
CA SER A 834 34.39 -4.44 21.60
C SER A 834 35.80 -5.00 21.69
N GLU A 835 36.14 -5.92 20.79
CA GLU A 835 37.47 -6.46 20.85
C GLU A 835 38.43 -5.69 19.96
N VAL A 836 37.98 -5.25 18.80
CA VAL A 836 38.78 -4.48 17.86
C VAL A 836 39.25 -3.13 18.41
N CYS A 837 38.46 -2.58 19.31
CA CYS A 837 38.79 -1.29 19.89
C CYS A 837 39.82 -1.36 21.03
N VAL A 838 40.09 -2.55 21.54
CA VAL A 838 41.03 -2.67 22.64
C VAL A 838 42.39 -2.12 22.24
N GLY A 839 42.88 -1.16 23.01
CA GLY A 839 44.17 -0.57 22.69
C GLY A 839 44.02 0.73 21.90
N HIS A 840 42.81 1.07 21.48
CA HIS A 840 42.55 2.31 20.72
C HIS A 840 41.57 3.17 21.49
N LEU A 841 40.63 2.53 22.17
CA LEU A 841 39.66 3.31 22.93
C LEU A 841 39.45 2.52 24.18
N GLY A 842 39.42 3.22 25.32
CA GLY A 842 39.23 2.56 26.59
C GLY A 842 38.06 3.22 27.28
N LYS A 843 38.22 3.55 28.54
CA LYS A 843 37.16 4.23 29.25
C LYS A 843 37.44 5.67 28.89
N GLU A 844 36.58 6.24 28.04
CA GLU A 844 36.75 7.59 27.56
C GLU A 844 35.77 8.56 28.18
N THR A 845 36.02 9.85 28.00
CA THR A 845 35.11 10.90 28.51
C THR A 845 34.68 11.71 27.26
N ASP A 846 33.37 11.87 27.10
CA ASP A 846 32.83 12.55 25.91
C ASP A 846 32.12 13.82 26.32
N ILE A 847 32.34 14.87 25.55
CA ILE A 847 31.64 16.13 25.76
C ILE A 847 30.55 16.12 24.69
N VAL A 848 29.31 16.16 25.16
CA VAL A 848 28.17 16.08 24.28
C VAL A 848 27.28 17.33 24.38
N THR A 849 26.95 17.97 23.26
CA THR A 849 26.01 19.09 23.32
C THR A 849 24.62 18.49 23.21
N LEU A 850 23.67 19.11 23.90
CA LEU A 850 22.26 18.70 23.92
C LEU A 850 21.39 19.94 23.79
N PRO A 851 20.50 19.98 22.79
CA PRO A 851 19.70 21.20 22.71
C PRO A 851 18.70 21.30 23.86
N ILE A 852 18.15 22.50 24.04
CA ILE A 852 17.18 22.76 25.10
C ILE A 852 15.97 21.92 24.71
N GLN A 853 15.46 21.14 25.67
CA GLN A 853 14.35 20.22 25.39
C GLN A 853 12.97 20.63 25.81
N HIS A 854 12.01 20.42 24.91
CA HIS A 854 10.58 20.65 25.19
C HIS A 854 10.28 19.61 26.27
N ASP A 855 9.31 19.88 27.15
CA ASP A 855 8.99 18.96 28.22
C ASP A 855 10.07 18.79 29.33
N SER A 856 11.01 19.73 29.44
CA SER A 856 12.01 19.75 30.53
C SER A 856 11.91 21.22 31.04
N ALA A 857 12.31 21.47 32.28
CA ALA A 857 12.24 22.82 32.81
C ALA A 857 12.98 23.80 31.92
N ALA A 858 14.07 23.36 31.30
CA ALA A 858 14.86 24.21 30.39
C ALA A 858 14.06 24.80 29.22
N GLU A 859 12.84 24.31 28.97
CA GLU A 859 12.07 24.84 27.84
C GLU A 859 11.76 26.32 28.06
N LEU A 860 11.80 26.75 29.32
CA LEU A 860 11.55 28.16 29.70
C LEU A 860 12.84 28.94 29.49
N ALA A 861 13.34 28.95 28.26
CA ALA A 861 14.62 29.61 28.02
C ALA A 861 14.63 31.12 27.79
N GLN A 862 14.28 31.57 26.59
CA GLN A 862 14.28 33.01 26.23
C GLN A 862 12.85 33.50 26.16
N PRO A 863 12.34 34.05 27.27
CA PRO A 863 10.96 34.54 27.36
C PRO A 863 10.41 35.65 26.48
N LEU A 864 11.22 36.64 26.12
CA LEU A 864 10.66 37.76 25.36
C LEU A 864 11.28 38.12 24.04
N ASP A 865 12.45 37.59 23.74
CA ASP A 865 13.04 37.92 22.46
C ASP A 865 14.18 36.99 22.22
N VAL A 866 14.91 37.21 21.13
CA VAL A 866 16.00 36.35 20.76
C VAL A 866 17.36 37.01 20.90
N LYS A 867 18.21 36.45 21.74
CA LYS A 867 19.54 37.00 21.97
C LYS A 867 20.55 35.96 21.56
N ASP A 868 21.50 36.38 20.74
CA ASP A 868 22.56 35.54 20.20
C ASP A 868 23.85 35.83 20.98
N TRP A 869 24.31 34.90 21.83
CA TRP A 869 25.53 35.13 22.60
C TRP A 869 26.72 35.41 21.69
N LYS A 870 26.78 34.82 20.51
CA LYS A 870 27.91 35.03 19.62
C LYS A 870 27.94 36.48 19.10
N LYS A 871 26.80 37.14 19.17
CA LYS A 871 26.68 38.54 18.76
C LYS A 871 26.86 39.43 20.02
N GLY A 872 27.22 38.80 21.14
CA GLY A 872 27.42 39.53 22.37
C GLY A 872 26.14 40.03 22.99
N GLU A 873 25.01 39.62 22.43
CA GLU A 873 23.73 40.07 22.95
C GLU A 873 23.38 39.43 24.27
N CYS A 874 24.19 38.49 24.71
CA CYS A 874 23.96 37.82 25.98
C CYS A 874 25.13 36.91 26.21
N ASP A 875 25.19 36.39 27.43
CA ASP A 875 26.25 35.49 27.81
C ASP A 875 25.91 34.08 27.26
N LEU A 876 26.93 33.24 27.12
CA LEU A 876 26.76 31.88 26.66
C LEU A 876 26.46 31.09 27.95
N ILE A 877 25.20 30.74 28.14
CA ILE A 877 24.70 29.98 29.29
C ILE A 877 24.14 28.63 28.76
N PRO A 878 24.95 27.57 28.80
CA PRO A 878 24.45 26.28 28.30
C PRO A 878 23.13 25.91 28.94
N GLY A 879 22.17 25.49 28.12
CA GLY A 879 20.88 25.12 28.67
C GLY A 879 19.90 26.28 28.67
N LYS A 880 20.35 27.46 28.27
CA LYS A 880 19.47 28.62 28.22
C LYS A 880 19.64 29.47 26.96
N THR A 881 20.86 29.83 26.63
CA THR A 881 21.10 30.67 25.44
C THR A 881 21.99 29.91 24.50
N ALA A 882 22.31 28.67 24.87
CA ALA A 882 23.13 27.77 24.07
C ALA A 882 22.74 26.35 24.50
N PRO A 883 23.25 25.34 23.79
CA PRO A 883 22.87 23.99 24.23
C PRO A 883 23.50 23.61 25.58
N HIS A 884 22.90 22.64 26.28
CA HIS A 884 23.48 22.11 27.51
C HIS A 884 24.80 21.47 27.07
N ILE A 885 25.80 21.47 27.95
CA ILE A 885 27.07 20.84 27.61
C ILE A 885 27.14 19.74 28.66
N MET A 886 27.07 18.48 28.21
CA MET A 886 27.06 17.30 29.10
C MET A 886 28.32 16.44 29.00
N VAL A 887 28.64 15.79 30.12
CA VAL A 887 29.76 14.86 30.19
C VAL A 887 29.18 13.44 30.20
N VAL A 888 29.72 12.59 29.35
CA VAL A 888 29.26 11.21 29.24
C VAL A 888 30.48 10.32 29.26
N GLU A 889 30.52 9.35 30.16
CA GLU A 889 31.66 8.42 30.14
C GLU A 889 31.28 7.23 29.27
N ARG A 890 32.19 6.77 28.41
CA ARG A 890 31.91 5.60 27.58
C ARG A 890 32.98 4.54 27.89
N ASP A 891 32.57 3.29 27.99
CA ASP A 891 33.48 2.18 28.26
C ASP A 891 33.50 1.43 26.95
N TYR A 892 34.31 1.88 26.01
CA TYR A 892 34.31 1.24 24.73
C TYR A 892 34.52 -0.26 24.76
N PRO A 893 35.43 -0.76 25.61
CA PRO A 893 35.57 -2.23 25.59
C PRO A 893 34.35 -3.00 26.06
N ALA A 894 33.54 -2.35 26.87
CA ALA A 894 32.33 -2.95 27.42
C ALA A 894 31.10 -2.69 26.55
N THR A 895 31.27 -2.25 25.32
CA THR A 895 30.08 -1.99 24.50
C THR A 895 29.15 -3.18 24.36
N TYR A 896 29.69 -4.36 24.09
CA TYR A 896 28.85 -5.54 23.92
C TYR A 896 28.19 -5.94 25.25
N GLU A 897 28.92 -5.98 26.35
CA GLU A 897 28.28 -6.37 27.60
C GLU A 897 27.14 -5.41 27.95
N ARG A 898 27.32 -4.14 27.56
CA ARG A 898 26.27 -3.15 27.81
C ARG A 898 25.04 -3.33 26.90
N PHE A 899 25.31 -3.54 25.63
CA PHE A 899 24.28 -3.73 24.61
C PHE A 899 23.38 -4.89 25.06
N THR A 900 24.02 -5.93 25.60
CA THR A 900 23.32 -7.14 26.03
C THR A 900 22.84 -7.26 27.47
N SER A 901 22.66 -6.11 28.13
CA SER A 901 22.13 -6.10 29.49
C SER A 901 21.40 -4.77 29.70
N ILE A 902 20.38 -4.79 30.56
CA ILE A 902 19.65 -3.56 30.89
C ILE A 902 20.49 -2.83 31.95
N GLY A 903 20.97 -1.64 31.61
CA GLY A 903 21.82 -0.87 32.51
C GLY A 903 21.31 -0.42 33.86
N PRO A 904 22.21 0.07 34.73
CA PRO A 904 21.89 0.54 36.07
C PRO A 904 21.16 1.85 36.26
N LEU A 905 21.11 2.68 35.23
CA LEU A 905 20.42 3.96 35.37
C LEU A 905 18.93 3.84 35.60
N MET A 906 18.32 2.76 35.09
CA MET A 906 16.88 2.61 35.30
C MET A 906 16.64 2.55 36.82
N GLU A 907 17.54 1.89 37.53
CA GLU A 907 17.43 1.78 38.97
C GLU A 907 17.94 3.00 39.74
N LYS A 908 19.08 3.53 39.31
CA LYS A 908 19.68 4.66 39.99
C LYS A 908 18.88 5.96 39.82
N ILE A 909 18.52 6.26 38.58
CA ILE A 909 17.77 7.46 38.24
C ILE A 909 16.26 7.23 38.08
N GLY A 910 15.86 6.18 37.35
CA GLY A 910 14.45 5.92 37.16
C GLY A 910 14.05 6.03 35.70
N ASN A 911 12.76 6.23 35.43
CA ASN A 911 12.32 6.31 34.05
C ASN A 911 11.29 7.43 33.90
N GLY A 912 11.01 7.80 32.66
CA GLY A 912 10.00 8.84 32.43
C GLY A 912 10.02 9.45 31.05
N GLY A 913 9.10 10.38 30.78
CA GLY A 913 9.06 11.07 29.50
C GLY A 913 7.92 12.07 29.54
N LYS A 914 7.84 12.94 28.54
CA LYS A 914 6.79 13.96 28.48
C LYS A 914 6.68 14.78 29.78
N GLY A 915 7.83 15.10 30.37
CA GLY A 915 7.86 15.91 31.57
C GLY A 915 7.50 15.31 32.93
N ILE A 916 7.44 13.97 33.01
CA ILE A 916 7.14 13.31 34.28
C ILE A 916 8.11 12.16 34.43
N ALA A 917 8.32 11.71 35.65
CA ALA A 917 9.26 10.62 35.87
C ALA A 917 8.71 9.74 36.98
N TRP A 918 9.21 8.52 37.09
CA TRP A 918 8.72 7.62 38.15
C TRP A 918 9.77 6.60 38.50
N ASN A 919 9.50 5.87 39.58
CA ASN A 919 10.43 4.85 40.04
C ASN A 919 10.18 3.55 39.29
N THR A 920 11.21 2.87 38.85
CA THR A 920 10.91 1.65 38.12
C THR A 920 11.62 0.41 38.65
N GLN A 921 11.90 0.41 39.95
CA GLN A 921 12.58 -0.71 40.59
C GLN A 921 11.85 -2.03 40.50
N SER A 922 10.56 -2.02 40.78
CA SER A 922 9.85 -3.29 40.71
C SER A 922 9.92 -3.93 39.29
N GLU A 923 9.98 -3.10 38.25
CA GLU A 923 10.03 -3.62 36.89
C GLU A 923 11.37 -4.25 36.61
N MET A 924 12.43 -3.62 37.10
CA MET A 924 13.76 -4.15 36.91
C MET A 924 13.88 -5.51 37.65
N ASP A 925 13.24 -5.56 38.81
CA ASP A 925 13.21 -6.80 39.60
C ASP A 925 12.50 -7.89 38.76
N LEU A 926 11.33 -7.56 38.19
CA LEU A 926 10.60 -8.53 37.36
C LEU A 926 11.48 -9.00 36.20
N LEU A 927 12.13 -8.02 35.56
CA LEU A 927 13.00 -8.29 34.42
C LEU A 927 14.17 -9.21 34.72
N ARG A 928 14.71 -9.15 35.94
CA ARG A 928 15.82 -10.04 36.27
C ARG A 928 15.26 -11.48 36.22
N LYS A 929 14.01 -11.63 36.66
CA LYS A 929 13.40 -12.95 36.63
C LYS A 929 12.98 -13.46 35.25
N LEU A 930 12.57 -12.56 34.34
CA LEU A 930 12.12 -13.02 33.03
C LEU A 930 13.21 -13.18 32.04
N ASN A 931 14.24 -12.34 32.15
CA ASN A 931 15.32 -12.44 31.20
C ASN A 931 16.55 -13.11 31.78
N TYR A 932 16.57 -13.37 33.09
CA TYR A 932 17.76 -13.93 33.76
C TYR A 932 18.82 -12.81 33.86
N THR A 933 19.98 -13.07 34.46
CA THR A 933 20.98 -12.00 34.63
C THR A 933 22.39 -12.35 34.24
N LYS A 934 23.21 -11.32 34.03
CA LYS A 934 24.61 -11.54 33.68
C LYS A 934 25.31 -12.27 34.86
N ALA A 935 26.10 -13.30 34.55
CA ALA A 935 26.76 -14.07 35.59
C ALA A 935 28.07 -13.44 36.03
N GLU A 936 28.63 -12.60 35.18
CA GLU A 936 29.90 -11.96 35.48
C GLU A 936 30.17 -10.82 34.50
N GLY A 937 31.39 -10.26 34.59
CA GLY A 937 31.78 -9.16 33.73
C GLY A 937 31.24 -7.82 34.21
N PRO A 938 31.41 -6.75 33.40
CA PRO A 938 30.98 -5.37 33.62
C PRO A 938 29.53 -5.23 34.05
N ALA A 939 28.66 -6.04 33.44
CA ALA A 939 27.25 -5.94 33.78
C ALA A 939 26.71 -7.02 34.74
N LYS A 940 27.61 -7.68 35.47
CA LYS A 940 27.18 -8.72 36.41
C LYS A 940 25.96 -8.34 37.23
N GLY A 941 24.97 -9.24 37.29
CA GLY A 941 23.77 -8.98 38.07
C GLY A 941 22.62 -8.23 37.40
N GLN A 942 22.87 -7.67 36.22
CA GLN A 942 21.81 -6.95 35.50
C GLN A 942 20.97 -7.88 34.62
N PRO A 943 19.71 -7.52 34.37
CA PRO A 943 18.91 -8.39 33.50
C PRO A 943 19.58 -8.45 32.13
N MET A 944 19.40 -9.56 31.45
CA MET A 944 19.95 -9.76 30.11
C MET A 944 19.09 -9.23 28.98
N LEU A 945 19.76 -8.93 27.87
CA LEU A 945 19.17 -8.50 26.60
C LEU A 945 19.96 -9.32 25.56
N ASN A 946 19.76 -10.63 25.57
CA ASN A 946 20.46 -11.47 24.60
C ASN A 946 19.64 -11.63 23.32
N THR A 947 18.33 -11.91 23.46
CA THR A 947 17.46 -12.14 22.32
C THR A 947 16.52 -10.97 22.07
N ALA A 948 15.92 -10.97 20.89
CA ALA A 948 14.96 -9.92 20.58
C ALA A 948 13.76 -10.03 21.53
N ILE A 949 13.41 -11.24 21.97
CA ILE A 949 12.30 -11.41 22.89
C ILE A 949 12.63 -10.72 24.26
N ASP A 950 13.85 -10.85 24.74
CA ASP A 950 14.26 -10.23 26.02
C ASP A 950 14.09 -8.72 25.87
N ALA A 951 14.46 -8.21 24.70
CA ALA A 951 14.34 -6.78 24.40
C ALA A 951 12.87 -6.39 24.36
N ALA A 952 12.03 -7.20 23.72
CA ALA A 952 10.60 -6.89 23.69
C ALA A 952 10.01 -6.88 25.10
N GLU A 953 10.41 -7.84 25.94
CA GLU A 953 9.87 -7.93 27.29
C GLU A 953 10.28 -6.72 28.12
N MET A 954 11.45 -6.19 27.86
CA MET A 954 11.90 -4.96 28.53
C MET A 954 10.95 -3.84 28.12
N ILE A 955 10.68 -3.70 26.82
CA ILE A 955 9.78 -2.65 26.34
C ILE A 955 8.40 -2.80 27.06
N LEU A 956 7.84 -4.01 27.04
CA LEU A 956 6.54 -4.25 27.64
C LEU A 956 6.50 -4.03 29.14
N THR A 957 7.52 -4.52 29.82
CA THR A 957 7.52 -4.36 31.28
C THR A 957 7.72 -2.93 31.74
N LEU A 958 8.51 -2.13 31.02
CA LEU A 958 8.75 -0.76 31.47
C LEU A 958 7.69 0.27 31.12
N ALA A 959 7.04 0.08 29.98
CA ALA A 959 6.07 1.07 29.57
C ALA A 959 4.79 1.07 30.30
N PRO A 960 4.21 2.26 30.48
CA PRO A 960 2.93 2.40 31.18
C PRO A 960 1.77 1.94 30.33
N GLU A 961 1.94 1.95 29.00
CA GLU A 961 0.89 1.49 28.11
C GLU A 961 0.74 -0.06 28.18
N THR A 962 1.76 -0.75 28.62
CA THR A 962 1.70 -2.21 28.65
C THR A 962 1.84 -2.84 30.03
N ASN A 963 1.96 -1.99 31.05
CA ASN A 963 2.12 -2.51 32.42
C ASN A 963 1.34 -1.56 33.35
N GLY A 964 0.15 -2.00 33.76
CA GLY A 964 -0.73 -1.22 34.63
C GLY A 964 -0.06 -0.65 35.89
N GLN A 965 0.92 -1.36 36.42
CA GLN A 965 1.62 -0.87 37.59
C GLN A 965 2.33 0.45 37.22
N VAL A 966 3.02 0.44 36.10
CA VAL A 966 3.71 1.65 35.64
C VAL A 966 2.68 2.72 35.28
N ALA A 967 1.61 2.33 34.61
CA ALA A 967 0.59 3.29 34.24
C ALA A 967 0.08 4.10 35.44
N VAL A 968 -0.10 3.43 36.58
CA VAL A 968 -0.60 4.14 37.76
C VAL A 968 0.49 5.08 38.31
N LYS A 969 1.74 4.64 38.35
CA LYS A 969 2.81 5.52 38.82
C LYS A 969 3.00 6.75 37.89
N ALA A 970 2.83 6.53 36.60
CA ALA A 970 2.97 7.59 35.63
C ALA A 970 1.86 8.61 35.84
N TRP A 971 0.61 8.17 35.93
CA TRP A 971 -0.48 9.11 36.14
C TRP A 971 -0.36 9.84 37.48
N ALA A 972 0.29 9.21 38.46
CA ALA A 972 0.46 9.80 39.77
C ALA A 972 1.46 10.94 39.71
N ALA A 973 2.52 10.72 38.95
CA ALA A 973 3.56 11.73 38.76
C ALA A 973 2.92 12.96 38.09
N LEU A 974 2.10 12.73 37.07
CA LEU A 974 1.42 13.82 36.37
C LEU A 974 0.49 14.58 37.32
N SER A 975 -0.20 13.85 38.19
CA SER A 975 -1.14 14.47 39.14
C SER A 975 -0.49 15.53 40.05
N GLU A 976 0.82 15.40 40.27
CA GLU A 976 1.58 16.34 41.08
C GLU A 976 1.60 17.70 40.40
N PHE A 977 1.74 17.70 39.08
CA PHE A 977 1.80 18.93 38.29
C PHE A 977 0.46 19.62 38.19
N THR A 978 -0.57 18.85 37.94
CA THR A 978 -1.88 19.40 37.74
C THR A 978 -2.70 19.62 39.00
N GLY A 979 -2.36 18.94 40.08
CA GLY A 979 -3.13 19.10 41.29
C GLY A 979 -4.47 18.39 41.21
N ARG A 980 -4.66 17.58 40.17
CA ARG A 980 -5.90 16.81 39.99
C ARG A 980 -5.53 15.31 39.95
N ASP A 981 -6.40 14.45 40.45
CA ASP A 981 -6.08 13.02 40.39
C ASP A 981 -6.34 12.44 39.00
N HIS A 982 -5.38 11.71 38.46
CA HIS A 982 -5.57 11.11 37.15
C HIS A 982 -5.35 9.62 37.25
N THR A 983 -4.94 9.17 38.43
CA THR A 983 -4.67 7.77 38.61
C THR A 983 -5.91 6.94 38.34
N HIS A 984 -7.09 7.55 38.48
CA HIS A 984 -8.30 6.79 38.23
C HIS A 984 -8.37 6.33 36.77
N LEU A 985 -7.50 6.88 35.93
CA LEU A 985 -7.51 6.51 34.52
C LEU A 985 -6.91 5.13 34.27
N ALA A 986 -6.15 4.62 35.25
CA ALA A 986 -5.54 3.30 35.09
C ALA A 986 -5.69 2.36 36.31
N LEU A 987 -6.33 2.81 37.39
CA LEU A 987 -6.48 1.92 38.55
C LEU A 987 -7.14 0.59 38.20
N ASN A 988 -8.21 0.67 37.42
CA ASN A 988 -9.02 -0.46 36.96
C ASN A 988 -8.26 -1.50 36.11
N LYS A 989 -6.99 -1.23 35.78
CA LYS A 989 -6.17 -2.12 34.97
C LYS A 989 -4.79 -2.23 35.55
N GLU A 990 -4.66 -1.86 36.81
CA GLU A 990 -3.34 -1.86 37.47
C GLU A 990 -2.68 -3.23 37.52
N ASP A 991 -3.49 -4.24 37.40
CA ASP A 991 -2.98 -5.57 37.42
C ASP A 991 -2.57 -6.08 36.05
N GLU A 992 -2.89 -5.36 35.00
CA GLU A 992 -2.56 -5.77 33.64
C GLU A 992 -1.06 -5.70 33.30
N LYS A 993 -0.54 -6.78 32.70
CA LYS A 993 0.84 -6.84 32.25
C LYS A 993 0.89 -7.60 30.91
N ILE A 994 1.14 -6.89 29.82
CA ILE A 994 1.18 -7.51 28.52
C ILE A 994 2.50 -8.23 28.32
N ARG A 995 2.43 -9.49 27.89
CA ARG A 995 3.62 -10.32 27.68
C ARG A 995 3.77 -10.66 26.19
N PHE A 996 5.01 -10.83 25.75
CA PHE A 996 5.27 -11.14 24.36
C PHE A 996 4.55 -12.40 23.96
N ARG A 997 4.66 -13.46 24.75
CA ARG A 997 3.96 -14.68 24.33
C ARG A 997 2.45 -14.57 24.30
N ASP A 998 1.88 -13.70 25.15
CA ASP A 998 0.44 -13.53 25.15
C ASP A 998 -0.01 -12.80 23.88
N ILE A 999 0.77 -11.80 23.43
CA ILE A 999 0.31 -11.16 22.22
C ILE A 999 0.53 -12.08 21.01
N GLN A 1000 1.38 -13.10 21.08
CA GLN A 1000 1.49 -14.01 19.90
C GLN A 1000 0.17 -14.81 19.81
N ALA A 1001 -0.49 -15.01 20.96
CA ALA A 1001 -1.73 -15.80 21.00
C ALA A 1001 -2.92 -14.92 20.61
N GLN A 1002 -2.92 -13.65 21.07
CA GLN A 1002 -3.98 -12.71 20.67
C GLN A 1002 -3.53 -11.26 20.88
N PRO A 1003 -3.66 -10.38 19.84
CA PRO A 1003 -3.25 -8.98 20.00
C PRO A 1003 -3.95 -8.41 21.22
N ARG A 1004 -3.26 -7.55 21.97
CA ARG A 1004 -3.83 -6.96 23.19
C ARG A 1004 -3.99 -5.41 23.15
N LYS A 1005 -5.12 -4.93 23.66
CA LYS A 1005 -5.37 -3.48 23.69
C LYS A 1005 -4.48 -2.87 24.79
N ILE A 1006 -3.86 -1.73 24.52
CA ILE A 1006 -2.99 -1.14 25.53
C ILE A 1006 -3.76 -0.36 26.59
N ILE A 1007 -3.04 0.19 27.56
CA ILE A 1007 -3.61 0.92 28.71
C ILE A 1007 -3.50 2.48 28.65
N SER A 1008 -4.57 3.19 29.03
CA SER A 1008 -4.58 4.68 29.08
C SER A 1008 -3.31 5.14 29.76
N SER A 1009 -2.58 6.06 29.11
CA SER A 1009 -1.29 6.55 29.60
C SER A 1009 -1.15 8.07 29.41
N PRO A 1010 -0.45 8.76 30.36
CA PRO A 1010 -0.21 10.22 30.32
C PRO A 1010 0.71 10.59 29.12
N THR A 1011 1.38 9.59 28.57
CA THR A 1011 2.22 9.80 27.40
C THR A 1011 1.33 10.28 26.26
N TRP A 1012 0.04 9.96 26.34
CA TRP A 1012 -0.96 10.30 25.32
C TRP A 1012 -2.21 11.04 25.89
N SER A 1013 -2.98 11.65 25.01
CA SER A 1013 -4.14 12.46 25.44
C SER A 1013 -5.51 11.90 25.13
N GLY A 1014 -5.57 10.64 24.74
CA GLY A 1014 -6.85 10.00 24.46
C GLY A 1014 -6.94 8.82 25.41
N LEU A 1015 -8.11 8.24 25.54
CA LEU A 1015 -8.25 7.10 26.44
C LEU A 1015 -8.47 5.74 25.74
N GLU A 1016 -8.00 4.67 26.39
CA GLU A 1016 -8.22 3.30 25.91
C GLU A 1016 -9.30 2.90 26.92
N ASP A 1017 -10.55 2.92 26.47
CA ASP A 1017 -11.65 2.70 27.39
C ASP A 1017 -12.66 1.85 26.68
N GLU A 1018 -13.58 1.24 27.44
CA GLU A 1018 -14.58 0.38 26.82
C GLU A 1018 -15.85 1.14 26.40
N HIS A 1019 -16.04 2.36 26.92
CA HIS A 1019 -17.21 3.18 26.57
C HIS A 1019 -16.93 4.38 25.64
N VAL A 1020 -15.70 4.85 25.56
CA VAL A 1020 -15.36 5.97 24.68
C VAL A 1020 -14.13 5.59 23.87
N SER A 1021 -14.12 5.87 22.58
CA SER A 1021 -12.98 5.52 21.74
C SER A 1021 -11.84 6.47 21.99
N TYR A 1022 -10.66 6.15 21.47
CA TYR A 1022 -9.49 6.98 21.62
C TYR A 1022 -9.59 8.22 20.72
N ASN A 1023 -9.51 9.38 21.34
CA ASN A 1023 -9.62 10.67 20.67
C ASN A 1023 -8.57 11.63 21.25
N ALA A 1024 -7.70 12.12 20.37
CA ALA A 1024 -6.63 12.98 20.82
C ALA A 1024 -7.18 14.25 21.49
N GLY A 1025 -6.51 14.72 22.51
CA GLY A 1025 -6.95 15.92 23.20
C GLY A 1025 -8.12 15.70 24.15
N TYR A 1026 -8.54 14.45 24.25
CA TYR A 1026 -9.67 14.11 25.10
C TYR A 1026 -9.34 14.37 26.61
N THR A 1027 -8.10 14.12 27.01
CA THR A 1027 -7.72 14.33 28.41
C THR A 1027 -7.57 15.81 28.76
N ASN A 1028 -7.11 16.63 27.81
CA ASN A 1028 -6.96 18.04 28.07
C ASN A 1028 -8.33 18.57 28.33
N VAL A 1029 -9.25 18.27 27.43
CA VAL A 1029 -10.59 18.76 27.57
C VAL A 1029 -11.39 18.21 28.73
N HIS A 1030 -11.22 16.91 29.03
CA HIS A 1030 -11.97 16.27 30.09
C HIS A 1030 -11.28 16.09 31.44
N GLU A 1031 -9.95 16.08 31.46
CA GLU A 1031 -9.22 15.95 32.74
C GLU A 1031 -8.54 17.26 33.11
N LEU A 1032 -8.75 18.27 32.28
CA LEU A 1032 -8.20 19.60 32.51
C LEU A 1032 -6.68 19.65 32.56
N ILE A 1033 -6.02 18.74 31.86
CA ILE A 1033 -4.57 18.71 31.77
C ILE A 1033 -4.22 19.75 30.70
N PRO A 1034 -3.22 20.61 30.94
CA PRO A 1034 -2.96 21.60 29.86
C PRO A 1034 -2.21 21.07 28.64
N TRP A 1035 -2.37 21.76 27.49
CA TRP A 1035 -1.60 21.43 26.30
C TRP A 1035 -0.25 22.04 26.66
N ARG A 1036 0.83 21.40 26.22
CA ARG A 1036 2.16 21.90 26.57
C ARG A 1036 2.60 23.14 25.78
N THR A 1037 1.80 24.19 25.91
CA THR A 1037 2.09 25.44 25.21
C THR A 1037 2.33 26.60 26.17
N LEU A 1038 2.84 27.71 25.64
CA LEU A 1038 3.06 28.89 26.46
C LEU A 1038 1.85 29.21 27.33
N SER A 1039 0.66 29.20 26.74
CA SER A 1039 -0.58 29.51 27.46
C SER A 1039 -1.31 28.33 28.13
N GLY A 1040 -0.89 27.11 27.80
CA GLY A 1040 -1.55 25.91 28.33
C GLY A 1040 -2.80 25.59 27.51
N ARG A 1041 -3.16 26.49 26.60
CA ARG A 1041 -4.33 26.24 25.78
C ARG A 1041 -3.95 26.02 24.30
N GLN A 1042 -4.94 25.70 23.48
CA GLN A 1042 -4.66 25.55 22.06
C GLN A 1042 -4.19 26.96 21.62
N GLN A 1043 -2.98 27.07 21.06
CA GLN A 1043 -2.43 28.38 20.70
C GLN A 1043 -2.68 28.88 19.32
N LEU A 1044 -3.65 29.78 19.17
CA LEU A 1044 -3.91 30.36 17.86
C LEU A 1044 -2.83 31.39 17.56
N TYR A 1045 -2.30 32.03 18.59
CA TYR A 1045 -1.28 33.08 18.43
C TYR A 1045 0.15 32.69 18.76
N GLN A 1046 1.01 32.74 17.75
CA GLN A 1046 2.42 32.38 17.85
C GLN A 1046 3.25 33.65 18.02
N ASP A 1047 3.54 33.99 19.27
CA ASP A 1047 4.25 35.23 19.59
C ASP A 1047 5.78 35.20 19.67
N HIS A 1048 6.42 34.11 19.25
CA HIS A 1048 7.88 34.07 19.27
C HIS A 1048 8.37 35.08 18.22
N GLN A 1049 9.43 35.81 18.55
CA GLN A 1049 9.98 36.84 17.64
C GLN A 1049 10.01 36.36 16.19
N TRP A 1050 10.64 35.23 15.94
CA TRP A 1050 10.71 34.72 14.57
C TRP A 1050 9.36 34.41 13.94
N MET A 1051 8.40 33.92 14.72
CA MET A 1051 7.09 33.63 14.15
C MET A 1051 6.44 34.97 13.71
N ARG A 1052 6.58 35.98 14.55
CA ARG A 1052 6.04 37.31 14.25
C ARG A 1052 6.70 37.88 12.99
N ASP A 1053 8.03 37.86 12.95
CA ASP A 1053 8.73 38.42 11.83
C ASP A 1053 8.65 37.69 10.52
N PHE A 1054 8.37 36.38 10.57
CA PHE A 1054 8.20 35.66 9.36
C PHE A 1054 6.76 35.68 8.97
N GLY A 1055 5.98 36.45 9.70
CA GLY A 1055 4.61 36.66 9.31
C GLY A 1055 3.60 35.59 9.63
N GLU A 1056 3.89 34.81 10.66
CA GLU A 1056 3.02 33.72 11.04
C GLU A 1056 2.51 33.74 12.49
N SER A 1057 2.37 34.91 13.09
CA SER A 1057 1.82 34.94 14.44
C SER A 1057 0.33 34.50 14.35
N LEU A 1058 -0.32 34.77 13.21
CA LEU A 1058 -1.67 34.29 13.03
C LEU A 1058 -1.65 33.55 11.69
N LEU A 1059 -2.52 32.58 11.48
CA LEU A 1059 -2.49 31.88 10.19
C LEU A 1059 -2.83 32.89 9.07
N VAL A 1060 -2.23 32.72 7.91
CA VAL A 1060 -2.49 33.59 6.74
C VAL A 1060 -2.27 32.78 5.48
N TYR A 1061 -2.89 33.20 4.39
CA TYR A 1061 -2.69 32.49 3.16
C TYR A 1061 -1.29 32.73 2.57
N ARG A 1062 -0.61 31.67 2.19
CA ARG A 1062 0.71 31.79 1.61
C ARG A 1062 0.75 30.93 0.39
N PRO A 1063 0.93 31.55 -0.78
CA PRO A 1063 0.97 30.84 -2.05
C PRO A 1063 2.15 29.91 -2.18
N PRO A 1064 2.03 28.91 -3.05
CA PRO A 1064 3.15 27.99 -3.23
C PRO A 1064 4.46 28.77 -3.55
N ILE A 1065 5.62 28.29 -3.07
CA ILE A 1065 6.87 29.00 -3.34
C ILE A 1065 7.49 28.70 -4.71
N ASP A 1066 8.34 29.60 -5.17
CA ASP A 1066 9.00 29.39 -6.45
C ASP A 1066 10.37 28.75 -6.18
N THR A 1067 10.59 27.50 -6.57
CA THR A 1067 11.88 26.86 -6.33
C THR A 1067 12.87 27.31 -7.39
N ARG A 1068 12.37 28.00 -8.40
CA ARG A 1068 13.19 28.50 -9.50
C ARG A 1068 14.06 27.39 -10.07
N SER A 1069 13.51 26.20 -10.19
CA SER A 1069 14.30 25.07 -10.65
C SER A 1069 14.18 24.73 -12.13
N VAL A 1070 13.34 25.46 -12.83
CA VAL A 1070 13.08 25.13 -14.22
C VAL A 1070 13.56 26.09 -15.31
N LYS A 1071 13.47 27.38 -15.06
CA LYS A 1071 13.82 28.34 -16.10
C LYS A 1071 15.28 28.36 -16.60
N GLU A 1072 16.21 27.92 -15.77
CA GLU A 1072 17.61 27.88 -16.14
C GLU A 1072 17.98 26.65 -16.96
N VAL A 1073 17.12 25.64 -17.05
CA VAL A 1073 17.50 24.47 -17.83
C VAL A 1073 16.58 24.08 -19.00
N ILE A 1074 15.36 24.59 -18.98
CA ILE A 1074 14.41 24.25 -20.02
C ILE A 1074 14.96 24.68 -21.40
N GLY A 1075 14.96 23.75 -22.37
CA GLY A 1075 15.44 24.01 -23.72
C GLY A 1075 16.96 23.92 -23.92
N GLN A 1076 17.70 23.75 -22.84
CA GLN A 1076 19.16 23.69 -22.95
C GLN A 1076 19.72 22.41 -23.56
N LYS A 1077 18.95 21.33 -23.58
CA LYS A 1077 19.42 20.04 -24.11
C LYS A 1077 18.30 19.36 -24.89
N SER A 1078 17.76 20.08 -25.86
CA SER A 1078 16.66 19.60 -26.64
C SER A 1078 16.86 18.27 -27.33
N ASN A 1079 15.81 17.47 -27.37
CA ASN A 1079 15.92 16.23 -28.09
C ASN A 1079 15.03 16.35 -29.32
N GLY A 1080 14.49 17.55 -29.52
CA GLY A 1080 13.60 17.81 -30.66
C GLY A 1080 12.11 17.79 -30.36
N ASN A 1081 11.72 17.29 -29.17
CA ASN A 1081 10.31 17.24 -28.78
C ASN A 1081 10.00 18.39 -27.84
N GLN A 1082 8.73 18.81 -27.83
CA GLN A 1082 8.29 19.92 -27.02
C GLN A 1082 8.46 19.67 -25.52
N GLU A 1083 8.77 20.75 -24.81
CA GLU A 1083 8.95 20.66 -23.37
C GLU A 1083 7.96 21.55 -22.69
N LYS A 1084 7.49 21.19 -21.51
CA LYS A 1084 6.54 22.05 -20.83
C LYS A 1084 6.73 21.95 -19.31
N ALA A 1085 6.57 23.05 -18.60
CA ALA A 1085 6.73 23.09 -17.15
C ALA A 1085 5.42 22.67 -16.47
N LEU A 1086 5.47 21.72 -15.53
CA LEU A 1086 4.27 21.25 -14.81
C LEU A 1086 4.60 21.10 -13.30
N ASN A 1087 3.59 21.26 -12.45
CA ASN A 1087 3.73 21.07 -10.98
C ASN A 1087 3.96 19.53 -10.79
N PHE A 1088 5.01 19.15 -10.06
CA PHE A 1088 5.40 17.75 -9.81
C PHE A 1088 4.95 17.31 -8.42
N LEU A 1089 3.84 16.55 -8.33
CA LEU A 1089 3.31 16.07 -7.06
C LEU A 1089 3.70 14.60 -6.90
N THR A 1090 3.97 14.18 -5.66
CA THR A 1090 4.36 12.80 -5.40
C THR A 1090 3.54 12.14 -4.30
N PRO A 1091 2.21 12.05 -4.47
CA PRO A 1091 1.38 11.40 -3.43
C PRO A 1091 1.78 9.91 -3.33
N HIS A 1092 1.44 9.25 -2.25
CA HIS A 1092 1.89 7.89 -2.09
C HIS A 1092 1.18 6.86 -2.95
N GLN A 1093 1.98 5.96 -3.52
CA GLN A 1093 1.52 4.96 -4.49
C GLN A 1093 0.62 3.79 -4.10
N LYS A 1094 -0.08 3.24 -5.07
CA LYS A 1094 -0.99 2.14 -4.83
C LYS A 1094 -0.26 0.82 -4.87
N TRP A 1095 0.89 0.77 -5.55
CA TRP A 1095 1.60 -0.50 -5.71
C TRP A 1095 2.88 -0.69 -4.91
N GLY A 1096 2.90 -0.12 -3.70
CA GLY A 1096 4.04 -0.24 -2.82
C GLY A 1096 3.74 0.59 -1.57
N ILE A 1097 4.59 0.47 -0.56
CA ILE A 1097 4.48 1.32 0.63
C ILE A 1097 5.85 1.95 0.48
N HIS A 1098 5.87 3.22 0.05
CA HIS A 1098 7.11 3.94 -0.25
C HIS A 1098 7.74 3.09 -1.32
N SER A 1099 9.01 2.70 -1.19
CA SER A 1099 9.58 1.87 -2.24
C SER A 1099 9.50 0.39 -1.88
N THR A 1100 9.08 0.07 -0.65
CA THR A 1100 9.02 -1.35 -0.29
C THR A 1100 7.91 -1.94 -1.17
N TYR A 1101 8.12 -3.17 -1.60
CA TYR A 1101 7.20 -3.88 -2.54
C TYR A 1101 7.26 -3.31 -3.96
N SER A 1102 7.98 -2.22 -4.17
CA SER A 1102 8.01 -1.63 -5.51
C SER A 1102 8.65 -2.59 -6.52
N ASP A 1103 9.54 -3.45 -6.04
CA ASP A 1103 10.22 -4.40 -6.92
C ASP A 1103 9.49 -5.76 -6.86
N ASN A 1104 8.47 -5.82 -6.02
CA ASN A 1104 7.67 -7.02 -5.87
C ASN A 1104 6.87 -7.33 -7.19
N LEU A 1105 7.07 -8.51 -7.80
CA LEU A 1105 6.42 -8.85 -9.07
C LEU A 1105 4.89 -8.77 -9.06
N LEU A 1106 4.27 -9.09 -7.92
CA LEU A 1106 2.83 -9.00 -7.79
C LEU A 1106 2.38 -7.56 -7.95
N MET A 1107 3.08 -6.67 -7.26
CA MET A 1107 2.72 -5.28 -7.31
C MET A 1107 3.08 -4.73 -8.68
N LEU A 1108 4.19 -5.18 -9.25
CA LEU A 1108 4.56 -4.66 -10.56
C LEU A 1108 3.55 -5.13 -11.63
N THR A 1109 3.01 -6.33 -11.44
CA THR A 1109 2.09 -6.86 -12.42
C THR A 1109 0.71 -6.19 -12.33
N LEU A 1110 0.27 -5.83 -11.11
CA LEU A 1110 -1.03 -5.14 -10.92
C LEU A 1110 -0.91 -3.66 -11.23
N GLY A 1111 0.30 -3.11 -11.17
CA GLY A 1111 0.52 -1.70 -11.54
C GLY A 1111 0.78 -1.62 -13.04
N ARG A 1112 1.78 -0.85 -13.45
CA ARG A 1112 2.13 -0.75 -14.86
C ARG A 1112 3.56 -1.30 -15.20
N GLY A 1113 4.02 -2.28 -14.44
CA GLY A 1113 5.32 -2.89 -14.74
C GLY A 1113 6.58 -2.06 -14.49
N GLY A 1114 6.49 -1.02 -13.67
CA GLY A 1114 7.67 -0.20 -13.40
C GLY A 1114 7.34 1.27 -13.22
N PRO A 1115 8.37 2.12 -13.05
CA PRO A 1115 8.18 3.57 -12.86
C PRO A 1115 7.33 4.25 -13.93
N VAL A 1116 6.26 4.88 -13.48
CA VAL A 1116 5.38 5.60 -14.38
C VAL A 1116 5.04 6.94 -13.76
N VAL A 1117 4.55 7.86 -14.60
CA VAL A 1117 4.16 9.20 -14.15
C VAL A 1117 2.78 9.53 -14.75
N TRP A 1118 1.87 10.06 -13.94
CA TRP A 1118 0.56 10.39 -14.48
C TRP A 1118 0.50 11.82 -14.99
N LEU A 1119 -0.16 12.00 -16.12
CA LEU A 1119 -0.34 13.30 -16.79
C LEU A 1119 -1.79 13.48 -17.25
N SER A 1120 -2.28 14.71 -17.28
CA SER A 1120 -3.65 14.92 -17.78
C SER A 1120 -3.61 14.63 -19.28
N GLU A 1121 -4.76 14.33 -19.88
CA GLU A 1121 -4.84 14.07 -21.31
C GLU A 1121 -4.44 15.33 -22.11
N ALA A 1122 -4.85 16.49 -21.61
CA ALA A 1122 -4.53 17.74 -22.31
C ALA A 1122 -3.02 18.01 -22.32
N ASP A 1123 -2.34 17.81 -21.20
CA ASP A 1123 -0.90 18.06 -21.21
C ASP A 1123 -0.21 17.01 -22.09
N ALA A 1124 -0.60 15.75 -21.94
CA ALA A 1124 0.02 14.72 -22.74
C ALA A 1124 -0.19 14.99 -24.23
N LYS A 1125 -1.41 15.33 -24.62
CA LYS A 1125 -1.69 15.63 -26.03
C LYS A 1125 -0.88 16.84 -26.53
N ASP A 1126 -0.81 17.87 -25.70
CA ASP A 1126 -0.03 19.07 -26.04
C ASP A 1126 1.44 18.66 -26.35
N LEU A 1127 1.97 17.76 -25.52
CA LEU A 1127 3.35 17.31 -25.68
C LEU A 1127 3.56 16.15 -26.63
N GLY A 1128 2.51 15.64 -27.25
CA GLY A 1128 2.69 14.52 -28.17
C GLY A 1128 2.91 13.20 -27.45
N ILE A 1129 2.52 13.12 -26.19
CA ILE A 1129 2.72 11.87 -25.42
C ILE A 1129 1.46 11.00 -25.46
N ALA A 1130 1.62 9.73 -25.82
CA ALA A 1130 0.51 8.79 -25.80
C ALA A 1130 0.69 7.97 -24.54
N ASP A 1131 -0.37 7.31 -24.11
CA ASP A 1131 -0.32 6.48 -22.94
C ASP A 1131 0.80 5.44 -23.09
N ASN A 1132 1.56 5.26 -22.02
CA ASN A 1132 2.70 4.36 -21.97
C ASN A 1132 3.97 4.76 -22.75
N ASP A 1133 4.03 5.96 -23.32
CA ASP A 1133 5.24 6.41 -24.02
C ASP A 1133 6.38 6.66 -23.00
N TRP A 1134 7.65 6.47 -23.40
CA TRP A 1134 8.74 6.83 -22.49
C TRP A 1134 8.81 8.36 -22.43
N ILE A 1135 8.93 8.90 -21.22
CA ILE A 1135 9.03 10.35 -21.03
C ILE A 1135 10.18 10.69 -20.09
N GLU A 1136 10.58 11.96 -20.07
CA GLU A 1136 11.67 12.36 -19.19
C GLU A 1136 11.23 13.63 -18.46
N VAL A 1137 11.46 13.67 -17.15
CA VAL A 1137 11.03 14.76 -16.28
C VAL A 1137 12.33 15.27 -15.64
N PHE A 1138 12.59 16.57 -15.74
CA PHE A 1138 13.86 17.08 -15.24
C PHE A 1138 13.82 18.55 -14.87
N ASN A 1139 14.77 18.95 -14.05
CA ASN A 1139 14.90 20.35 -13.68
C ASN A 1139 16.33 20.59 -13.20
N SER A 1140 16.57 21.67 -12.45
CA SER A 1140 17.94 21.97 -11.99
C SER A 1140 18.57 20.85 -11.19
N ASN A 1141 17.75 20.23 -10.37
CA ASN A 1141 18.19 19.18 -9.46
C ASN A 1141 18.58 17.86 -10.09
N GLY A 1142 18.01 17.53 -11.25
CA GLY A 1142 18.36 16.26 -11.87
C GLY A 1142 17.28 15.80 -12.83
N ALA A 1143 17.31 14.53 -13.21
CA ALA A 1143 16.32 14.01 -14.15
C ALA A 1143 15.88 12.58 -13.87
N LEU A 1144 14.69 12.22 -14.38
CA LEU A 1144 14.19 10.85 -14.18
C LEU A 1144 13.55 10.40 -15.48
N THR A 1145 13.56 9.09 -15.73
CA THR A 1145 12.89 8.56 -16.93
C THR A 1145 11.71 7.68 -16.45
N ALA A 1146 10.63 7.64 -17.22
CA ALA A 1146 9.48 6.80 -16.78
C ALA A 1146 8.53 6.67 -17.97
N ARG A 1147 7.43 5.92 -17.80
CA ARG A 1147 6.42 5.83 -18.84
C ARG A 1147 5.23 6.62 -18.34
N ALA A 1148 4.52 7.19 -19.30
CA ALA A 1148 3.35 8.00 -18.96
C ALA A 1148 2.11 7.18 -18.78
N VAL A 1149 1.30 7.64 -17.84
CA VAL A 1149 -0.05 7.11 -17.68
C VAL A 1149 -0.87 8.39 -18.03
N VAL A 1150 -1.65 8.33 -19.09
CA VAL A 1150 -2.45 9.48 -19.49
C VAL A 1150 -3.85 9.30 -18.93
N SER A 1151 -4.41 10.35 -18.34
CA SER A 1151 -5.71 10.19 -17.70
C SER A 1151 -6.51 11.45 -17.56
N GLN A 1152 -7.81 11.29 -17.61
CA GLN A 1152 -8.71 12.42 -17.47
C GLN A 1152 -8.79 12.89 -16.04
N ARG A 1153 -8.45 12.05 -15.07
CA ARG A 1153 -8.66 12.48 -13.68
C ARG A 1153 -7.58 13.38 -13.11
N VAL A 1154 -6.52 13.60 -13.87
CA VAL A 1154 -5.41 14.47 -13.48
C VAL A 1154 -5.73 15.82 -14.15
N PRO A 1155 -5.86 16.91 -13.36
CA PRO A 1155 -6.18 18.23 -13.91
C PRO A 1155 -4.99 18.82 -14.67
N ALA A 1156 -5.26 19.57 -15.72
CA ALA A 1156 -4.14 20.16 -16.49
C ALA A 1156 -3.27 21.01 -15.53
N GLY A 1157 -1.96 21.02 -15.78
CA GLY A 1157 -1.05 21.78 -14.95
C GLY A 1157 -0.30 20.97 -13.91
N MET A 1158 -0.78 19.77 -13.59
CA MET A 1158 -0.02 18.98 -12.65
C MET A 1158 0.29 17.60 -13.16
N THR A 1159 1.32 17.02 -12.57
CA THR A 1159 1.72 15.68 -12.91
C THR A 1159 1.91 14.98 -11.55
N MET A 1160 1.69 13.68 -11.52
CA MET A 1160 1.84 12.92 -10.27
C MET A 1160 2.71 11.72 -10.49
N MET A 1161 3.84 11.67 -9.82
CA MET A 1161 4.66 10.48 -9.91
C MET A 1161 4.50 9.93 -8.49
N TYR A 1162 3.62 8.95 -8.35
CA TYR A 1162 3.34 8.41 -7.03
C TYR A 1162 4.60 7.88 -6.33
N HIS A 1163 4.71 8.37 -5.11
CA HIS A 1163 5.70 8.13 -4.14
C HIS A 1163 6.00 6.61 -3.89
N ALA A 1164 7.15 6.14 -3.83
CA ALA A 1164 8.34 5.66 -4.45
C ALA A 1164 8.39 4.40 -5.23
N GLN A 1165 8.81 4.66 -6.47
CA GLN A 1165 9.02 3.66 -7.49
C GLN A 1165 10.48 3.27 -7.66
N GLU A 1166 11.36 4.06 -7.05
CA GLU A 1166 12.81 3.87 -7.01
C GLU A 1166 13.62 3.56 -8.27
N ARG A 1167 14.88 3.16 -8.07
CA ARG A 1167 15.83 3.04 -9.18
C ARG A 1167 16.40 1.71 -9.68
N ILE A 1168 15.76 0.59 -9.36
CA ILE A 1168 16.33 -0.68 -9.74
C ILE A 1168 15.60 -1.45 -10.85
N VAL A 1169 14.35 -1.05 -11.12
CA VAL A 1169 13.56 -1.77 -12.12
C VAL A 1169 13.08 -0.97 -13.33
N ASN A 1170 13.33 -1.53 -14.52
CA ASN A 1170 12.81 -1.01 -15.76
C ASN A 1170 12.96 0.51 -15.97
N LEU A 1171 14.22 0.98 -15.97
CA LEU A 1171 14.54 2.38 -16.17
C LEU A 1171 15.62 2.46 -17.24
N PRO A 1172 15.36 3.19 -18.33
CA PRO A 1172 16.37 3.29 -19.38
C PRO A 1172 17.29 4.45 -19.05
N GLY A 1173 18.29 4.64 -19.90
CA GLY A 1173 19.21 5.76 -19.74
C GLY A 1173 18.51 7.09 -20.06
N SER A 1174 19.00 8.15 -19.43
CA SER A 1174 18.46 9.51 -19.58
C SER A 1174 19.12 10.23 -20.73
N GLU A 1175 18.35 10.97 -21.51
CA GLU A 1175 18.95 11.72 -22.61
C GLU A 1175 19.53 13.03 -22.04
N ILE A 1176 19.13 13.42 -20.84
CA ILE A 1176 19.61 14.66 -20.23
C ILE A 1176 20.99 14.50 -19.55
N THR A 1177 21.15 13.42 -18.78
CA THR A 1177 22.38 13.17 -18.03
C THR A 1177 23.27 12.10 -18.67
N GLN A 1178 22.74 11.35 -19.64
CA GLN A 1178 23.48 10.24 -20.25
C GLN A 1178 23.86 9.15 -19.22
N GLN A 1179 23.14 9.15 -18.12
CA GLN A 1179 23.32 8.15 -17.05
C GLN A 1179 21.98 7.39 -16.96
N ARG A 1180 21.93 6.37 -16.10
CA ARG A 1180 20.70 5.63 -15.85
C ARG A 1180 19.68 6.71 -15.42
N GLY A 1181 18.43 6.59 -15.85
CA GLY A 1181 17.45 7.60 -15.45
C GLY A 1181 17.35 7.66 -13.93
N GLY A 1182 17.03 8.84 -13.41
CA GLY A 1182 16.89 9.02 -11.98
C GLY A 1182 15.52 8.63 -11.43
N ILE A 1183 15.22 9.16 -10.25
CA ILE A 1183 13.97 8.85 -9.57
C ILE A 1183 13.28 10.15 -9.26
N HIS A 1184 12.12 10.06 -8.59
CA HIS A 1184 11.36 11.23 -8.27
C HIS A 1184 12.14 12.19 -7.41
N ASN A 1185 12.99 11.69 -6.52
CA ASN A 1185 13.73 12.65 -5.73
C ASN A 1185 14.99 13.18 -6.44
N SER A 1186 15.17 12.76 -7.69
CA SER A 1186 16.25 13.33 -8.51
C SER A 1186 15.84 14.76 -8.93
N VAL A 1187 14.56 15.11 -8.82
CA VAL A 1187 14.11 16.46 -9.21
C VAL A 1187 13.72 17.34 -8.05
N THR A 1188 13.97 16.89 -6.82
CA THR A 1188 13.64 17.72 -5.65
C THR A 1188 14.91 18.19 -4.96
N ARG A 1189 14.80 19.13 -4.04
CA ARG A 1189 15.99 19.57 -3.30
C ARG A 1189 15.45 20.11 -2.02
N ILE A 1190 16.17 19.90 -0.94
CA ILE A 1190 15.78 20.41 0.37
C ILE A 1190 15.88 21.95 0.47
N THR A 1191 14.82 22.60 0.94
CA THR A 1191 14.83 24.01 1.20
C THR A 1191 14.14 24.10 2.54
N PRO A 1192 14.87 24.46 3.60
CA PRO A 1192 14.31 24.57 4.95
C PRO A 1192 13.50 25.83 5.16
N LYS A 1193 12.76 25.88 6.26
CA LYS A 1193 11.99 27.07 6.57
C LYS A 1193 12.44 27.51 7.98
N PRO A 1194 12.75 28.82 8.20
CA PRO A 1194 13.20 29.31 9.51
C PRO A 1194 12.32 29.07 10.69
N THR A 1195 11.00 29.18 10.48
CA THR A 1195 10.00 28.99 11.55
C THR A 1195 10.12 27.57 12.16
N HIS A 1196 10.64 26.64 11.36
CA HIS A 1196 10.79 25.28 11.86
C HIS A 1196 12.12 25.06 12.58
N MET A 1197 12.89 26.15 12.75
CA MET A 1197 14.15 26.08 13.47
C MET A 1197 14.04 26.69 14.88
N ILE A 1198 12.89 27.28 15.19
CA ILE A 1198 12.71 27.94 16.49
C ILE A 1198 12.85 26.93 17.67
N GLY A 1199 13.67 27.28 18.66
CA GLY A 1199 13.86 26.47 19.84
C GLY A 1199 13.81 27.32 21.12
N GLY A 1200 14.13 26.68 22.26
CA GLY A 1200 14.14 27.34 23.55
C GLY A 1200 12.92 28.18 23.88
N TYR A 1201 11.75 27.73 23.47
CA TYR A 1201 10.56 28.53 23.73
C TYR A 1201 9.28 27.76 24.00
N ALA A 1202 9.17 27.19 25.21
CA ALA A 1202 7.98 26.42 25.60
C ALA A 1202 7.61 25.34 24.55
N HIS A 1203 6.47 25.49 23.89
CA HIS A 1203 6.05 24.51 22.88
C HIS A 1203 6.95 24.49 21.67
N LEU A 1204 7.73 25.55 21.48
CA LEU A 1204 8.66 25.56 20.37
C LEU A 1204 10.05 25.34 20.96
N ALA A 1205 10.32 24.10 21.36
CA ALA A 1205 11.61 23.65 21.92
C ALA A 1205 11.83 22.25 21.31
N TYR A 1206 13.09 21.83 21.20
CA TYR A 1206 13.43 20.58 20.57
C TYR A 1206 13.02 19.27 21.23
N GLY A 1207 12.84 18.29 20.36
CA GLY A 1207 12.54 16.92 20.73
C GLY A 1207 12.83 16.09 19.48
N PHE A 1208 13.46 14.94 19.68
CA PHE A 1208 13.75 14.05 18.56
C PHE A 1208 12.38 13.80 17.85
N ASN A 1209 12.29 14.17 16.58
CA ASN A 1209 11.05 14.01 15.80
C ASN A 1209 9.90 14.92 16.28
N TYR A 1210 10.15 15.79 17.25
CA TYR A 1210 9.09 16.68 17.76
C TYR A 1210 9.09 18.03 17.01
N TYR A 1211 10.27 18.53 16.63
CA TYR A 1211 10.37 19.77 15.88
C TYR A 1211 11.62 19.73 15.02
N GLY A 1212 11.74 20.68 14.10
CA GLY A 1212 12.88 20.72 13.22
C GLY A 1212 12.42 20.97 11.79
N THR A 1213 13.36 21.28 10.93
CA THR A 1213 13.02 21.54 9.54
C THR A 1213 12.43 20.28 8.88
N VAL A 1214 11.56 20.51 7.87
CA VAL A 1214 10.88 19.42 7.19
C VAL A 1214 11.18 19.29 5.71
N GLY A 1215 11.11 18.06 5.23
CA GLY A 1215 11.42 17.78 3.86
C GLY A 1215 10.29 18.01 2.88
N SER A 1216 9.67 19.19 2.92
CA SER A 1216 8.55 19.53 2.02
C SER A 1216 8.98 19.35 0.55
N ASN A 1217 8.02 19.10 -0.34
CA ASN A 1217 8.37 18.81 -1.74
C ASN A 1217 7.30 19.11 -2.83
N ARG A 1218 6.07 19.44 -2.42
CA ARG A 1218 5.04 19.62 -3.40
C ARG A 1218 5.06 20.87 -4.31
N ASP A 1219 5.73 21.94 -3.88
CA ASP A 1219 5.82 23.18 -4.65
C ASP A 1219 6.67 23.01 -5.91
N GLU A 1220 7.44 21.94 -5.98
CA GLU A 1220 8.31 21.68 -7.12
C GLU A 1220 7.68 21.66 -8.52
N PHE A 1221 8.39 22.24 -9.50
CA PHE A 1221 7.97 22.22 -10.91
C PHE A 1221 9.03 21.51 -11.71
N VAL A 1222 8.65 20.87 -12.82
CA VAL A 1222 9.61 20.12 -13.60
C VAL A 1222 9.30 20.35 -15.06
N VAL A 1223 10.24 20.02 -15.92
CA VAL A 1223 10.03 20.13 -17.36
C VAL A 1223 9.70 18.71 -17.78
N VAL A 1224 8.69 18.54 -18.61
CA VAL A 1224 8.31 17.22 -19.08
C VAL A 1224 8.40 17.18 -20.59
N ARG A 1225 8.79 16.03 -21.11
CA ARG A 1225 8.89 15.87 -22.56
C ARG A 1225 8.91 14.39 -22.92
N LYS A 1226 8.48 14.07 -24.13
CA LYS A 1226 8.55 12.70 -24.63
C LYS A 1226 10.01 12.34 -24.95
N MET A 1227 10.44 11.11 -24.67
CA MET A 1227 11.83 10.78 -24.98
C MET A 1227 11.95 10.43 -26.45
N LYS A 1228 13.19 10.45 -26.95
CA LYS A 1228 13.40 10.08 -28.34
C LYS A 1228 14.20 8.78 -28.38
N ASN A 1229 15.45 8.84 -27.95
CA ASN A 1229 16.29 7.67 -27.94
C ASN A 1229 16.11 6.95 -26.61
N ILE A 1230 15.82 5.65 -26.67
CA ILE A 1230 15.66 4.82 -25.46
C ILE A 1230 16.88 3.87 -25.45
N ASP A 1231 17.98 4.31 -24.82
CA ASP A 1231 19.20 3.49 -24.73
C ASP A 1231 19.30 2.92 -23.32
N TRP A 1232 19.49 1.62 -23.24
CA TRP A 1232 19.54 0.99 -21.95
C TRP A 1232 20.90 0.95 -21.28
N LEU A 1233 21.95 1.31 -22.02
CA LEU A 1233 23.28 1.41 -21.42
C LEU A 1233 23.76 0.12 -20.76
N ASP A 1234 23.44 -1.02 -21.35
CA ASP A 1234 23.81 -2.29 -20.77
C ASP A 1234 24.56 -3.18 -21.72
N GLY A 1235 24.87 -2.66 -22.91
CA GLY A 1235 25.63 -3.46 -23.87
C GLY A 1235 24.81 -4.59 -24.46
N GLU A 1236 23.50 -4.57 -24.24
CA GLU A 1236 22.66 -5.64 -24.76
C GLU A 1236 22.30 -5.43 -26.23
N GLY A 1237 22.49 -4.22 -26.74
CA GLY A 1237 22.14 -3.95 -28.12
C GLY A 1237 20.63 -4.00 -28.33
N ASN A 1238 19.88 -3.81 -27.25
CA ASN A 1238 18.43 -3.84 -27.38
C ASN A 1238 17.82 -2.49 -27.01
N ASP A 1239 18.09 -1.48 -27.83
CA ASP A 1239 17.61 -0.14 -27.61
C ASP A 1239 16.56 0.26 -28.66
N GLN A 1240 15.74 1.26 -28.34
CA GLN A 1240 14.70 1.69 -29.25
C GLN A 1240 14.75 3.16 -29.48
N VAL A 1241 14.00 3.60 -30.48
CA VAL A 1241 13.87 5.02 -30.80
C VAL A 1241 12.37 5.33 -30.89
N GLN A 1242 11.86 6.34 -30.18
CA GLN A 1242 10.44 6.66 -30.29
C GLN A 1242 10.31 7.70 -31.40
N GLU A 1243 9.51 7.43 -32.43
CA GLU A 1243 9.39 8.38 -33.52
C GLU A 1243 8.76 9.70 -33.12
N SER A 1244 8.66 10.60 -34.09
CA SER A 1244 8.08 11.93 -33.87
C SER A 1244 8.66 12.51 -32.59
N MET B 1 -39.94 -30.11 -9.19
CA MET B 1 -39.39 -29.46 -7.97
C MET B 1 -38.31 -30.35 -7.38
N LYS B 2 -37.07 -29.86 -7.39
CA LYS B 2 -35.92 -30.57 -6.81
C LYS B 2 -35.10 -29.49 -6.13
N ILE B 3 -35.03 -29.52 -4.81
CA ILE B 3 -34.31 -28.47 -4.13
C ILE B 3 -32.79 -28.80 -4.07
N ARG B 4 -31.94 -27.81 -4.32
CA ARG B 4 -30.50 -27.98 -4.20
C ARG B 4 -30.05 -26.73 -3.47
N SER B 5 -28.88 -26.75 -2.89
CA SER B 5 -28.39 -25.58 -2.18
C SER B 5 -27.00 -25.19 -2.71
N GLN B 6 -26.65 -23.94 -2.46
CA GLN B 6 -25.37 -23.40 -2.87
C GLN B 6 -25.05 -22.21 -1.99
N VAL B 7 -23.77 -21.95 -1.76
CA VAL B 7 -23.40 -20.78 -0.98
C VAL B 7 -23.25 -19.70 -2.04
N GLY B 8 -24.09 -18.68 -1.95
CA GLY B 8 -24.02 -17.59 -2.89
C GLY B 8 -23.15 -16.51 -2.28
N MET B 9 -22.83 -15.51 -3.09
CA MET B 9 -22.03 -14.37 -2.65
C MET B 9 -22.65 -13.02 -3.13
N VAL B 10 -22.60 -12.01 -2.26
CA VAL B 10 -23.03 -10.69 -2.61
C VAL B 10 -21.82 -9.80 -2.29
N LEU B 11 -21.47 -8.92 -3.23
CA LEU B 11 -20.38 -7.96 -3.03
C LEU B 11 -21.00 -6.57 -2.99
N ASN B 12 -20.77 -5.83 -1.93
CA ASN B 12 -21.34 -4.48 -1.84
C ASN B 12 -20.36 -3.44 -2.51
N LEU B 13 -20.64 -3.09 -3.76
CA LEU B 13 -19.76 -2.18 -4.53
C LEU B 13 -19.69 -0.83 -3.89
N ASP B 14 -20.72 -0.49 -3.12
CA ASP B 14 -20.73 0.79 -2.43
C ASP B 14 -19.58 0.84 -1.46
N LYS B 15 -19.17 -0.29 -0.92
CA LYS B 15 -18.06 -0.27 0.03
C LYS B 15 -16.70 -0.65 -0.56
N CYS B 16 -16.64 -1.11 -1.81
CA CYS B 16 -15.38 -1.51 -2.42
C CYS B 16 -14.45 -0.34 -2.55
N ILE B 17 -13.23 -0.53 -2.08
CA ILE B 17 -12.21 0.52 -2.12
C ILE B 17 -11.19 0.25 -3.21
N GLY B 18 -11.49 -0.70 -4.12
CA GLY B 18 -10.60 -1.00 -5.23
C GLY B 18 -9.14 -1.32 -4.91
N CYS B 19 -8.93 -2.03 -3.78
CA CYS B 19 -7.58 -2.33 -3.35
C CYS B 19 -6.92 -3.60 -3.92
N HIS B 20 -7.71 -4.56 -4.43
CA HIS B 20 -7.11 -5.78 -5.03
C HIS B 20 -6.50 -6.77 -4.02
N THR B 21 -6.73 -6.58 -2.72
CA THR B 21 -6.14 -7.54 -1.78
C THR B 21 -6.63 -8.96 -2.11
N CYS B 22 -7.92 -9.05 -2.37
CA CYS B 22 -8.63 -10.26 -2.80
C CYS B 22 -7.90 -10.93 -3.95
N SER B 23 -7.43 -10.14 -4.94
CA SER B 23 -6.72 -10.70 -6.09
C SER B 23 -5.32 -11.23 -5.73
N VAL B 24 -4.64 -10.56 -4.79
CA VAL B 24 -3.28 -11.02 -4.45
C VAL B 24 -3.31 -12.30 -3.62
N THR B 25 -4.17 -12.36 -2.61
CA THR B 25 -4.22 -13.62 -1.84
C THR B 25 -4.63 -14.79 -2.76
N ALA B 26 -5.66 -14.61 -3.58
CA ALA B 26 -6.09 -15.68 -4.51
C ALA B 26 -4.97 -16.15 -5.42
N LYS B 27 -4.18 -15.21 -5.93
CA LYS B 27 -3.06 -15.56 -6.80
C LYS B 27 -1.97 -16.38 -6.09
N ASN B 28 -1.58 -15.91 -4.90
CA ASN B 28 -0.58 -16.60 -4.11
C ASN B 28 -1.00 -18.05 -3.86
N VAL B 29 -2.24 -18.25 -3.44
CA VAL B 29 -2.67 -19.61 -3.19
C VAL B 29 -2.88 -20.47 -4.43
N TRP B 30 -3.69 -20.00 -5.38
CA TRP B 30 -4.07 -20.87 -6.51
C TRP B 30 -3.40 -20.78 -7.88
N THR B 31 -2.86 -19.63 -8.25
CA THR B 31 -2.34 -19.53 -9.60
C THR B 31 -0.93 -18.99 -9.76
N SER B 32 -0.03 -19.40 -8.87
CA SER B 32 1.32 -18.91 -9.02
C SER B 32 2.20 -19.88 -9.84
N ARG B 33 1.59 -20.91 -10.40
CA ARG B 33 2.33 -21.87 -11.23
C ARG B 33 2.57 -21.37 -12.65
N GLU B 34 3.62 -21.88 -13.30
CA GLU B 34 3.88 -21.55 -14.71
C GLU B 34 2.70 -22.18 -15.45
N GLY B 35 2.13 -21.44 -16.41
CA GLY B 35 0.98 -21.95 -17.13
C GLY B 35 -0.25 -21.13 -16.77
N VAL B 36 -0.33 -20.65 -15.53
CA VAL B 36 -1.45 -19.84 -15.12
C VAL B 36 -0.98 -18.57 -14.44
N GLU B 37 0.31 -18.22 -14.61
CA GLU B 37 0.82 -17.02 -13.96
C GLU B 37 0.05 -15.79 -14.45
N TYR B 38 -0.46 -15.84 -15.66
CA TYR B 38 -1.22 -14.72 -16.23
C TYR B 38 -2.71 -14.77 -15.81
N ALA B 39 -3.13 -15.86 -15.19
CA ALA B 39 -4.57 -16.05 -14.82
C ALA B 39 -4.95 -15.51 -13.45
N TRP B 40 -5.92 -14.61 -13.39
CA TRP B 40 -6.35 -14.04 -12.10
C TRP B 40 -7.81 -14.48 -11.77
N PHE B 41 -7.98 -15.62 -11.08
CA PHE B 41 -9.30 -16.14 -10.76
C PHE B 41 -10.21 -15.06 -10.20
N ASN B 42 -9.67 -14.24 -9.30
CA ASN B 42 -10.36 -13.10 -8.76
C ASN B 42 -9.56 -11.93 -9.39
N ASN B 43 -10.25 -10.96 -10.00
CA ASN B 43 -9.54 -9.79 -10.53
C ASN B 43 -10.45 -8.62 -10.32
N VAL B 44 -9.90 -7.43 -10.26
CA VAL B 44 -10.68 -6.23 -10.01
C VAL B 44 -10.46 -5.27 -11.15
N GLU B 45 -11.54 -4.73 -11.68
CA GLU B 45 -11.43 -3.79 -12.79
C GLU B 45 -11.96 -2.43 -12.40
N THR B 46 -11.34 -1.37 -12.90
CA THR B 46 -11.87 -0.05 -12.65
C THR B 46 -12.77 0.27 -13.87
N LYS B 47 -13.96 0.82 -13.61
CA LYS B 47 -14.88 1.17 -14.67
C LYS B 47 -15.04 2.67 -14.65
N PRO B 48 -15.22 3.29 -15.83
CA PRO B 48 -15.29 2.69 -17.17
C PRO B 48 -14.00 2.09 -17.65
N GLY B 49 -14.12 0.99 -18.40
CA GLY B 49 -12.96 0.32 -18.93
C GLY B 49 -13.37 -0.92 -19.70
N GLN B 50 -12.43 -1.58 -20.35
CA GLN B 50 -12.78 -2.77 -21.11
C GLN B 50 -12.45 -4.04 -20.34
N GLY B 51 -11.62 -3.92 -19.31
CA GLY B 51 -11.38 -5.09 -18.47
C GLY B 51 -10.41 -6.15 -18.94
N PHE B 52 -10.50 -7.29 -18.28
CA PHE B 52 -9.59 -8.42 -18.45
C PHE B 52 -10.35 -9.75 -18.61
N PRO B 53 -10.26 -10.40 -19.79
CA PRO B 53 -9.51 -9.96 -20.97
C PRO B 53 -10.20 -8.74 -21.54
N THR B 54 -9.52 -8.04 -22.43
CA THR B 54 -10.02 -6.80 -23.00
C THR B 54 -11.37 -6.94 -23.68
N ASP B 55 -12.36 -6.19 -23.22
CA ASP B 55 -13.70 -6.16 -23.80
C ASP B 55 -14.42 -7.49 -23.64
N TRP B 56 -14.21 -8.15 -22.49
CA TRP B 56 -14.81 -9.45 -22.24
C TRP B 56 -16.33 -9.38 -22.28
N GLU B 57 -16.89 -8.21 -22.00
CA GLU B 57 -18.37 -8.02 -22.02
C GLU B 57 -18.97 -7.97 -23.44
N ASN B 58 -18.12 -7.87 -24.45
CA ASN B 58 -18.59 -7.80 -25.82
C ASN B 58 -18.85 -9.21 -26.34
N GLN B 59 -20.09 -9.67 -26.23
CA GLN B 59 -20.40 -11.02 -26.65
C GLN B 59 -20.51 -11.19 -28.19
N GLU B 60 -20.71 -10.10 -28.93
CA GLU B 60 -20.77 -10.21 -30.39
C GLU B 60 -19.38 -10.61 -30.86
N LYS B 61 -18.39 -10.06 -30.16
CA LYS B 61 -17.00 -10.36 -30.42
C LYS B 61 -16.56 -11.72 -29.85
N TYR B 62 -16.84 -11.97 -28.58
CA TYR B 62 -16.38 -13.20 -27.93
C TYR B 62 -17.30 -14.43 -27.94
N LYS B 63 -18.58 -14.23 -28.28
CA LYS B 63 -19.56 -15.33 -28.36
C LYS B 63 -19.84 -16.08 -27.07
N GLY B 64 -19.84 -15.39 -25.93
CA GLY B 64 -20.11 -16.08 -24.69
C GLY B 64 -21.57 -16.14 -24.34
N GLY B 65 -21.91 -17.03 -23.42
CA GLY B 65 -23.27 -17.14 -22.96
C GLY B 65 -24.29 -17.84 -23.84
N TRP B 66 -25.56 -17.63 -23.49
CA TRP B 66 -26.68 -18.23 -24.19
C TRP B 66 -27.50 -17.30 -25.05
N ILE B 67 -28.17 -17.86 -26.05
CA ILE B 67 -29.13 -17.08 -26.82
C ILE B 67 -30.43 -17.85 -26.70
N ARG B 68 -31.54 -17.17 -26.84
CA ARG B 68 -32.83 -17.82 -26.81
C ARG B 68 -33.28 -17.79 -28.28
N LYS B 69 -33.39 -18.95 -28.89
CA LYS B 69 -33.80 -19.03 -30.30
C LYS B 69 -35.27 -18.64 -30.47
N ILE B 70 -35.72 -18.53 -31.73
CA ILE B 70 -37.11 -18.14 -32.00
C ILE B 70 -38.13 -19.18 -31.57
N ASN B 71 -37.74 -20.46 -31.55
CA ASN B 71 -38.65 -21.49 -31.10
C ASN B 71 -38.73 -21.56 -29.57
N GLY B 72 -38.08 -20.63 -28.86
CA GLY B 72 -38.08 -20.63 -27.40
C GLY B 72 -36.94 -21.41 -26.72
N LYS B 73 -36.19 -22.21 -27.49
CA LYS B 73 -35.11 -23.01 -26.93
C LYS B 73 -33.81 -22.24 -26.75
N LEU B 74 -33.02 -22.72 -25.79
CA LEU B 74 -31.73 -22.16 -25.41
C LEU B 74 -30.64 -22.83 -26.21
N GLN B 75 -29.69 -22.04 -26.65
CA GLN B 75 -28.55 -22.54 -27.36
C GLN B 75 -27.34 -21.69 -26.97
N PRO B 76 -26.15 -22.30 -26.84
CA PRO B 76 -25.01 -21.44 -26.49
C PRO B 76 -24.79 -20.48 -27.65
N ARG B 77 -24.43 -19.24 -27.35
CA ARG B 77 -24.20 -18.28 -28.42
C ARG B 77 -23.12 -18.81 -29.39
N MET B 78 -22.19 -19.62 -28.87
CA MET B 78 -21.09 -20.23 -29.61
C MET B 78 -21.57 -21.15 -30.72
N GLY B 79 -22.76 -21.73 -30.50
CA GLY B 79 -23.34 -22.63 -31.47
C GLY B 79 -23.96 -23.84 -30.82
N ASN B 80 -24.79 -24.56 -31.59
CA ASN B 80 -25.39 -25.78 -31.05
C ASN B 80 -24.33 -26.89 -30.98
N ARG B 81 -24.70 -28.10 -30.60
CA ARG B 81 -23.68 -29.11 -30.47
C ARG B 81 -22.81 -29.37 -31.71
N ALA B 82 -23.40 -29.49 -32.89
CA ALA B 82 -22.56 -29.71 -34.11
C ALA B 82 -21.79 -28.46 -34.50
N MET B 83 -22.40 -27.28 -34.43
CA MET B 83 -21.66 -26.05 -34.76
C MET B 83 -20.40 -25.99 -33.89
N LEU B 84 -20.55 -26.33 -32.61
CA LEU B 84 -19.40 -26.28 -31.68
C LEU B 84 -18.27 -27.25 -32.06
N LEU B 85 -18.63 -28.51 -32.33
CA LEU B 85 -17.65 -29.52 -32.74
C LEU B 85 -16.96 -29.11 -34.04
N GLY B 86 -17.70 -28.41 -34.90
CA GLY B 86 -17.12 -27.98 -36.15
C GLY B 86 -16.05 -26.91 -35.97
N LYS B 87 -15.98 -26.31 -34.78
CA LYS B 87 -14.98 -25.28 -34.53
C LYS B 87 -13.81 -25.83 -33.72
N ILE B 88 -13.83 -27.12 -33.42
CA ILE B 88 -12.80 -27.68 -32.56
C ILE B 88 -11.35 -27.70 -33.00
N PHE B 89 -11.05 -27.69 -34.30
CA PHE B 89 -9.64 -27.77 -34.67
C PHE B 89 -8.93 -26.47 -34.42
N ALA B 90 -9.70 -25.38 -34.39
CA ALA B 90 -9.21 -24.01 -34.12
C ALA B 90 -10.42 -23.10 -33.73
N ASN B 91 -10.67 -22.96 -32.42
CA ASN B 91 -11.75 -22.13 -31.89
C ASN B 91 -11.56 -20.73 -32.53
N PRO B 92 -12.46 -20.33 -33.42
CA PRO B 92 -12.28 -19.02 -34.05
C PRO B 92 -12.51 -17.80 -33.17
N HIS B 93 -13.07 -18.00 -31.98
CA HIS B 93 -13.35 -16.87 -31.11
C HIS B 93 -12.39 -16.80 -29.93
N LEU B 94 -11.55 -17.81 -29.77
CA LEU B 94 -10.63 -17.86 -28.65
C LEU B 94 -9.81 -16.61 -28.35
N PRO B 95 -9.81 -16.18 -27.09
CA PRO B 95 -8.99 -14.98 -26.79
C PRO B 95 -7.54 -15.43 -26.77
N GLY B 96 -6.66 -14.58 -27.30
CA GLY B 96 -5.25 -14.93 -27.33
C GLY B 96 -4.54 -14.38 -26.08
N ILE B 97 -3.31 -14.83 -25.83
CA ILE B 97 -2.60 -14.36 -24.65
C ILE B 97 -2.55 -12.83 -24.59
N ASP B 98 -2.45 -12.17 -25.73
CA ASP B 98 -2.41 -10.72 -25.73
C ASP B 98 -3.72 -10.02 -25.33
N ASP B 99 -4.84 -10.73 -25.33
CA ASP B 99 -6.08 -10.11 -24.91
C ASP B 99 -6.08 -10.00 -23.38
N TYR B 100 -5.25 -10.81 -22.73
CA TYR B 100 -5.07 -10.80 -21.27
C TYR B 100 -3.85 -9.81 -21.11
N TYR B 101 -2.63 -10.36 -21.22
CA TYR B 101 -1.35 -9.60 -21.22
C TYR B 101 -0.26 -10.65 -21.31
N GLU B 102 0.92 -10.28 -21.80
CA GLU B 102 2.05 -11.20 -21.87
C GLU B 102 2.67 -11.14 -20.49
N PRO B 103 2.65 -12.26 -19.75
CA PRO B 103 3.22 -12.30 -18.40
C PRO B 103 4.73 -12.07 -18.44
N PHE B 104 5.20 -11.27 -17.49
CA PHE B 104 6.60 -10.86 -17.45
C PHE B 104 7.22 -10.99 -16.06
N ASP B 105 8.55 -10.96 -16.02
CA ASP B 105 9.30 -11.01 -14.79
C ASP B 105 10.45 -10.02 -15.04
N PHE B 106 11.37 -9.86 -14.10
CA PHE B 106 12.48 -8.92 -14.29
C PHE B 106 13.78 -9.59 -13.95
N ASP B 107 14.86 -9.09 -14.53
CA ASP B 107 16.17 -9.68 -14.27
C ASP B 107 16.81 -9.06 -13.02
N TYR B 108 16.20 -9.33 -11.86
CA TYR B 108 16.74 -8.82 -10.60
C TYR B 108 18.21 -9.24 -10.37
N GLN B 109 18.57 -10.45 -10.81
CA GLN B 109 19.92 -10.96 -10.56
C GLN B 109 21.00 -10.10 -11.19
N ASN B 110 20.62 -9.33 -12.20
CA ASN B 110 21.59 -8.44 -12.81
C ASN B 110 22.04 -7.37 -11.77
N LEU B 111 21.17 -7.01 -10.84
CA LEU B 111 21.50 -6.01 -9.80
C LEU B 111 22.55 -6.60 -8.87
N HIS B 112 22.52 -7.93 -8.71
CA HIS B 112 23.46 -8.62 -7.85
C HIS B 112 24.77 -8.96 -8.51
N THR B 113 24.69 -9.44 -9.74
CA THR B 113 25.88 -9.92 -10.46
C THR B 113 26.56 -8.99 -11.46
N ALA B 114 26.05 -7.78 -11.67
CA ALA B 114 26.69 -6.88 -12.62
C ALA B 114 28.20 -6.80 -12.28
N PRO B 115 29.06 -6.86 -13.29
CA PRO B 115 30.52 -6.80 -13.15
C PRO B 115 31.05 -5.47 -12.69
N GLU B 116 32.21 -5.51 -12.06
CA GLU B 116 32.88 -4.33 -11.58
C GLU B 116 33.24 -3.50 -12.83
N GLY B 117 33.28 -2.19 -12.67
CA GLY B 117 33.62 -1.34 -13.79
C GLY B 117 32.48 -1.12 -14.78
N SER B 118 31.21 -1.33 -14.36
CA SER B 118 30.09 -1.09 -15.30
C SER B 118 30.04 0.40 -15.68
N LYS B 119 29.75 0.69 -16.92
CA LYS B 119 29.69 2.08 -17.38
C LYS B 119 28.53 2.87 -16.74
N SER B 120 27.47 2.17 -16.39
CA SER B 120 26.31 2.82 -15.81
C SER B 120 25.72 1.97 -14.71
N GLN B 121 24.81 2.55 -13.96
CA GLN B 121 24.18 1.81 -12.89
C GLN B 121 23.42 0.62 -13.45
N PRO B 122 23.59 -0.55 -12.85
CA PRO B 122 22.89 -1.75 -13.33
C PRO B 122 21.39 -1.60 -13.09
N ILE B 123 20.61 -2.30 -13.90
CA ILE B 123 19.16 -2.23 -13.75
C ILE B 123 18.49 -3.60 -14.12
N ALA B 124 17.27 -3.80 -13.64
CA ALA B 124 16.58 -5.04 -13.91
C ALA B 124 15.54 -4.83 -15.01
N ARG B 125 15.76 -5.39 -16.19
CA ARG B 125 14.81 -5.24 -17.31
C ARG B 125 13.81 -6.39 -17.36
N PRO B 126 12.70 -6.16 -18.06
CA PRO B 126 11.64 -7.15 -18.19
C PRO B 126 11.98 -8.28 -19.15
N ARG B 127 11.44 -9.46 -18.87
CA ARG B 127 11.66 -10.67 -19.66
C ARG B 127 10.31 -11.37 -19.70
N SER B 128 10.00 -11.97 -20.83
CA SER B 128 8.73 -12.65 -20.94
C SER B 128 8.74 -14.00 -20.24
N LEU B 129 7.61 -14.34 -19.63
CA LEU B 129 7.49 -15.62 -18.96
C LEU B 129 6.97 -16.66 -19.98
N ILE B 130 6.68 -16.24 -21.20
CA ILE B 130 6.23 -17.18 -22.23
C ILE B 130 7.45 -17.65 -23.10
N THR B 131 8.30 -16.70 -23.46
CA THR B 131 9.46 -16.97 -24.28
C THR B 131 10.81 -16.90 -23.57
N GLY B 132 10.88 -16.24 -22.41
CA GLY B 132 12.18 -16.15 -21.73
C GLY B 132 13.05 -15.06 -22.35
N GLU B 133 12.53 -14.34 -23.34
CA GLU B 133 13.29 -13.28 -24.00
C GLU B 133 13.12 -11.91 -23.35
N ARG B 134 14.08 -11.04 -23.62
CA ARG B 134 14.02 -9.67 -23.15
C ARG B 134 12.79 -9.03 -23.79
N MET B 135 12.08 -8.19 -23.04
CA MET B 135 10.95 -7.42 -23.56
C MET B 135 11.50 -5.99 -23.59
N ALA B 136 11.33 -5.34 -24.72
CA ALA B 136 11.80 -3.98 -24.90
C ALA B 136 10.93 -3.05 -24.05
N LYS B 137 9.66 -3.44 -23.89
CA LYS B 137 8.74 -2.61 -23.14
C LYS B 137 7.55 -3.41 -22.66
N ILE B 138 7.06 -3.11 -21.46
CA ILE B 138 5.85 -3.77 -21.00
C ILE B 138 4.70 -2.91 -21.56
N GLU B 139 3.83 -3.52 -22.34
CA GLU B 139 2.72 -2.78 -22.95
C GLU B 139 1.35 -3.04 -22.35
N LYS B 140 1.23 -4.02 -21.49
CA LYS B 140 -0.09 -4.32 -20.96
C LYS B 140 0.04 -5.15 -19.71
N GLY B 141 -1.05 -5.21 -18.94
CA GLY B 141 -1.05 -5.96 -17.70
C GLY B 141 -2.50 -6.22 -17.38
N PRO B 142 -2.79 -7.06 -16.38
CA PRO B 142 -4.17 -7.38 -15.98
C PRO B 142 -5.00 -6.25 -15.39
N ASN B 143 -4.35 -5.19 -14.94
CA ASN B 143 -5.06 -4.08 -14.31
C ASN B 143 -4.55 -2.80 -14.91
N TRP B 144 -4.30 -2.85 -16.21
CA TRP B 144 -3.72 -1.71 -16.92
C TRP B 144 -4.52 -0.40 -16.87
N GLU B 145 -5.85 -0.50 -16.82
CA GLU B 145 -6.76 0.65 -16.76
C GLU B 145 -7.11 1.11 -15.37
N ASP B 146 -6.42 0.58 -14.36
CA ASP B 146 -6.68 0.95 -12.96
C ASP B 146 -6.82 2.46 -12.80
N ASP B 147 -7.84 2.90 -12.04
CA ASP B 147 -8.08 4.31 -11.77
C ASP B 147 -8.04 5.26 -13.01
N LEU B 148 -8.77 4.86 -14.05
CA LEU B 148 -8.87 5.68 -15.24
C LEU B 148 -7.52 5.90 -15.93
N GLY B 149 -6.75 4.82 -15.99
CA GLY B 149 -5.44 4.84 -16.64
C GLY B 149 -5.68 4.63 -18.13
N GLY B 150 -5.59 5.70 -18.91
CA GLY B 150 -5.83 5.62 -20.34
C GLY B 150 -6.77 6.74 -20.80
N GLU B 151 -6.75 7.05 -22.09
CA GLU B 151 -7.61 8.09 -22.61
C GLU B 151 -9.07 7.72 -22.49
N PHE B 152 -9.89 8.69 -22.14
CA PHE B 152 -11.31 8.49 -22.00
C PHE B 152 -11.89 7.79 -23.25
N ASP B 153 -11.55 8.25 -24.45
CA ASP B 153 -12.07 7.62 -25.68
C ASP B 153 -11.71 6.14 -25.75
N LYS B 154 -10.66 5.73 -25.07
CA LYS B 154 -10.25 4.35 -25.07
C LYS B 154 -11.06 3.55 -24.02
N LEU B 155 -11.12 4.09 -22.82
CA LEU B 155 -11.84 3.46 -21.70
C LEU B 155 -13.36 3.42 -21.99
N ALA B 156 -13.87 4.47 -22.65
CA ALA B 156 -15.28 4.59 -22.94
C ALA B 156 -15.81 3.63 -23.98
N LYS B 157 -14.93 2.80 -24.56
CA LYS B 157 -15.40 1.77 -25.47
C LYS B 157 -16.11 0.70 -24.60
N ASP B 158 -15.98 0.85 -23.28
CA ASP B 158 -16.65 -0.01 -22.26
C ASP B 158 -18.03 -0.34 -22.81
N LYS B 159 -18.34 -1.62 -22.96
CA LYS B 159 -19.64 -2.06 -23.48
C LYS B 159 -20.84 -1.46 -22.67
N ASN B 160 -20.63 -1.18 -21.40
CA ASN B 160 -21.70 -0.65 -20.58
C ASN B 160 -22.10 0.77 -20.91
N PHE B 161 -21.35 1.43 -21.79
CA PHE B 161 -21.77 2.78 -22.18
C PHE B 161 -22.79 2.73 -23.34
N ASP B 162 -23.16 1.51 -23.76
CA ASP B 162 -24.16 1.34 -24.84
C ASP B 162 -25.44 2.13 -24.58
N ASN B 163 -25.93 2.82 -25.59
CA ASN B 163 -27.14 3.60 -25.46
C ASN B 163 -27.02 4.79 -24.49
N ILE B 164 -25.81 5.23 -24.20
CA ILE B 164 -25.66 6.39 -23.31
C ILE B 164 -24.95 7.51 -24.08
N GLN B 165 -25.40 8.75 -23.87
CA GLN B 165 -24.75 9.90 -24.50
C GLN B 165 -23.52 10.07 -23.63
N LYS B 166 -22.40 9.51 -24.04
CA LYS B 166 -21.21 9.51 -23.19
C LYS B 166 -20.22 10.69 -23.19
N ALA B 167 -20.35 11.61 -24.14
CA ALA B 167 -19.45 12.74 -24.22
C ALA B 167 -19.34 13.56 -22.97
N MET B 168 -20.46 13.85 -22.32
CA MET B 168 -20.39 14.71 -21.11
C MET B 168 -19.47 14.16 -20.04
N TYR B 169 -19.27 12.85 -20.06
CA TYR B 169 -18.43 12.22 -19.03
C TYR B 169 -16.93 12.37 -19.29
N SER B 170 -16.56 12.94 -20.43
CA SER B 170 -15.15 13.19 -20.70
C SER B 170 -14.74 14.58 -20.11
N GLN B 171 -15.69 15.28 -19.49
CA GLN B 171 -15.36 16.57 -18.91
C GLN B 171 -14.89 16.37 -17.48
N PHE B 172 -13.77 17.02 -17.16
CA PHE B 172 -13.14 16.85 -15.86
C PHE B 172 -14.12 16.85 -14.70
N GLU B 173 -14.98 17.87 -14.66
CA GLU B 173 -15.94 18.00 -13.56
C GLU B 173 -16.98 16.88 -13.46
N ASN B 174 -17.18 16.12 -14.53
CA ASN B 174 -18.19 15.04 -14.49
C ASN B 174 -17.56 13.66 -14.34
N THR B 175 -16.26 13.65 -14.08
CA THR B 175 -15.52 12.42 -13.92
C THR B 175 -16.14 11.46 -12.89
N PHE B 176 -16.18 10.18 -13.22
CA PHE B 176 -16.62 9.19 -12.24
C PHE B 176 -15.82 7.88 -12.45
N MET B 177 -15.66 7.10 -11.38
CA MET B 177 -15.07 5.80 -11.52
C MET B 177 -15.58 4.94 -10.39
N MET B 178 -15.61 3.63 -10.65
CA MET B 178 -16.01 2.66 -9.61
C MET B 178 -15.18 1.39 -9.83
N TYR B 179 -15.34 0.44 -8.91
CA TYR B 179 -14.62 -0.81 -8.99
C TYR B 179 -15.51 -2.00 -9.14
N LEU B 180 -15.06 -2.93 -9.97
CA LEU B 180 -15.81 -4.15 -10.18
C LEU B 180 -14.91 -5.39 -9.91
N PRO B 181 -14.99 -5.93 -8.69
CA PRO B 181 -14.20 -7.12 -8.40
C PRO B 181 -14.98 -8.28 -8.97
N ARG B 182 -14.32 -9.25 -9.60
CA ARG B 182 -15.08 -10.39 -10.10
C ARG B 182 -14.36 -11.71 -10.03
N LEU B 183 -15.16 -12.74 -9.93
CA LEU B 183 -14.64 -14.08 -9.87
C LEU B 183 -15.62 -14.91 -10.70
N CYS B 184 -15.61 -16.23 -10.54
CA CYS B 184 -16.54 -17.05 -11.32
C CYS B 184 -17.91 -16.91 -10.62
N GLU B 185 -18.99 -16.92 -11.40
CA GLU B 185 -20.35 -16.77 -10.87
C GLU B 185 -20.99 -18.05 -10.37
N HIS B 186 -20.37 -19.19 -10.66
CA HIS B 186 -20.87 -20.52 -10.26
C HIS B 186 -22.39 -20.58 -10.50
N CYS B 187 -22.72 -20.31 -11.77
CA CYS B 187 -24.08 -20.22 -12.25
C CYS B 187 -25.02 -21.42 -12.11
N LEU B 188 -26.32 -21.15 -12.15
CA LEU B 188 -27.28 -22.24 -12.09
C LEU B 188 -27.40 -22.86 -13.49
N ASN B 189 -27.18 -22.03 -14.52
CA ASN B 189 -27.26 -22.51 -15.91
C ASN B 189 -25.96 -22.13 -16.59
N PRO B 190 -24.84 -22.69 -16.10
CA PRO B 190 -23.53 -22.36 -16.67
C PRO B 190 -23.35 -22.69 -18.17
N ALA B 191 -22.89 -21.70 -18.91
CA ALA B 191 -22.60 -21.85 -20.32
C ALA B 191 -21.31 -22.69 -20.54
N CYS B 192 -20.34 -22.63 -19.61
CA CYS B 192 -19.10 -23.40 -19.75
C CYS B 192 -19.42 -24.89 -19.72
N VAL B 193 -20.27 -25.30 -18.80
CA VAL B 193 -20.60 -26.71 -18.70
C VAL B 193 -21.23 -27.22 -19.99
N ALA B 194 -22.08 -26.38 -20.57
CA ALA B 194 -22.82 -26.70 -21.77
C ALA B 194 -21.95 -26.68 -23.01
N THR B 195 -20.84 -25.95 -22.94
CA THR B 195 -19.97 -25.85 -24.09
C THR B 195 -18.72 -26.72 -24.07
N CYS B 196 -18.55 -27.56 -23.05
CA CYS B 196 -17.39 -28.46 -22.99
C CYS B 196 -17.69 -29.82 -23.67
N PRO B 197 -17.07 -30.09 -24.84
CA PRO B 197 -17.34 -31.36 -25.55
C PRO B 197 -17.07 -32.66 -24.79
N SER B 198 -16.15 -32.66 -23.83
CA SER B 198 -15.86 -33.90 -23.11
C SER B 198 -16.65 -34.07 -21.82
N GLY B 199 -17.47 -33.08 -21.45
CA GLY B 199 -18.25 -33.23 -20.24
C GLY B 199 -17.40 -33.19 -18.96
N ALA B 200 -16.29 -32.50 -19.04
CA ALA B 200 -15.36 -32.43 -17.89
C ALA B 200 -15.77 -31.38 -16.85
N ILE B 201 -16.67 -30.48 -17.20
CA ILE B 201 -17.06 -29.44 -16.26
C ILE B 201 -18.37 -29.85 -15.65
N TYR B 202 -18.51 -29.71 -14.32
CA TYR B 202 -19.76 -30.07 -13.67
C TYR B 202 -20.10 -29.13 -12.48
N LYS B 203 -21.36 -29.16 -12.06
CA LYS B 203 -21.81 -28.38 -10.90
C LYS B 203 -21.92 -29.43 -9.77
N ARG B 204 -21.34 -29.16 -8.61
CA ARG B 204 -21.44 -30.14 -7.53
C ARG B 204 -22.83 -30.12 -6.96
N GLU B 205 -23.41 -31.29 -6.70
CA GLU B 205 -24.79 -31.28 -6.23
C GLU B 205 -25.00 -30.66 -4.87
N GLU B 206 -24.14 -31.03 -3.93
CA GLU B 206 -24.32 -30.58 -2.56
C GLU B 206 -24.05 -29.12 -2.28
N ASP B 207 -23.29 -28.44 -3.12
CA ASP B 207 -23.03 -27.05 -2.83
C ASP B 207 -22.95 -26.10 -4.03
N GLY B 208 -23.28 -26.61 -5.20
CA GLY B 208 -23.31 -25.78 -6.38
C GLY B 208 -22.02 -25.22 -6.91
N ILE B 209 -20.88 -25.65 -6.40
CA ILE B 209 -19.62 -25.11 -6.91
C ILE B 209 -19.39 -25.77 -8.29
N VAL B 210 -18.99 -24.98 -9.26
CA VAL B 210 -18.75 -25.49 -10.62
C VAL B 210 -17.24 -25.72 -10.82
N LEU B 211 -16.87 -26.95 -11.16
CA LEU B 211 -15.44 -27.33 -11.35
C LEU B 211 -15.11 -27.95 -12.71
N ILE B 212 -13.85 -27.80 -13.12
CA ILE B 212 -13.33 -28.40 -14.34
C ILE B 212 -12.51 -29.55 -13.79
N ASP B 213 -12.95 -30.79 -14.04
CA ASP B 213 -12.26 -32.00 -13.61
C ASP B 213 -10.87 -32.06 -14.28
N GLN B 214 -9.80 -32.03 -13.49
CA GLN B 214 -8.45 -32.02 -14.08
C GLN B 214 -8.01 -33.35 -14.67
N ASP B 215 -8.70 -34.43 -14.33
CA ASP B 215 -8.40 -35.74 -14.93
C ASP B 215 -9.05 -35.80 -16.31
N LYS B 216 -10.36 -35.55 -16.33
CA LYS B 216 -11.18 -35.62 -17.52
C LYS B 216 -11.09 -34.53 -18.58
N CYS B 217 -10.64 -33.31 -18.21
CA CYS B 217 -10.53 -32.28 -19.20
C CYS B 217 -9.53 -32.76 -20.24
N ARG B 218 -9.84 -32.48 -21.50
CA ARG B 218 -9.02 -32.92 -22.64
C ARG B 218 -8.39 -31.74 -23.35
N GLY B 219 -8.65 -30.54 -22.84
CA GLY B 219 -8.08 -29.37 -23.46
C GLY B 219 -8.68 -28.92 -24.80
N TRP B 220 -9.97 -29.17 -25.04
CA TRP B 220 -10.64 -28.74 -26.27
C TRP B 220 -10.78 -27.23 -26.32
N ARG B 221 -10.59 -26.58 -25.17
CA ARG B 221 -10.65 -25.12 -25.06
C ARG B 221 -11.81 -24.36 -25.76
N MET B 222 -13.01 -24.92 -25.66
CA MET B 222 -14.23 -24.29 -26.21
C MET B 222 -14.95 -23.58 -25.02
N CYS B 223 -14.85 -24.15 -23.81
CA CYS B 223 -15.45 -23.59 -22.59
C CYS B 223 -15.04 -22.12 -22.36
N ILE B 224 -13.79 -21.80 -22.70
CA ILE B 224 -13.29 -20.47 -22.52
C ILE B 224 -14.14 -19.45 -23.29
N THR B 225 -14.58 -19.83 -24.48
CA THR B 225 -15.41 -18.97 -25.32
C THR B 225 -16.80 -18.96 -24.77
N GLY B 226 -17.27 -20.14 -24.38
CA GLY B 226 -18.59 -20.30 -23.83
C GLY B 226 -18.88 -19.43 -22.61
N CYS B 227 -17.91 -19.33 -21.70
CA CYS B 227 -18.08 -18.51 -20.48
C CYS B 227 -18.14 -17.01 -20.88
N PRO B 228 -19.29 -16.36 -20.67
CA PRO B 228 -19.42 -14.95 -21.03
C PRO B 228 -18.75 -13.99 -20.07
N TYR B 229 -18.27 -14.47 -18.94
CA TYR B 229 -17.60 -13.59 -17.99
C TYR B 229 -16.10 -13.73 -18.18
N LYS B 230 -15.73 -14.63 -19.08
CA LYS B 230 -14.33 -14.95 -19.40
C LYS B 230 -13.54 -15.30 -18.11
N LYS B 231 -14.12 -16.19 -17.30
CA LYS B 231 -13.49 -16.60 -16.05
C LYS B 231 -12.84 -17.99 -16.03
N ILE B 232 -12.73 -18.61 -17.22
CA ILE B 232 -12.05 -19.88 -17.37
C ILE B 232 -10.78 -19.44 -18.08
N TYR B 233 -9.63 -19.83 -17.53
CA TYR B 233 -8.33 -19.50 -18.12
C TYR B 233 -7.65 -20.80 -18.53
N PHE B 234 -7.11 -20.81 -19.74
CA PHE B 234 -6.40 -21.96 -20.24
C PHE B 234 -5.04 -22.00 -19.57
N ASN B 235 -4.63 -23.17 -19.09
CA ASN B 235 -3.30 -23.30 -18.50
C ASN B 235 -2.46 -23.70 -19.73
N TRP B 236 -1.67 -22.77 -20.25
CA TRP B 236 -0.89 -22.99 -21.48
C TRP B 236 0.17 -24.08 -21.40
N LYS B 237 0.53 -24.45 -20.17
CA LYS B 237 1.54 -25.45 -19.95
C LYS B 237 0.96 -26.84 -19.87
N SER B 238 -0.06 -27.02 -19.01
CA SER B 238 -0.68 -28.35 -18.83
C SER B 238 -1.62 -28.67 -20.00
N GLY B 239 -2.00 -27.65 -20.73
CA GLY B 239 -2.95 -27.82 -21.83
C GLY B 239 -4.38 -28.04 -21.37
N LYS B 240 -4.68 -27.82 -20.10
CA LYS B 240 -6.05 -27.99 -19.62
C LYS B 240 -6.58 -26.62 -19.13
N SER B 241 -7.89 -26.45 -18.99
CA SER B 241 -8.42 -25.17 -18.49
C SER B 241 -8.62 -25.21 -16.96
N GLU B 242 -8.57 -24.04 -16.33
CA GLU B 242 -8.76 -23.92 -14.88
C GLU B 242 -9.61 -22.67 -14.57
N LYS B 243 -10.22 -22.64 -13.39
CA LYS B 243 -11.10 -21.53 -13.03
C LYS B 243 -11.23 -21.47 -11.51
N CYS B 244 -11.79 -20.37 -11.04
CA CYS B 244 -12.07 -20.17 -9.63
C CYS B 244 -12.77 -21.44 -9.15
N ILE B 245 -12.33 -22.01 -8.05
CA ILE B 245 -12.98 -23.21 -7.52
C ILE B 245 -13.82 -22.87 -6.26
N PHE B 246 -14.11 -21.60 -6.08
CA PHE B 246 -14.85 -21.11 -4.92
C PHE B 246 -14.28 -21.65 -3.64
N CYS B 247 -12.96 -21.77 -3.61
CA CYS B 247 -12.28 -22.29 -2.43
C CYS B 247 -12.99 -23.50 -1.81
N TYR B 248 -13.41 -24.48 -2.61
CA TYR B 248 -14.14 -25.59 -1.99
C TYR B 248 -13.39 -26.29 -0.85
N PRO B 249 -12.02 -26.34 -0.86
CA PRO B 249 -11.42 -27.01 0.30
C PRO B 249 -11.79 -26.36 1.63
N ARG B 250 -12.00 -25.04 1.63
CA ARG B 250 -12.39 -24.32 2.87
C ARG B 250 -13.89 -24.39 3.07
N ILE B 251 -14.66 -24.09 2.04
CA ILE B 251 -16.12 -24.12 2.13
C ILE B 251 -16.62 -25.47 2.69
N GLU B 252 -15.99 -26.55 2.23
CA GLU B 252 -16.35 -27.91 2.64
C GLU B 252 -16.43 -28.08 4.15
N ALA B 253 -15.64 -27.31 4.90
CA ALA B 253 -15.68 -27.37 6.36
C ALA B 253 -16.36 -26.15 7.00
N GLY B 254 -16.97 -25.28 6.19
CA GLY B 254 -17.69 -24.11 6.72
C GLY B 254 -16.94 -22.79 6.80
N GLN B 255 -15.79 -22.69 6.12
CA GLN B 255 -15.02 -21.43 6.11
C GLN B 255 -15.32 -20.61 4.87
N PRO B 256 -15.07 -19.31 4.96
CA PRO B 256 -15.30 -18.39 3.84
C PRO B 256 -14.24 -18.63 2.77
N THR B 257 -14.47 -18.15 1.54
CA THR B 257 -13.44 -18.29 0.54
C THR B 257 -12.27 -17.35 0.98
N VAL B 258 -11.09 -17.59 0.42
CA VAL B 258 -9.91 -16.76 0.75
C VAL B 258 -10.18 -15.31 0.32
N CYS B 259 -10.68 -15.15 -0.91
CA CYS B 259 -10.94 -13.77 -1.36
C CYS B 259 -12.08 -13.08 -0.55
N SER B 260 -12.91 -13.86 0.13
CA SER B 260 -13.97 -13.31 0.97
C SER B 260 -13.46 -12.92 2.38
N GLU B 261 -12.79 -13.86 3.02
CA GLU B 261 -12.25 -13.62 4.35
C GLU B 261 -11.16 -12.53 4.27
N THR B 262 -10.44 -12.44 3.14
CA THR B 262 -9.39 -11.45 3.03
C THR B 262 -9.81 -10.07 2.46
N CYS B 263 -11.10 -9.91 2.19
CA CYS B 263 -11.61 -8.67 1.66
C CYS B 263 -11.50 -7.54 2.71
N VAL B 264 -10.58 -6.61 2.48
CA VAL B 264 -10.28 -5.52 3.41
C VAL B 264 -11.46 -4.57 3.60
N GLY B 265 -12.21 -4.40 2.53
CA GLY B 265 -13.34 -3.49 2.56
C GLY B 265 -14.55 -4.05 3.30
N ARG B 266 -14.53 -5.34 3.61
CA ARG B 266 -15.65 -5.97 4.37
C ARG B 266 -16.94 -5.81 3.54
N ILE B 267 -16.82 -6.07 2.25
CA ILE B 267 -17.92 -5.93 1.34
C ILE B 267 -18.51 -7.25 0.88
N ARG B 268 -17.85 -8.35 1.19
CA ARG B 268 -18.37 -9.63 0.73
C ARG B 268 -19.17 -10.40 1.75
N TYR B 269 -20.33 -10.90 1.32
CA TYR B 269 -21.21 -11.72 2.14
C TYR B 269 -21.43 -13.09 1.49
N LEU B 270 -21.34 -14.12 2.32
CA LEU B 270 -21.55 -15.51 1.91
C LEU B 270 -22.72 -16.09 2.70
N GLY B 271 -23.68 -16.63 1.96
CA GLY B 271 -24.87 -17.20 2.57
C GLY B 271 -25.51 -18.19 1.61
N VAL B 272 -26.17 -19.19 2.18
CA VAL B 272 -26.84 -20.23 1.42
C VAL B 272 -28.10 -19.75 0.71
N LEU B 273 -28.30 -20.23 -0.52
CA LEU B 273 -29.54 -19.95 -1.27
C LEU B 273 -30.08 -21.34 -1.65
N LEU B 274 -31.37 -21.60 -1.39
CA LEU B 274 -31.97 -22.86 -1.80
C LEU B 274 -32.64 -22.62 -3.17
N TYR B 275 -32.42 -23.50 -4.13
CA TYR B 275 -33.03 -23.23 -5.41
C TYR B 275 -33.74 -24.43 -6.02
N ASP B 276 -34.76 -24.18 -6.85
CA ASP B 276 -35.46 -25.28 -7.51
C ASP B 276 -34.75 -25.61 -8.83
N ALA B 277 -33.92 -26.65 -8.82
CA ALA B 277 -33.20 -27.00 -10.02
C ALA B 277 -34.11 -27.31 -11.20
N ASP B 278 -35.35 -27.76 -10.95
CA ASP B 278 -36.25 -28.08 -12.08
C ASP B 278 -36.77 -26.87 -12.82
N ALA B 279 -36.60 -25.69 -12.23
CA ALA B 279 -37.05 -24.45 -12.81
C ALA B 279 -35.97 -23.68 -13.59
N ILE B 280 -34.76 -24.23 -13.63
CA ILE B 280 -33.61 -23.57 -14.27
C ILE B 280 -33.78 -23.20 -15.74
N GLU B 281 -34.21 -24.17 -16.56
CA GLU B 281 -34.35 -23.94 -17.99
C GLU B 281 -35.47 -22.93 -18.23
N ARG B 282 -36.57 -23.11 -17.52
CA ARG B 282 -37.72 -22.21 -17.67
C ARG B 282 -37.34 -20.74 -17.39
N ALA B 283 -36.60 -20.49 -16.31
CA ALA B 283 -36.23 -19.13 -16.00
C ALA B 283 -35.22 -18.58 -16.99
N ALA B 284 -34.18 -19.36 -17.29
CA ALA B 284 -33.15 -18.88 -18.21
C ALA B 284 -33.65 -18.65 -19.61
N SER B 285 -34.78 -19.24 -19.98
CA SER B 285 -35.30 -19.05 -21.35
C SER B 285 -36.51 -18.11 -21.46
N THR B 286 -36.75 -17.29 -20.44
CA THR B 286 -37.86 -16.35 -20.47
C THR B 286 -37.57 -15.46 -21.69
N GLU B 287 -38.63 -15.08 -22.39
CA GLU B 287 -38.47 -14.26 -23.57
C GLU B 287 -37.80 -12.88 -23.46
N ASN B 288 -38.19 -12.07 -22.50
CA ASN B 288 -37.59 -10.75 -22.39
C ASN B 288 -36.35 -10.76 -21.49
N GLU B 289 -35.21 -10.28 -21.98
CA GLU B 289 -34.04 -10.34 -21.10
C GLU B 289 -34.19 -9.47 -19.85
N LYS B 290 -35.11 -8.52 -19.86
CA LYS B 290 -35.29 -7.72 -18.66
C LYS B 290 -36.06 -8.43 -17.56
N ASP B 291 -36.55 -9.63 -17.87
CA ASP B 291 -37.28 -10.44 -16.87
C ASP B 291 -36.34 -11.49 -16.23
N LEU B 292 -35.16 -11.76 -16.80
CA LEU B 292 -34.24 -12.78 -16.21
C LEU B 292 -33.93 -12.55 -14.72
N TYR B 293 -33.72 -11.31 -14.32
CA TYR B 293 -33.45 -10.99 -12.91
C TYR B 293 -34.60 -11.50 -12.01
N GLN B 294 -35.82 -11.05 -12.27
CA GLN B 294 -36.94 -11.50 -11.43
C GLN B 294 -37.20 -13.01 -11.59
N ARG B 295 -37.05 -13.53 -12.81
CA ARG B 295 -37.29 -14.96 -12.97
C ARG B 295 -36.29 -15.74 -12.14
N GLN B 296 -35.06 -15.21 -11.93
CA GLN B 296 -34.09 -15.92 -11.09
C GLN B 296 -34.49 -15.82 -9.62
N LEU B 297 -34.94 -14.66 -9.20
CA LEU B 297 -35.39 -14.51 -7.81
C LEU B 297 -36.49 -15.53 -7.52
N ASP B 298 -37.29 -15.82 -8.53
CA ASP B 298 -38.38 -16.77 -8.41
C ASP B 298 -37.93 -18.23 -8.26
N VAL B 299 -36.67 -18.52 -8.57
CA VAL B 299 -36.17 -19.89 -8.46
C VAL B 299 -35.58 -20.11 -7.05
N PHE B 300 -35.29 -19.01 -6.36
CA PHE B 300 -34.77 -19.04 -4.98
C PHE B 300 -35.99 -19.34 -4.07
N LEU B 301 -35.83 -20.27 -3.12
CA LEU B 301 -36.90 -20.65 -2.22
C LEU B 301 -36.73 -20.09 -0.80
N ASP B 302 -37.87 -19.83 -0.15
CA ASP B 302 -37.95 -19.27 1.22
C ASP B 302 -37.59 -20.37 2.20
N PRO B 303 -36.42 -20.25 2.81
CA PRO B 303 -35.88 -21.20 3.78
C PRO B 303 -36.65 -21.32 5.11
N ASN B 304 -37.51 -20.36 5.40
CA ASN B 304 -38.31 -20.44 6.62
C ASN B 304 -39.73 -20.99 6.35
N ASP B 305 -40.01 -21.32 5.09
CA ASP B 305 -41.29 -21.87 4.71
C ASP B 305 -41.27 -23.37 4.97
N PRO B 306 -42.14 -23.86 5.88
CA PRO B 306 -42.16 -25.29 6.17
C PRO B 306 -42.39 -26.15 4.94
N LYS B 307 -43.01 -25.62 3.91
CA LYS B 307 -43.20 -26.46 2.74
C LYS B 307 -41.83 -26.73 2.09
N VAL B 308 -41.00 -25.69 2.06
CA VAL B 308 -39.69 -25.73 1.46
C VAL B 308 -38.76 -26.56 2.31
N ILE B 309 -38.87 -26.38 3.64
CA ILE B 309 -38.08 -27.12 4.61
C ILE B 309 -38.29 -28.62 4.48
N GLU B 310 -39.55 -29.07 4.40
CA GLU B 310 -39.85 -30.49 4.27
C GLU B 310 -39.36 -31.05 2.95
N GLN B 311 -39.45 -30.26 1.90
CA GLN B 311 -39.01 -30.70 0.58
C GLN B 311 -37.47 -30.80 0.55
N ALA B 312 -36.81 -29.83 1.19
CA ALA B 312 -35.35 -29.82 1.22
C ALA B 312 -34.89 -31.10 1.86
N ILE B 313 -35.43 -31.40 3.03
CA ILE B 313 -35.12 -32.60 3.77
C ILE B 313 -35.35 -33.80 2.85
N LYS B 314 -36.52 -33.88 2.23
CA LYS B 314 -36.84 -34.99 1.36
C LYS B 314 -35.83 -35.13 0.23
N ASP B 315 -35.34 -33.99 -0.26
CA ASP B 315 -34.38 -33.97 -1.34
C ASP B 315 -32.91 -34.10 -0.86
N GLY B 316 -32.70 -34.38 0.42
CA GLY B 316 -31.34 -34.59 0.92
C GLY B 316 -30.50 -33.42 1.43
N ILE B 317 -31.07 -32.23 1.54
CA ILE B 317 -30.31 -31.10 2.03
C ILE B 317 -30.11 -31.33 3.54
N PRO B 318 -28.86 -31.28 3.99
CA PRO B 318 -28.51 -31.47 5.40
C PRO B 318 -29.18 -30.40 6.23
N LEU B 319 -29.54 -30.79 7.45
CA LEU B 319 -30.18 -29.90 8.40
C LEU B 319 -29.38 -28.63 8.70
N SER B 320 -28.06 -28.73 8.79
CA SER B 320 -27.28 -27.55 9.11
C SER B 320 -27.27 -26.59 7.93
N VAL B 321 -27.47 -27.14 6.73
CA VAL B 321 -27.51 -26.27 5.55
C VAL B 321 -28.85 -25.51 5.52
N ILE B 322 -29.95 -26.20 5.88
CA ILE B 322 -31.26 -25.54 5.90
C ILE B 322 -31.19 -24.38 6.92
N GLU B 323 -30.65 -24.67 8.10
CA GLU B 323 -30.53 -23.71 9.18
C GLU B 323 -29.65 -22.48 8.76
N ALA B 324 -28.53 -22.73 8.07
CA ALA B 324 -27.71 -21.62 7.61
C ALA B 324 -28.52 -20.82 6.60
N ALA B 325 -29.26 -21.51 5.75
CA ALA B 325 -30.07 -20.82 4.75
C ALA B 325 -31.06 -19.86 5.44
N GLN B 326 -31.53 -20.23 6.63
CA GLN B 326 -32.47 -19.37 7.34
C GLN B 326 -31.87 -18.10 7.89
N GLN B 327 -30.55 -18.04 8.04
CA GLN B 327 -29.88 -16.83 8.51
C GLN B 327 -28.97 -16.26 7.39
N SER B 328 -29.25 -16.60 6.13
CA SER B 328 -28.39 -16.19 5.02
C SER B 328 -28.38 -14.70 4.71
N PRO B 329 -27.19 -14.02 4.80
CA PRO B 329 -27.21 -12.58 4.47
C PRO B 329 -27.47 -12.36 2.99
N VAL B 330 -27.13 -13.35 2.17
CA VAL B 330 -27.34 -13.22 0.75
C VAL B 330 -28.84 -13.22 0.41
N TYR B 331 -29.59 -14.04 1.12
CA TYR B 331 -31.00 -14.06 0.88
C TYR B 331 -31.63 -12.74 1.30
N LYS B 332 -31.19 -12.17 2.41
CA LYS B 332 -31.76 -10.88 2.84
C LYS B 332 -31.45 -9.77 1.83
N MET B 333 -30.23 -9.74 1.35
CA MET B 333 -29.88 -8.67 0.41
C MET B 333 -30.50 -8.85 -0.96
N ALA B 334 -30.61 -10.09 -1.44
CA ALA B 334 -31.19 -10.28 -2.78
C ALA B 334 -32.74 -10.42 -2.81
N MET B 335 -33.30 -11.11 -1.82
CA MET B 335 -34.74 -11.35 -1.78
C MET B 335 -35.61 -10.43 -0.96
N GLU B 336 -35.13 -9.95 0.19
CA GLU B 336 -35.94 -9.09 1.05
C GLU B 336 -35.72 -7.61 0.86
N TRP B 337 -34.47 -7.18 0.95
CA TRP B 337 -34.20 -5.77 0.81
C TRP B 337 -34.04 -5.33 -0.64
N LYS B 338 -33.84 -6.29 -1.55
CA LYS B 338 -33.66 -6.00 -2.96
C LYS B 338 -32.46 -5.07 -3.23
N LEU B 339 -31.36 -5.22 -2.49
CA LEU B 339 -30.16 -4.41 -2.67
C LEU B 339 -29.17 -5.02 -3.64
N ALA B 340 -29.12 -6.34 -3.71
CA ALA B 340 -28.19 -7.09 -4.55
C ALA B 340 -28.86 -7.49 -5.85
N LEU B 341 -28.11 -7.36 -6.92
CA LEU B 341 -28.55 -7.63 -8.27
C LEU B 341 -27.52 -8.49 -8.98
N PRO B 342 -27.94 -9.26 -9.98
CA PRO B 342 -27.00 -10.11 -10.70
C PRO B 342 -26.09 -9.35 -11.64
N LEU B 343 -24.97 -9.99 -12.01
CA LEU B 343 -24.05 -9.39 -12.94
C LEU B 343 -24.45 -9.91 -14.32
N HIS B 344 -24.79 -9.00 -15.25
CA HIS B 344 -25.19 -9.35 -16.60
C HIS B 344 -26.20 -10.50 -16.72
N PRO B 345 -27.38 -10.34 -16.09
CA PRO B 345 -28.36 -11.45 -16.21
C PRO B 345 -28.71 -11.82 -17.65
N GLU B 346 -28.52 -10.91 -18.58
CA GLU B 346 -28.87 -11.20 -19.98
C GLU B 346 -28.05 -12.31 -20.63
N TYR B 347 -26.96 -12.74 -20.00
CA TYR B 347 -26.18 -13.84 -20.56
C TYR B 347 -26.96 -15.16 -20.37
N ARG B 348 -28.01 -15.08 -19.54
CA ARG B 348 -28.88 -16.20 -19.29
C ARG B 348 -28.27 -17.37 -18.55
N THR B 349 -27.22 -17.11 -17.76
CA THR B 349 -26.60 -18.20 -17.03
C THR B 349 -27.14 -18.35 -15.58
N LEU B 350 -27.93 -17.38 -15.12
CA LEU B 350 -28.45 -17.42 -13.73
C LEU B 350 -27.23 -17.41 -12.79
N PRO B 351 -26.52 -16.28 -12.77
CA PRO B 351 -25.31 -16.10 -11.93
C PRO B 351 -25.61 -16.12 -10.45
N MET B 352 -24.66 -16.64 -9.68
CA MET B 352 -24.87 -16.77 -8.26
C MET B 352 -24.01 -15.86 -7.40
N VAL B 353 -23.31 -14.92 -8.05
CA VAL B 353 -22.52 -13.91 -7.34
C VAL B 353 -23.16 -12.59 -7.74
N TRP B 354 -23.81 -11.94 -6.76
CA TRP B 354 -24.53 -10.70 -6.97
C TRP B 354 -23.86 -9.49 -6.35
N TYR B 355 -24.35 -8.30 -6.72
CA TYR B 355 -23.76 -7.03 -6.36
C TYR B 355 -24.71 -5.93 -5.90
N VAL B 356 -24.32 -5.20 -4.87
CA VAL B 356 -25.13 -4.04 -4.44
C VAL B 356 -24.44 -2.90 -5.21
N PRO B 357 -25.20 -2.07 -5.96
CA PRO B 357 -24.57 -0.98 -6.71
C PRO B 357 -23.96 0.10 -5.81
N PRO B 358 -23.00 0.85 -6.33
CA PRO B 358 -22.40 1.85 -5.49
C PRO B 358 -23.09 3.20 -5.47
N LEU B 359 -22.92 3.93 -4.37
CA LEU B 359 -23.40 5.30 -4.32
C LEU B 359 -22.23 6.05 -4.92
N SER B 360 -22.37 7.36 -5.11
CA SER B 360 -21.29 8.17 -5.65
C SER B 360 -21.48 9.64 -5.21
N PRO B 361 -20.43 10.49 -5.32
CA PRO B 361 -20.68 11.88 -4.89
C PRO B 361 -21.70 12.54 -5.83
N ILE B 362 -22.35 13.62 -5.37
CA ILE B 362 -23.36 14.23 -6.22
C ILE B 362 -22.76 14.82 -7.50
N GLN B 363 -23.60 15.02 -8.50
CA GLN B 363 -23.11 15.57 -9.76
C GLN B 363 -22.81 17.07 -9.68
N SER B 364 -22.07 17.56 -10.67
CA SER B 364 -21.74 18.98 -10.73
C SER B 364 -23.04 19.77 -10.99
N ALA B 365 -23.20 20.91 -10.34
CA ALA B 365 -24.41 21.69 -10.55
C ALA B 365 -24.07 23.16 -10.45
N ALA B 366 -24.99 24.01 -10.92
CA ALA B 366 -24.76 25.46 -10.91
C ALA B 366 -24.41 26.01 -9.52
N ASP B 367 -25.04 25.54 -8.46
CA ASP B 367 -24.67 26.04 -7.14
C ASP B 367 -24.49 24.91 -6.15
N ALA B 368 -24.17 25.27 -4.90
CA ALA B 368 -23.96 24.32 -3.81
C ALA B 368 -25.15 23.39 -3.64
N GLY B 369 -26.27 23.77 -4.22
CA GLY B 369 -27.47 22.97 -4.11
C GLY B 369 -28.40 23.30 -2.97
N GLU B 370 -29.45 22.50 -2.88
CA GLU B 370 -30.49 22.66 -1.89
C GLU B 370 -30.64 21.39 -1.12
N LEU B 371 -31.35 21.49 0.01
CA LEU B 371 -31.67 20.32 0.81
C LEU B 371 -32.70 19.62 -0.06
N GLY B 372 -32.57 18.30 -0.20
CA GLY B 372 -33.52 17.56 -0.99
C GLY B 372 -34.39 16.76 -0.04
N SER B 373 -34.93 15.63 -0.50
CA SER B 373 -35.75 14.84 0.39
C SER B 373 -34.95 14.19 1.50
N ASN B 374 -33.63 14.12 1.34
CA ASN B 374 -32.81 13.49 2.36
C ASN B 374 -32.01 14.50 3.19
N GLY B 375 -32.45 15.77 3.17
CA GLY B 375 -31.78 16.82 3.92
C GLY B 375 -30.43 17.15 3.34
N ILE B 376 -29.36 17.10 4.13
CA ILE B 376 -28.05 17.41 3.61
C ILE B 376 -27.44 16.21 2.84
N LEU B 377 -28.08 15.04 2.95
CA LEU B 377 -27.57 13.83 2.28
C LEU B 377 -28.16 13.78 0.90
N PRO B 378 -27.54 13.01 0.00
CA PRO B 378 -28.05 12.94 -1.37
C PRO B 378 -29.39 12.27 -1.61
N ASP B 379 -30.03 12.71 -2.71
CA ASP B 379 -31.28 12.15 -3.25
C ASP B 379 -30.74 11.31 -4.41
N VAL B 380 -31.35 10.17 -4.70
CA VAL B 380 -30.84 9.29 -5.75
C VAL B 380 -30.62 9.96 -7.12
N GLU B 381 -31.48 10.92 -7.45
CA GLU B 381 -31.36 11.62 -8.75
C GLU B 381 -30.10 12.48 -8.88
N SER B 382 -29.45 12.80 -7.78
CA SER B 382 -28.25 13.64 -7.88
C SER B 382 -26.94 12.90 -8.01
N LEU B 383 -26.96 11.58 -7.86
CA LEU B 383 -25.71 10.81 -7.90
C LEU B 383 -25.01 10.94 -9.26
N ARG B 384 -23.68 11.02 -9.25
CA ARG B 384 -22.98 11.24 -10.52
C ARG B 384 -22.78 10.02 -11.43
N ILE B 385 -22.76 8.82 -10.89
CA ILE B 385 -22.61 7.64 -11.76
C ILE B 385 -23.94 7.52 -12.48
N PRO B 386 -23.92 7.55 -13.82
CA PRO B 386 -25.19 7.43 -14.55
C PRO B 386 -25.86 6.09 -14.23
N VAL B 387 -27.12 6.13 -13.81
CA VAL B 387 -27.83 4.95 -13.43
C VAL B 387 -28.00 3.98 -14.60
N GLN B 388 -28.01 4.50 -15.81
CA GLN B 388 -28.15 3.63 -16.96
C GLN B 388 -26.89 2.77 -17.16
N TYR B 389 -25.75 3.28 -16.73
CA TYR B 389 -24.50 2.52 -16.88
C TYR B 389 -24.62 1.31 -15.92
N LEU B 390 -25.09 1.57 -14.71
CA LEU B 390 -25.23 0.50 -13.73
C LEU B 390 -26.24 -0.52 -14.16
N ALA B 391 -27.33 -0.04 -14.76
CA ALA B 391 -28.37 -0.91 -15.23
C ALA B 391 -27.80 -1.78 -16.39
N ASN B 392 -26.96 -1.22 -17.28
CA ASN B 392 -26.39 -2.08 -18.34
C ASN B 392 -25.53 -3.21 -17.73
N LEU B 393 -24.89 -2.90 -16.62
CA LEU B 393 -24.04 -3.84 -15.90
C LEU B 393 -24.80 -4.95 -15.13
N LEU B 394 -25.88 -4.55 -14.43
CA LEU B 394 -26.62 -5.42 -13.54
C LEU B 394 -28.03 -5.85 -13.87
N THR B 395 -28.78 -5.04 -14.62
CA THR B 395 -30.19 -5.37 -14.84
C THR B 395 -30.68 -5.39 -16.28
N ALA B 396 -29.78 -5.77 -17.20
CA ALA B 396 -30.12 -5.83 -18.62
C ALA B 396 -30.66 -4.50 -19.16
N GLY B 397 -30.18 -3.39 -18.61
CA GLY B 397 -30.62 -2.07 -19.05
C GLY B 397 -31.84 -1.46 -18.33
N ASP B 398 -32.47 -2.21 -17.44
CA ASP B 398 -33.64 -1.67 -16.73
C ASP B 398 -33.19 -0.89 -15.51
N THR B 399 -33.42 0.40 -15.47
CA THR B 399 -32.96 1.20 -14.33
C THR B 399 -33.79 1.09 -13.03
N LYS B 400 -35.01 0.59 -13.14
CA LYS B 400 -35.91 0.50 -12.00
C LYS B 400 -35.32 -0.25 -10.74
N PRO B 401 -34.81 -1.50 -10.90
CA PRO B 401 -34.22 -2.22 -9.75
C PRO B 401 -32.93 -1.58 -9.24
N VAL B 402 -32.17 -0.94 -10.12
CA VAL B 402 -30.94 -0.25 -9.67
C VAL B 402 -31.33 0.97 -8.82
N LEU B 403 -32.29 1.77 -9.31
CA LEU B 403 -32.73 2.96 -8.57
C LEU B 403 -33.30 2.57 -7.20
N ARG B 404 -34.09 1.49 -7.15
CA ARG B 404 -34.67 1.00 -5.88
C ARG B 404 -33.55 0.66 -4.86
N ALA B 405 -32.53 -0.07 -5.31
CA ALA B 405 -31.39 -0.39 -4.44
C ALA B 405 -30.68 0.90 -3.88
N LEU B 406 -30.31 1.81 -4.77
CA LEU B 406 -29.61 3.02 -4.31
C LEU B 406 -30.44 3.88 -3.37
N LYS B 407 -31.71 4.02 -3.74
CA LYS B 407 -32.65 4.84 -2.99
C LYS B 407 -32.80 4.25 -1.59
N ARG B 408 -32.95 2.93 -1.53
CA ARG B 408 -33.07 2.27 -0.23
C ARG B 408 -31.84 2.47 0.66
N MET B 409 -30.65 2.41 0.06
CA MET B 409 -29.42 2.64 0.82
C MET B 409 -29.44 4.11 1.35
N LEU B 410 -29.78 5.05 0.47
CA LEU B 410 -29.84 6.46 0.87
C LEU B 410 -30.88 6.68 1.98
N ALA B 411 -32.02 6.00 1.88
CA ALA B 411 -33.09 6.08 2.89
C ALA B 411 -32.58 5.60 4.25
N MET B 412 -31.88 4.47 4.23
CA MET B 412 -31.30 3.98 5.49
C MET B 412 -30.43 5.07 6.11
N ARG B 413 -29.60 5.72 5.29
CA ARG B 413 -28.71 6.77 5.80
C ARG B 413 -29.51 7.93 6.40
N HIS B 414 -30.58 8.35 5.72
CA HIS B 414 -31.39 9.46 6.21
C HIS B 414 -32.01 9.10 7.58
N TYR B 415 -32.59 7.91 7.65
CA TYR B 415 -33.23 7.43 8.89
C TYR B 415 -32.19 7.35 10.01
N LYS B 416 -31.04 6.76 9.73
CA LYS B 416 -30.04 6.69 10.78
C LYS B 416 -29.49 8.06 11.22
N ARG B 417 -29.42 9.03 10.31
CA ARG B 417 -28.88 10.34 10.69
C ARG B 417 -29.87 11.04 11.63
N ALA B 418 -31.17 10.85 11.36
CA ALA B 418 -32.20 11.48 12.18
C ALA B 418 -32.03 10.99 13.59
N GLU B 419 -31.79 9.69 13.69
CA GLU B 419 -31.62 9.03 14.95
C GLU B 419 -30.37 9.40 15.72
N THR B 420 -29.23 9.31 15.06
CA THR B 420 -27.99 9.55 15.75
C THR B 420 -27.55 10.98 15.88
N VAL B 421 -28.06 11.89 15.06
CA VAL B 421 -27.65 13.28 15.18
C VAL B 421 -28.77 14.06 15.83
N ASP B 422 -29.97 13.97 15.26
CA ASP B 422 -31.10 14.67 15.82
C ASP B 422 -31.76 13.97 16.99
N GLY B 423 -31.56 12.67 17.14
CA GLY B 423 -32.18 11.99 18.25
C GLY B 423 -33.68 11.94 18.03
N LYS B 424 -34.09 11.63 16.82
CA LYS B 424 -35.49 11.54 16.50
C LYS B 424 -35.76 10.43 15.51
N VAL B 425 -37.00 10.00 15.49
CA VAL B 425 -37.45 8.98 14.57
C VAL B 425 -37.98 9.74 13.35
N ASP B 426 -37.53 9.36 12.16
CA ASP B 426 -37.97 9.96 10.91
C ASP B 426 -37.92 8.81 9.91
N THR B 427 -39.08 8.29 9.59
CA THR B 427 -39.20 7.17 8.70
C THR B 427 -39.69 7.59 7.33
N ARG B 428 -39.76 8.90 7.15
CA ARG B 428 -40.21 9.47 5.88
C ARG B 428 -39.47 8.87 4.64
N ALA B 429 -38.13 8.88 4.66
CA ALA B 429 -37.38 8.31 3.52
C ALA B 429 -37.66 6.81 3.38
N LEU B 430 -37.79 6.13 4.50
CA LEU B 430 -38.07 4.69 4.49
C LEU B 430 -39.44 4.40 3.88
N GLU B 431 -40.42 5.20 4.30
CA GLU B 431 -41.78 5.05 3.83
C GLU B 431 -41.81 5.23 2.32
N GLU B 432 -41.01 6.18 1.84
CA GLU B 432 -40.96 6.46 0.43
C GLU B 432 -40.45 5.28 -0.40
N VAL B 433 -39.60 4.46 0.19
CA VAL B 433 -39.05 3.31 -0.53
C VAL B 433 -39.61 1.96 -0.07
N GLY B 434 -40.60 1.99 0.81
CA GLY B 434 -41.22 0.76 1.24
C GLY B 434 -40.47 -0.08 2.26
N LEU B 435 -39.58 0.54 2.99
CA LEU B 435 -38.84 -0.17 4.02
C LEU B 435 -39.50 0.14 5.35
N THR B 436 -39.41 -0.78 6.30
CA THR B 436 -39.93 -0.54 7.65
C THR B 436 -38.69 -0.21 8.48
N GLU B 437 -38.92 0.33 9.68
CA GLU B 437 -37.81 0.60 10.55
C GLU B 437 -37.04 -0.69 10.91
N ALA B 438 -37.75 -1.78 11.15
CA ALA B 438 -37.05 -3.00 11.52
C ALA B 438 -36.15 -3.44 10.33
N GLN B 439 -36.63 -3.24 9.11
CA GLN B 439 -35.79 -3.63 7.99
C GLN B 439 -34.56 -2.76 7.90
N ALA B 440 -34.75 -1.46 8.11
CA ALA B 440 -33.64 -0.52 8.03
C ALA B 440 -32.60 -0.81 9.07
N GLN B 441 -33.04 -1.18 10.27
CA GLN B 441 -32.07 -1.45 11.33
C GLN B 441 -31.30 -2.73 11.04
N GLU B 442 -31.97 -3.69 10.41
CA GLU B 442 -31.30 -4.93 10.11
C GLU B 442 -30.31 -4.71 8.96
N MET B 443 -30.71 -3.88 7.99
CA MET B 443 -29.83 -3.55 6.86
C MET B 443 -28.58 -2.92 7.49
N TYR B 444 -28.80 -2.02 8.47
CA TYR B 444 -27.68 -1.33 9.11
C TYR B 444 -26.78 -2.32 9.86
N ARG B 445 -27.40 -3.29 10.56
CA ARG B 445 -26.60 -4.28 11.28
C ARG B 445 -25.66 -5.05 10.33
N TYR B 446 -26.20 -5.48 9.20
CA TYR B 446 -25.40 -6.26 8.25
C TYR B 446 -24.41 -5.49 7.37
N LEU B 447 -24.80 -4.30 6.95
CA LEU B 447 -24.00 -3.48 6.03
C LEU B 447 -23.00 -2.59 6.69
N ALA B 448 -23.41 -2.02 7.83
CA ALA B 448 -22.57 -1.08 8.56
C ALA B 448 -21.69 -1.73 9.63
N ILE B 449 -22.30 -2.35 10.64
CA ILE B 449 -21.48 -3.00 11.68
C ILE B 449 -20.76 -4.18 11.04
N ALA B 450 -21.53 -4.97 10.31
CA ALA B 450 -20.99 -6.11 9.55
C ALA B 450 -20.04 -7.06 10.31
N ASN B 451 -20.49 -7.56 11.47
CA ASN B 451 -19.70 -8.48 12.26
C ASN B 451 -19.39 -9.69 11.40
N TYR B 452 -18.22 -10.27 11.63
CA TYR B 452 -17.74 -11.44 10.91
C TYR B 452 -18.79 -12.54 10.79
N GLU B 453 -19.42 -12.88 11.91
CA GLU B 453 -20.42 -13.94 11.91
C GLU B 453 -21.65 -13.59 11.09
N ASP B 454 -21.79 -12.32 10.73
CA ASP B 454 -22.93 -11.93 9.93
C ASP B 454 -22.57 -11.86 8.45
N ARG B 455 -21.31 -11.63 8.10
CA ARG B 455 -20.93 -11.55 6.68
C ARG B 455 -20.78 -12.95 6.10
N PHE B 456 -20.32 -13.90 6.91
CA PHE B 456 -20.14 -15.28 6.44
C PHE B 456 -20.99 -16.30 7.22
N VAL B 457 -22.00 -16.86 6.57
CA VAL B 457 -22.81 -17.89 7.20
C VAL B 457 -22.71 -19.10 6.28
N VAL B 458 -21.57 -19.78 6.35
CA VAL B 458 -21.25 -20.93 5.48
C VAL B 458 -21.38 -22.24 6.22
N PRO B 459 -22.30 -23.10 5.78
CA PRO B 459 -22.38 -24.38 6.53
C PRO B 459 -21.36 -25.34 5.92
N SER B 460 -21.21 -26.48 6.58
CA SER B 460 -20.34 -27.54 6.11
C SER B 460 -20.94 -28.22 4.85
N SER B 461 -20.07 -28.72 3.99
CA SER B 461 -20.52 -29.44 2.79
C SER B 461 -20.76 -30.92 3.14
N HIS B 462 -20.55 -31.28 4.43
CA HIS B 462 -20.80 -32.64 4.92
C HIS B 462 -20.15 -33.77 4.09
N ARG B 463 -18.82 -33.79 4.08
CA ARG B 463 -18.09 -34.79 3.30
C ARG B 463 -18.30 -36.23 3.78
N GLU B 464 -18.88 -36.39 4.97
CA GLU B 464 -19.15 -37.71 5.51
C GLU B 464 -20.41 -38.35 4.87
N LEU B 465 -21.30 -37.56 4.32
CA LEU B 465 -22.53 -38.10 3.73
C LEU B 465 -22.32 -38.87 2.43
N ALA B 466 -22.89 -40.07 2.33
CA ALA B 466 -22.78 -40.92 1.13
C ALA B 466 -21.36 -41.34 0.77
N ARG B 467 -20.48 -41.24 1.76
CA ARG B 467 -19.07 -41.57 1.58
C ARG B 467 -18.56 -42.29 2.82
N GLU B 468 -17.27 -42.57 2.90
CA GLU B 468 -16.74 -43.25 4.08
C GLU B 468 -15.67 -42.39 4.70
N ALA B 469 -16.09 -41.53 5.61
CA ALA B 469 -15.15 -40.61 6.22
C ALA B 469 -14.12 -41.24 7.12
N PHE B 470 -14.47 -42.36 7.76
CA PHE B 470 -13.54 -42.98 8.71
C PHE B 470 -12.23 -43.47 8.08
N PRO B 471 -12.29 -44.36 7.06
CA PRO B 471 -10.98 -44.76 6.49
C PRO B 471 -10.25 -43.59 5.82
N GLU B 472 -11.00 -42.57 5.39
CA GLU B 472 -10.36 -41.43 4.78
C GLU B 472 -9.63 -40.58 5.83
N LYS B 473 -10.25 -40.39 6.99
CA LYS B 473 -9.61 -39.64 8.08
C LYS B 473 -8.26 -40.30 8.44
N ASN B 474 -8.28 -41.64 8.50
CA ASN B 474 -7.10 -42.42 8.86
C ASN B 474 -5.97 -42.48 7.84
N GLY B 475 -6.33 -42.49 6.56
CA GLY B 475 -5.30 -42.60 5.54
C GLY B 475 -5.21 -41.53 4.47
N CYS B 476 -6.00 -40.45 4.52
CA CYS B 476 -5.83 -39.45 3.45
C CYS B 476 -4.43 -38.74 3.58
N GLY B 477 -3.91 -38.23 2.47
CA GLY B 477 -2.64 -37.51 2.54
C GLY B 477 -1.33 -38.29 2.44
N PHE B 478 -1.31 -39.59 2.67
CA PHE B 478 -0.05 -40.32 2.47
C PHE B 478 0.00 -40.51 0.93
N THR B 479 0.61 -39.57 0.23
CA THR B 479 0.66 -39.64 -1.22
C THR B 479 1.82 -40.50 -1.80
N PHE B 480 1.94 -41.75 -1.34
CA PHE B 480 3.03 -42.62 -1.82
C PHE B 480 2.88 -43.03 -3.29
N GLY B 481 1.65 -42.94 -3.82
CA GLY B 481 1.37 -43.27 -5.21
C GLY B 481 0.75 -44.66 -5.33
N ASP B 482 -0.37 -44.91 -4.67
CA ASP B 482 -0.97 -46.25 -4.74
C ASP B 482 -1.61 -46.64 -6.10
N GLY B 483 -1.86 -45.64 -6.93
CA GLY B 483 -2.40 -45.84 -8.25
C GLY B 483 -3.84 -46.27 -8.30
N CYS B 484 -4.50 -46.30 -7.15
CA CYS B 484 -5.89 -46.75 -7.08
C CYS B 484 -6.94 -45.67 -6.83
N HIS B 485 -6.52 -44.42 -6.69
CA HIS B 485 -7.48 -43.35 -6.46
C HIS B 485 -8.10 -42.94 -7.81
N GLY B 486 -9.32 -42.40 -7.76
CA GLY B 486 -9.92 -41.90 -8.97
C GLY B 486 -10.77 -42.86 -9.77
N SER B 487 -10.93 -44.09 -9.32
CA SER B 487 -11.80 -44.99 -10.07
C SER B 487 -12.62 -45.79 -9.10
N ASP B 488 -13.79 -46.25 -9.54
CA ASP B 488 -14.66 -47.03 -8.68
C ASP B 488 -14.36 -48.52 -8.77
N THR B 489 -13.97 -48.99 -9.96
CA THR B 489 -13.59 -50.41 -10.15
C THR B 489 -12.26 -50.65 -9.39
N LYS B 490 -12.15 -51.77 -8.67
CA LYS B 490 -10.93 -52.00 -7.90
C LYS B 490 -9.79 -52.56 -8.71
N PHE B 491 -10.10 -53.24 -9.82
CA PHE B 491 -9.02 -53.79 -10.61
C PHE B 491 -8.04 -52.72 -11.07
N ASN B 492 -6.74 -53.01 -10.95
CA ASN B 492 -5.73 -52.09 -11.43
C ASN B 492 -4.52 -52.86 -11.92
N LEU B 493 -3.98 -52.43 -13.05
CA LEU B 493 -2.84 -53.10 -13.66
C LEU B 493 -1.60 -53.25 -12.79
N PHE B 494 -1.31 -52.27 -11.92
CA PHE B 494 -0.12 -52.36 -11.02
C PHE B 494 -0.34 -53.27 -9.79
N ASN B 495 -1.48 -53.96 -9.74
CA ASN B 495 -1.76 -54.88 -8.68
C ASN B 495 -1.50 -54.26 -7.29
N SER B 496 -2.14 -53.11 -7.05
CA SER B 496 -2.03 -52.36 -5.80
C SER B 496 -3.43 -52.23 -5.11
N ARG B 497 -3.49 -51.54 -3.97
CA ARG B 497 -4.75 -51.31 -3.24
C ARG B 497 -4.68 -49.88 -2.70
N ARG B 498 -5.84 -49.27 -2.46
CA ARG B 498 -5.91 -47.89 -1.95
C ARG B 498 -5.40 -47.83 -0.53
N ILE B 499 -4.53 -46.88 -0.28
CA ILE B 499 -3.99 -46.68 1.05
C ILE B 499 -5.08 -46.26 2.09
N ASP B 500 -6.05 -45.46 1.67
CA ASP B 500 -7.09 -44.97 2.56
C ASP B 500 -8.34 -45.84 2.52
N ALA B 501 -8.14 -47.13 2.27
CA ALA B 501 -9.30 -47.97 2.25
C ALA B 501 -9.05 -49.25 3.01
N ILE B 502 -10.13 -49.99 3.22
CA ILE B 502 -10.07 -51.25 3.93
C ILE B 502 -10.35 -52.38 2.99
N ASP B 503 -9.34 -53.20 2.76
CA ASP B 503 -9.53 -54.29 1.84
C ASP B 503 -9.81 -55.66 2.51
N VAL B 504 -9.52 -55.79 3.79
CA VAL B 504 -9.86 -57.02 4.50
C VAL B 504 -11.31 -56.84 4.96
N THR B 505 -12.22 -57.54 4.27
CA THR B 505 -13.65 -57.47 4.58
C THR B 505 -14.07 -58.17 5.88
N SER B 506 -15.02 -57.56 6.57
CA SER B 506 -15.51 -58.16 7.80
C SER B 506 -16.26 -59.42 7.42
N LYS B 507 -16.02 -60.51 8.13
CA LYS B 507 -16.73 -61.74 7.82
C LYS B 507 -17.83 -61.97 8.87
N THR B 508 -18.04 -61.02 9.77
CA THR B 508 -19.04 -61.20 10.83
C THR B 508 -20.31 -60.42 10.50
N GLU B 509 -20.42 -60.09 9.22
CA GLU B 509 -21.52 -59.38 8.57
C GLU B 509 -21.29 -57.89 8.42
N GLN C 2 15.67 -60.33 -46.82
CA GLN C 2 14.53 -61.18 -46.47
C GLN C 2 14.33 -61.14 -44.95
N PHE C 3 15.44 -60.99 -44.24
CA PHE C 3 15.39 -60.93 -42.79
C PHE C 3 14.67 -59.63 -42.44
N LEU C 4 15.16 -58.51 -43.01
CA LEU C 4 14.56 -57.22 -42.74
C LEU C 4 13.10 -57.19 -43.16
N ASN C 5 12.77 -57.99 -44.17
CA ASN C 5 11.40 -58.04 -44.64
C ASN C 5 10.41 -58.70 -43.69
N MET C 6 10.83 -59.79 -43.07
CA MET C 6 9.93 -60.49 -42.15
C MET C 6 9.86 -59.71 -40.82
N PHE C 7 10.95 -59.06 -40.49
CA PHE C 7 11.00 -58.27 -39.29
C PHE C 7 9.96 -57.14 -39.40
N PHE C 8 10.17 -56.26 -40.38
CA PHE C 8 9.31 -55.12 -40.56
C PHE C 8 7.87 -55.41 -40.90
N PHE C 9 7.59 -56.52 -41.58
CA PHE C 9 6.21 -56.77 -41.98
C PHE C 9 5.48 -57.93 -41.36
N ASP C 10 6.20 -58.70 -40.53
CA ASP C 10 5.60 -59.83 -39.81
C ASP C 10 5.77 -59.69 -38.29
N ILE C 11 6.85 -59.07 -37.86
CA ILE C 11 7.13 -58.95 -36.44
C ILE C 11 6.82 -57.57 -35.89
N TYR C 12 7.48 -56.57 -36.44
CA TYR C 12 7.33 -55.17 -36.08
C TYR C 12 5.87 -54.71 -35.92
N PRO C 13 4.98 -55.09 -36.87
CA PRO C 13 3.61 -54.61 -36.66
C PRO C 13 2.98 -55.09 -35.37
N TYR C 14 3.51 -56.15 -34.79
CA TYR C 14 2.87 -56.60 -33.56
C TYR C 14 3.52 -55.93 -32.37
N ILE C 15 4.78 -55.56 -32.53
CA ILE C 15 5.45 -54.85 -31.46
C ILE C 15 4.72 -53.50 -31.32
N ALA C 16 4.58 -52.79 -32.43
CA ALA C 16 3.95 -51.48 -32.46
C ALA C 16 2.54 -51.52 -31.98
N GLY C 17 1.82 -52.58 -32.36
CA GLY C 17 0.45 -52.77 -31.98
C GLY C 17 0.27 -53.02 -30.49
N ALA C 18 1.13 -53.85 -29.91
CA ALA C 18 1.03 -54.14 -28.51
C ALA C 18 1.38 -52.87 -27.70
N VAL C 19 2.42 -52.15 -28.13
CA VAL C 19 2.83 -50.94 -27.43
C VAL C 19 1.73 -49.87 -27.51
N PHE C 20 1.16 -49.71 -28.71
CA PHE C 20 0.07 -48.76 -28.95
C PHE C 20 -1.05 -48.99 -27.94
N LEU C 21 -1.49 -50.24 -27.83
CA LEU C 21 -2.58 -50.55 -26.96
C LEU C 21 -2.31 -50.57 -25.48
N ILE C 22 -1.30 -51.30 -25.05
CA ILE C 22 -1.08 -51.32 -23.63
C ILE C 22 -0.51 -50.00 -23.12
N GLY C 23 0.13 -49.24 -24.00
CA GLY C 23 0.66 -47.95 -23.64
C GLY C 23 -0.50 -46.96 -23.50
N SER C 24 -1.50 -47.11 -24.37
CA SER C 24 -2.65 -46.24 -24.33
C SER C 24 -3.43 -46.51 -23.03
N TRP C 25 -3.60 -47.78 -22.70
CA TRP C 25 -4.32 -48.15 -21.50
C TRP C 25 -3.57 -47.65 -20.24
N LEU C 26 -2.28 -47.97 -20.16
CA LEU C 26 -1.50 -47.56 -19.01
C LEU C 26 -1.42 -46.03 -18.83
N ARG C 27 -1.35 -45.28 -19.91
CA ARG C 27 -1.28 -43.85 -19.79
C ARG C 27 -2.66 -43.31 -19.41
N TYR C 28 -3.73 -43.99 -19.82
CA TYR C 28 -5.06 -43.54 -19.49
C TYR C 28 -5.30 -43.75 -17.98
N ASP C 29 -4.90 -44.90 -17.46
CA ASP C 29 -5.10 -45.15 -16.05
C ASP C 29 -4.19 -44.40 -15.08
N TYR C 30 -2.95 -44.20 -15.48
CA TYR C 30 -1.95 -43.56 -14.67
C TYR C 30 -1.55 -42.16 -15.10
N GLY C 31 -2.12 -41.66 -16.19
CA GLY C 31 -1.76 -40.35 -16.69
C GLY C 31 -2.86 -39.43 -17.15
N GLN C 32 -4.01 -39.46 -16.49
CA GLN C 32 -5.12 -38.57 -16.86
C GLN C 32 -4.68 -37.09 -17.01
N TYR C 33 -3.88 -36.58 -16.08
CA TYR C 33 -3.49 -35.18 -16.16
C TYR C 33 -2.67 -34.89 -17.41
N THR C 34 -2.02 -35.90 -17.98
CA THR C 34 -1.21 -35.71 -19.19
C THR C 34 -2.03 -35.96 -20.45
N TRP C 35 -3.27 -36.38 -20.27
CA TRP C 35 -4.11 -36.67 -21.43
C TRP C 35 -4.87 -35.42 -21.93
N ARG C 36 -4.25 -34.67 -22.87
CA ARG C 36 -4.86 -33.47 -23.40
C ARG C 36 -4.37 -33.21 -24.84
N ALA C 37 -5.09 -32.33 -25.56
CA ALA C 37 -4.76 -31.96 -26.93
C ALA C 37 -3.56 -31.02 -27.00
N ALA C 38 -3.28 -30.38 -25.87
CA ALA C 38 -2.18 -29.44 -25.80
C ALA C 38 -2.27 -28.31 -26.80
N SER C 39 -3.39 -27.63 -26.81
CA SER C 39 -3.58 -26.49 -27.69
C SER C 39 -2.51 -25.43 -27.41
N SER C 40 -2.05 -24.76 -28.47
CA SER C 40 -1.05 -23.72 -28.33
C SER C 40 -1.64 -22.50 -28.98
N GLN C 41 -2.91 -22.62 -29.36
CA GLN C 41 -3.58 -21.53 -30.07
C GLN C 41 -3.54 -20.16 -29.38
N MET C 42 -3.83 -20.15 -28.08
CA MET C 42 -3.86 -18.89 -27.32
C MET C 42 -2.53 -18.15 -27.38
N LEU C 43 -1.44 -18.89 -27.31
CA LEU C 43 -0.13 -18.25 -27.38
C LEU C 43 0.14 -17.56 -28.73
N ASP C 44 -0.42 -18.08 -29.83
CA ASP C 44 -0.24 -17.43 -31.15
C ASP C 44 -1.36 -17.85 -32.10
N ARG C 45 -2.41 -17.03 -32.18
CA ARG C 45 -3.56 -17.29 -33.03
C ARG C 45 -3.29 -17.20 -34.53
N LYS C 46 -2.26 -16.47 -34.92
CA LYS C 46 -1.94 -16.28 -36.32
C LYS C 46 -1.83 -17.57 -37.18
N GLY C 47 -2.66 -17.63 -38.21
CA GLY C 47 -2.62 -18.75 -39.15
C GLY C 47 -3.11 -20.10 -38.67
N MET C 48 -3.50 -20.20 -37.40
CA MET C 48 -3.98 -21.46 -36.85
C MET C 48 -5.31 -21.93 -37.43
N ASN C 49 -6.19 -20.98 -37.71
CA ASN C 49 -7.47 -21.33 -38.27
C ASN C 49 -7.27 -22.08 -39.62
N LEU C 50 -6.56 -21.46 -40.54
CA LEU C 50 -6.28 -22.09 -41.82
C LEU C 50 -5.49 -23.38 -41.61
N ALA C 51 -4.31 -23.30 -40.99
CA ALA C 51 -3.46 -24.46 -40.83
C ALA C 51 -4.04 -25.67 -40.13
N SER C 52 -4.62 -25.48 -38.94
CA SER C 52 -5.18 -26.63 -38.22
C SER C 52 -6.38 -27.26 -38.95
N ASN C 53 -7.22 -26.43 -39.56
CA ASN C 53 -8.35 -27.01 -40.29
C ASN C 53 -7.86 -27.75 -41.54
N LEU C 54 -6.90 -27.19 -42.25
CA LEU C 54 -6.38 -27.90 -43.43
C LEU C 54 -5.83 -29.24 -42.99
N PHE C 55 -4.95 -29.17 -42.00
CA PHE C 55 -4.36 -30.37 -41.49
C PHE C 55 -5.37 -31.37 -41.00
N HIS C 56 -6.30 -30.96 -40.13
CA HIS C 56 -7.22 -31.95 -39.58
C HIS C 56 -8.24 -32.48 -40.59
N ILE C 57 -8.85 -31.59 -41.36
CA ILE C 57 -9.81 -32.05 -42.33
C ILE C 57 -9.11 -32.99 -43.31
N GLY C 58 -7.90 -32.65 -43.72
CA GLY C 58 -7.15 -33.53 -44.59
C GLY C 58 -6.84 -34.89 -43.99
N ILE C 59 -6.18 -34.92 -42.83
CA ILE C 59 -5.83 -36.18 -42.19
C ILE C 59 -7.03 -37.03 -41.81
N LEU C 60 -8.18 -36.41 -41.59
CA LEU C 60 -9.34 -37.21 -41.24
C LEU C 60 -9.94 -37.90 -42.48
N GLY C 61 -9.83 -37.23 -43.64
CA GLY C 61 -10.31 -37.80 -44.89
C GLY C 61 -9.49 -39.06 -45.09
N ILE C 62 -8.17 -38.92 -45.07
CA ILE C 62 -7.26 -40.07 -45.20
C ILE C 62 -7.54 -41.17 -44.18
N PHE C 63 -7.80 -40.80 -42.93
CA PHE C 63 -8.05 -41.82 -41.94
C PHE C 63 -9.28 -42.64 -42.29
N VAL C 64 -10.35 -41.98 -42.73
CA VAL C 64 -11.56 -42.69 -43.11
C VAL C 64 -11.17 -43.57 -44.30
N GLY C 65 -10.53 -42.95 -45.30
CA GLY C 65 -10.11 -43.69 -46.48
C GLY C 65 -9.30 -44.93 -46.13
N HIS C 66 -8.15 -44.74 -45.50
CA HIS C 66 -7.30 -45.85 -45.09
C HIS C 66 -8.02 -46.94 -44.33
N PHE C 67 -8.83 -46.52 -43.36
CA PHE C 67 -9.54 -47.46 -42.51
C PHE C 67 -10.52 -48.39 -43.24
N PHE C 68 -11.46 -47.81 -43.97
CA PHE C 68 -12.43 -48.60 -44.68
C PHE C 68 -11.84 -49.22 -45.94
N GLY C 69 -10.75 -48.62 -46.43
CA GLY C 69 -10.11 -49.10 -47.63
C GLY C 69 -9.35 -50.39 -47.44
N MET C 70 -8.51 -50.44 -46.42
CA MET C 70 -7.71 -51.64 -46.15
C MET C 70 -8.35 -52.64 -45.21
N LEU C 71 -9.42 -52.25 -44.52
CA LEU C 71 -10.00 -53.18 -43.57
C LEU C 71 -11.38 -53.75 -43.78
N THR C 72 -12.03 -53.45 -44.92
CA THR C 72 -13.37 -53.97 -45.15
C THR C 72 -13.16 -55.20 -46.08
N LEU C 81 -18.10 -52.28 -55.37
CA LEU C 81 -16.88 -51.49 -55.45
C LEU C 81 -15.62 -52.30 -55.78
N PRO C 82 -15.39 -52.57 -57.07
CA PRO C 82 -14.20 -53.32 -57.47
C PRO C 82 -12.95 -52.61 -56.97
N ILE C 83 -11.88 -53.38 -56.84
CA ILE C 83 -10.64 -52.86 -56.33
C ILE C 83 -10.07 -51.67 -57.12
N GLU C 84 -10.19 -51.70 -58.46
CA GLU C 84 -9.64 -50.57 -59.21
C GLU C 84 -10.42 -49.26 -59.06
N VAL C 85 -11.68 -49.38 -58.66
CA VAL C 85 -12.53 -48.22 -58.43
C VAL C 85 -12.06 -47.58 -57.09
N LYS C 86 -11.75 -48.44 -56.12
CA LYS C 86 -11.27 -48.00 -54.82
C LYS C 86 -9.92 -47.31 -54.99
N GLN C 87 -9.09 -47.88 -55.86
CA GLN C 87 -7.78 -47.28 -56.10
C GLN C 87 -7.99 -45.90 -56.74
N LYS C 88 -8.93 -45.82 -57.67
CA LYS C 88 -9.20 -44.55 -58.31
C LYS C 88 -9.66 -43.54 -57.25
N MET C 89 -10.50 -43.98 -56.32
CA MET C 89 -10.96 -43.09 -55.26
C MET C 89 -9.79 -42.65 -54.36
N ALA C 90 -8.97 -43.62 -53.99
CA ALA C 90 -7.82 -43.36 -53.14
C ALA C 90 -6.89 -42.30 -53.69
N MET C 91 -6.62 -42.35 -54.98
CA MET C 91 -5.71 -41.40 -55.62
C MET C 91 -6.30 -40.01 -55.77
N PHE C 92 -7.55 -39.93 -56.19
CA PHE C 92 -8.16 -38.63 -56.36
C PHE C 92 -8.67 -38.02 -55.04
N ALA C 93 -9.55 -38.72 -54.34
CA ALA C 93 -10.12 -38.25 -53.08
C ALA C 93 -9.03 -38.22 -52.01
N GLY C 94 -8.34 -39.35 -51.87
CA GLY C 94 -7.26 -39.45 -50.91
C GLY C 94 -6.18 -38.44 -51.23
N GLY C 95 -5.79 -38.34 -52.51
CA GLY C 95 -4.76 -37.41 -52.91
C GLY C 95 -5.08 -35.98 -52.56
N ALA C 96 -6.30 -35.56 -52.86
CA ALA C 96 -6.75 -34.20 -52.52
C ALA C 96 -6.68 -33.98 -51.00
N SER C 97 -7.16 -34.94 -50.22
CA SER C 97 -7.10 -34.82 -48.76
C SER C 97 -5.65 -34.70 -48.31
N GLY C 98 -4.80 -35.51 -48.92
CA GLY C 98 -3.38 -35.53 -48.59
C GLY C 98 -2.72 -34.21 -48.89
N VAL C 99 -3.21 -33.52 -49.91
CA VAL C 99 -2.62 -32.25 -50.24
C VAL C 99 -3.02 -31.22 -49.17
N LEU C 100 -4.29 -31.26 -48.78
CA LEU C 100 -4.76 -30.35 -47.74
C LEU C 100 -3.99 -30.62 -46.47
N CYS C 101 -3.88 -31.89 -46.12
CA CYS C 101 -3.18 -32.29 -44.92
C CYS C 101 -1.74 -31.78 -44.88
N LEU C 102 -1.01 -32.06 -45.95
CA LEU C 102 0.38 -31.67 -46.07
C LEU C 102 0.60 -30.16 -45.99
N ILE C 103 -0.29 -29.39 -46.60
CA ILE C 103 -0.18 -27.91 -46.55
C ILE C 103 -0.37 -27.48 -45.08
N GLY C 104 -1.42 -28.01 -44.45
CA GLY C 104 -1.74 -27.70 -43.07
C GLY C 104 -0.58 -28.07 -42.19
N GLY C 105 -0.13 -29.31 -42.35
CA GLY C 105 0.99 -29.80 -41.59
C GLY C 105 2.25 -28.99 -41.75
N VAL C 106 2.60 -28.59 -42.97
CA VAL C 106 3.82 -27.81 -43.14
C VAL C 106 3.67 -26.45 -42.46
N LEU C 107 2.49 -25.87 -42.54
CA LEU C 107 2.25 -24.57 -41.94
C LEU C 107 2.36 -24.70 -40.42
N LEU C 108 1.79 -25.77 -39.87
CA LEU C 108 1.86 -25.98 -38.42
C LEU C 108 3.30 -26.16 -38.00
N LEU C 109 4.11 -26.82 -38.83
CA LEU C 109 5.48 -27.11 -38.47
C LEU C 109 6.33 -25.87 -38.50
N LYS C 110 6.10 -25.04 -39.51
CA LYS C 110 6.83 -23.79 -39.64
C LYS C 110 6.50 -22.97 -38.40
N ARG C 111 5.23 -22.97 -38.02
CA ARG C 111 4.79 -22.23 -36.82
C ARG C 111 5.45 -22.74 -35.55
N ARG C 112 5.46 -24.06 -35.36
CA ARG C 112 6.00 -24.66 -34.15
C ARG C 112 7.46 -24.40 -34.00
N LEU C 113 8.14 -24.37 -35.13
CA LEU C 113 9.57 -24.14 -35.11
C LEU C 113 9.99 -22.69 -35.04
N PHE C 114 9.27 -21.81 -35.72
CA PHE C 114 9.64 -20.41 -35.78
C PHE C 114 8.78 -19.35 -35.08
N SER C 115 7.61 -19.71 -34.55
CA SER C 115 6.82 -18.69 -33.85
C SER C 115 7.41 -18.76 -32.42
N PRO C 116 8.11 -17.71 -32.02
CA PRO C 116 8.74 -17.69 -30.71
C PRO C 116 7.96 -18.20 -29.51
N ARG C 117 6.70 -17.81 -29.35
CA ARG C 117 5.94 -18.28 -28.22
C ARG C 117 5.63 -19.75 -28.30
N VAL C 118 5.43 -20.26 -29.52
CA VAL C 118 5.13 -21.67 -29.65
C VAL C 118 6.39 -22.51 -29.48
N ARG C 119 7.47 -22.09 -30.11
CA ARG C 119 8.75 -22.79 -30.04
C ARG C 119 9.28 -22.85 -28.61
N ALA C 120 9.14 -21.73 -27.89
CA ALA C 120 9.63 -21.62 -26.49
C ALA C 120 8.89 -22.55 -25.54
N THR C 121 7.66 -22.92 -25.90
CA THR C 121 6.83 -23.75 -25.02
C THR C 121 6.50 -25.17 -25.51
N THR C 122 7.10 -25.57 -26.62
CA THR C 122 6.85 -26.88 -27.15
C THR C 122 7.64 -27.96 -26.38
N THR C 123 7.25 -29.22 -26.54
CA THR C 123 8.05 -30.32 -25.99
C THR C 123 8.75 -30.92 -27.26
N GLY C 124 9.80 -31.72 -27.06
CA GLY C 124 10.51 -32.34 -28.17
C GLY C 124 9.56 -33.29 -28.93
N ALA C 125 8.75 -34.01 -28.16
CA ALA C 125 7.81 -34.94 -28.75
C ALA C 125 6.84 -34.25 -29.71
N ASP C 126 6.46 -33.00 -29.46
CA ASP C 126 5.50 -32.35 -30.36
C ASP C 126 6.17 -32.09 -31.70
N ILE C 127 7.44 -31.74 -31.67
CA ILE C 127 8.16 -31.47 -32.93
C ILE C 127 8.39 -32.79 -33.66
N LEU C 128 8.77 -33.81 -32.91
CA LEU C 128 9.01 -35.08 -33.53
C LEU C 128 7.78 -35.69 -34.20
N ILE C 129 6.68 -35.73 -33.47
CA ILE C 129 5.49 -36.37 -34.00
C ILE C 129 4.93 -35.64 -35.23
N LEU C 130 4.98 -34.31 -35.21
CA LEU C 130 4.47 -33.51 -36.29
C LEU C 130 5.40 -33.65 -37.49
N SER C 131 6.69 -33.62 -37.25
CA SER C 131 7.65 -33.75 -38.32
C SER C 131 7.45 -35.13 -39.02
N LEU C 132 7.21 -36.17 -38.24
CA LEU C 132 6.99 -37.49 -38.82
C LEU C 132 5.67 -37.62 -39.60
N LEU C 133 4.63 -36.88 -39.22
CA LEU C 133 3.36 -36.94 -39.95
C LEU C 133 3.53 -36.17 -41.27
N VAL C 134 4.33 -35.11 -41.27
CA VAL C 134 4.54 -34.35 -42.49
C VAL C 134 5.30 -35.21 -43.51
N ILE C 135 6.24 -36.01 -43.02
CA ILE C 135 7.04 -36.92 -43.84
C ILE C 135 6.10 -38.03 -44.34
N GLN C 136 5.33 -38.59 -43.42
CA GLN C 136 4.40 -39.64 -43.77
C GLN C 136 3.40 -39.18 -44.82
N CYS C 137 2.89 -37.97 -44.68
CA CYS C 137 1.93 -37.47 -45.64
C CYS C 137 2.60 -37.19 -46.98
N ALA C 138 3.85 -36.72 -46.95
CA ALA C 138 4.60 -36.45 -48.17
C ALA C 138 4.85 -37.82 -48.89
N LEU C 139 5.28 -38.81 -48.10
CA LEU C 139 5.49 -40.16 -48.58
C LEU C 139 4.19 -40.70 -49.22
N GLY C 140 3.10 -40.56 -48.47
CA GLY C 140 1.81 -41.01 -48.95
C GLY C 140 1.50 -40.45 -50.35
N LEU C 141 1.62 -39.14 -50.52
CA LEU C 141 1.36 -38.52 -51.80
C LEU C 141 2.34 -39.01 -52.90
N LEU C 142 3.57 -39.26 -52.51
CA LEU C 142 4.59 -39.72 -53.42
C LEU C 142 4.27 -41.11 -54.00
N THR C 143 3.46 -41.90 -53.30
CA THR C 143 3.10 -43.21 -53.81
C THR C 143 2.07 -43.12 -54.94
N ILE C 144 1.38 -41.99 -55.06
CA ILE C 144 0.35 -41.86 -56.10
C ILE C 144 0.87 -42.20 -57.51
N PRO C 145 2.00 -41.61 -57.92
CA PRO C 145 2.53 -41.90 -59.25
C PRO C 145 2.89 -43.38 -59.43
N PHE C 146 3.20 -44.07 -58.33
CA PHE C 146 3.52 -45.50 -58.41
C PHE C 146 2.25 -46.32 -58.58
N SER C 147 1.19 -45.95 -57.88
CA SER C 147 -0.08 -46.64 -58.01
C SER C 147 -0.60 -46.42 -59.43
N ALA C 148 -0.27 -45.26 -59.99
CA ALA C 148 -0.70 -44.91 -61.34
C ALA C 148 -0.17 -45.93 -62.35
N GLN C 149 1.03 -46.44 -62.11
CA GLN C 149 1.62 -47.42 -63.00
C GLN C 149 0.84 -48.72 -63.00
N HIS C 150 -0.11 -48.87 -62.07
CA HIS C 150 -0.88 -50.10 -61.98
C HIS C 150 -2.37 -49.83 -61.71
N MET C 151 -3.00 -49.14 -62.65
CA MET C 151 -4.40 -48.75 -62.53
C MET C 151 -5.44 -49.85 -62.37
N ASP C 152 -4.98 -51.09 -62.46
CA ASP C 152 -5.88 -52.24 -62.30
C ASP C 152 -5.98 -52.60 -60.80
N GLY C 153 -5.30 -51.81 -59.95
CA GLY C 153 -5.33 -52.02 -58.51
C GLY C 153 -4.52 -53.23 -58.05
N SER C 154 -3.55 -53.66 -58.85
CA SER C 154 -2.76 -54.80 -58.44
C SER C 154 -1.88 -54.45 -57.23
N GLU C 155 -1.32 -53.24 -57.20
CA GLU C 155 -0.49 -52.82 -56.06
C GLU C 155 -1.36 -52.73 -54.81
N MET C 156 -2.52 -52.08 -54.95
CA MET C 156 -3.44 -51.94 -53.85
C MET C 156 -3.87 -53.29 -53.31
N MET C 157 -3.98 -54.28 -54.18
CA MET C 157 -4.38 -55.60 -53.73
C MET C 157 -3.33 -56.19 -52.77
N LYS C 158 -2.06 -55.96 -53.08
CA LYS C 158 -0.95 -56.46 -52.27
C LYS C 158 -1.01 -55.81 -50.88
N LEU C 159 -0.98 -54.47 -50.86
CA LEU C 159 -1.06 -53.70 -49.62
C LEU C 159 -2.26 -54.11 -48.73
N VAL C 160 -3.44 -54.24 -49.33
CA VAL C 160 -4.61 -54.61 -48.54
C VAL C 160 -4.51 -56.04 -48.02
N GLY C 161 -3.85 -56.88 -48.80
CA GLY C 161 -3.71 -58.27 -48.41
C GLY C 161 -2.86 -58.34 -47.16
N TRP C 162 -1.80 -57.56 -47.17
CA TRP C 162 -0.90 -57.50 -46.03
C TRP C 162 -1.66 -56.91 -44.81
N ALA C 163 -2.31 -55.77 -44.98
CA ALA C 163 -3.06 -55.16 -43.88
C ALA C 163 -4.02 -56.14 -43.23
N GLN C 164 -4.80 -56.82 -44.07
CA GLN C 164 -5.76 -57.79 -43.54
C GLN C 164 -5.15 -59.04 -42.86
N SER C 165 -3.97 -59.49 -43.30
CA SER C 165 -3.33 -60.66 -42.68
C SER C 165 -2.87 -60.24 -41.28
N VAL C 166 -2.28 -59.05 -41.23
CA VAL C 166 -1.80 -58.51 -39.97
C VAL C 166 -2.93 -58.37 -38.94
N VAL C 167 -4.02 -57.69 -39.29
CA VAL C 167 -5.08 -57.52 -38.30
C VAL C 167 -5.86 -58.73 -37.94
N THR C 168 -5.70 -59.83 -38.67
CA THR C 168 -6.40 -61.07 -38.33
C THR C 168 -5.41 -62.12 -37.84
N PHE C 169 -4.19 -61.68 -37.54
CA PHE C 169 -3.18 -62.58 -37.02
C PHE C 169 -2.89 -63.81 -37.83
N HIS C 170 -2.92 -63.68 -39.16
CA HIS C 170 -2.58 -64.79 -40.08
C HIS C 170 -1.11 -64.57 -40.40
N GLY C 171 -0.28 -65.55 -40.09
CA GLY C 171 1.15 -65.38 -40.36
C GLY C 171 1.49 -65.33 -41.84
N GLY C 172 2.69 -64.84 -42.17
CA GLY C 172 3.12 -64.80 -43.56
C GLY C 172 2.66 -63.55 -44.30
N ALA C 173 2.08 -62.62 -43.56
CA ALA C 173 1.58 -61.39 -44.14
C ALA C 173 2.55 -60.69 -45.09
N SER C 174 3.85 -60.81 -44.84
CA SER C 174 4.82 -60.14 -45.71
C SER C 174 4.84 -60.65 -47.17
N GLN C 175 4.38 -61.89 -47.37
CA GLN C 175 4.33 -62.49 -48.70
C GLN C 175 3.44 -61.69 -49.63
N HIS C 176 2.32 -61.21 -49.10
CA HIS C 176 1.38 -60.38 -49.86
C HIS C 176 2.11 -59.21 -50.49
N LEU C 177 3.14 -58.69 -49.81
CA LEU C 177 3.86 -57.53 -50.34
C LEU C 177 4.89 -57.84 -51.47
N ASP C 178 5.05 -59.11 -51.83
CA ASP C 178 6.01 -59.48 -52.89
C ASP C 178 5.97 -58.54 -54.10
N GLY C 179 7.08 -57.88 -54.36
CA GLY C 179 7.17 -56.98 -55.52
C GLY C 179 6.53 -55.60 -55.50
N VAL C 180 5.91 -55.18 -54.39
CA VAL C 180 5.31 -53.86 -54.32
C VAL C 180 6.47 -52.85 -54.37
N ALA C 181 6.23 -51.64 -54.88
CA ALA C 181 7.28 -50.63 -54.97
C ALA C 181 7.82 -50.26 -53.58
N PHE C 182 9.13 -50.02 -53.51
CA PHE C 182 9.79 -49.69 -52.26
C PHE C 182 9.08 -48.56 -51.48
N ILE C 183 8.67 -47.52 -52.17
CA ILE C 183 8.02 -46.43 -51.47
C ILE C 183 6.87 -46.86 -50.55
N PHE C 184 6.09 -47.87 -50.94
CA PHE C 184 5.00 -48.34 -50.11
C PHE C 184 5.56 -49.00 -48.82
N ARG C 185 6.76 -49.58 -48.92
CA ARG C 185 7.36 -50.23 -47.76
C ARG C 185 7.69 -49.16 -46.72
N LEU C 186 8.30 -48.06 -47.17
CA LEU C 186 8.67 -46.96 -46.28
C LEU C 186 7.44 -46.39 -45.60
N HIS C 187 6.40 -46.12 -46.38
CA HIS C 187 5.16 -45.57 -45.88
C HIS C 187 4.57 -46.51 -44.84
N LEU C 188 4.58 -47.82 -45.10
CA LEU C 188 4.06 -48.76 -44.12
C LEU C 188 4.85 -48.77 -42.79
N VAL C 189 6.18 -48.69 -42.87
CA VAL C 189 7.01 -48.68 -41.67
C VAL C 189 6.86 -47.38 -40.84
N LEU C 190 6.95 -46.24 -41.50
CA LEU C 190 6.80 -44.98 -40.80
C LEU C 190 5.40 -44.94 -40.15
N GLY C 191 4.40 -45.45 -40.87
CA GLY C 191 3.05 -45.48 -40.36
C GLY C 191 2.92 -46.34 -39.13
N MET C 192 3.58 -47.49 -39.14
CA MET C 192 3.50 -48.34 -37.99
C MET C 192 4.27 -47.71 -36.84
N THR C 193 5.37 -47.05 -37.17
CA THR C 193 6.19 -46.40 -36.17
C THR C 193 5.41 -45.32 -35.45
N LEU C 194 4.52 -44.67 -36.18
CA LEU C 194 3.66 -43.64 -35.63
C LEU C 194 2.77 -44.25 -34.56
N PHE C 195 2.34 -45.49 -34.76
CA PHE C 195 1.51 -46.17 -33.78
C PHE C 195 2.31 -46.54 -32.55
N LEU C 196 3.56 -46.88 -32.77
CA LEU C 196 4.44 -47.25 -31.68
C LEU C 196 4.69 -46.00 -30.77
N LEU C 197 4.86 -44.86 -31.41
CA LEU C 197 5.15 -43.64 -30.68
C LEU C 197 3.91 -42.98 -30.12
N PHE C 198 2.76 -43.37 -30.66
CA PHE C 198 1.48 -42.80 -30.28
C PHE C 198 1.21 -42.57 -28.78
N PRO C 199 1.26 -43.61 -27.92
CA PRO C 199 0.98 -43.45 -26.49
C PRO C 199 1.93 -42.57 -25.70
N PHE C 200 3.02 -42.17 -26.34
CA PHE C 200 4.01 -41.32 -25.71
C PHE C 200 4.06 -39.95 -26.30
N SER C 201 3.01 -39.57 -27.03
CA SER C 201 2.95 -38.24 -27.66
C SER C 201 1.56 -37.65 -27.45
N ARG C 202 1.31 -36.46 -27.98
CA ARG C 202 0.02 -35.81 -27.89
C ARG C 202 -1.07 -36.55 -28.73
N LEU C 203 -0.68 -37.51 -29.57
CA LEU C 203 -1.67 -38.24 -30.38
C LEU C 203 -2.75 -38.91 -29.57
N ILE C 204 -2.53 -39.09 -28.27
CA ILE C 204 -3.57 -39.71 -27.47
C ILE C 204 -4.89 -38.93 -27.51
N HIS C 205 -4.85 -37.64 -27.91
CA HIS C 205 -6.08 -36.84 -28.02
C HIS C 205 -7.08 -37.47 -28.97
N ILE C 206 -6.54 -38.20 -29.95
CA ILE C 206 -7.41 -38.84 -30.95
C ILE C 206 -8.39 -39.80 -30.27
N TRP C 207 -7.96 -40.52 -29.25
CA TRP C 207 -8.87 -41.47 -28.58
C TRP C 207 -10.10 -40.75 -28.04
N SER C 208 -9.92 -39.47 -27.75
CA SER C 208 -10.94 -38.68 -27.10
C SER C 208 -11.92 -37.87 -27.97
N VAL C 209 -11.95 -38.16 -29.29
CA VAL C 209 -12.89 -37.47 -30.23
C VAL C 209 -14.25 -37.46 -29.46
N PRO C 210 -14.74 -36.27 -29.08
CA PRO C 210 -15.98 -36.03 -28.31
C PRO C 210 -17.36 -36.34 -28.89
N VAL C 211 -17.51 -37.55 -29.41
CA VAL C 211 -18.74 -37.99 -30.04
C VAL C 211 -19.95 -37.93 -29.11
N GLU C 212 -19.75 -38.28 -27.84
CA GLU C 212 -20.84 -38.27 -26.87
C GLU C 212 -21.54 -36.91 -26.78
N TYR C 213 -20.80 -35.82 -27.00
CA TYR C 213 -21.36 -34.47 -26.93
C TYR C 213 -22.63 -34.27 -27.78
N LEU C 214 -22.65 -34.82 -28.98
CA LEU C 214 -23.81 -34.62 -29.83
C LEU C 214 -25.12 -35.01 -29.20
N THR C 215 -25.12 -35.93 -28.25
CA THR C 215 -26.39 -36.34 -27.70
C THR C 215 -26.53 -36.09 -26.20
N ARG C 216 -25.58 -35.34 -25.63
CA ARG C 216 -25.58 -35.10 -24.19
C ARG C 216 -26.52 -34.00 -23.73
N LYS C 217 -27.16 -34.15 -22.58
CA LYS C 217 -28.01 -33.05 -22.06
C LYS C 217 -26.97 -31.96 -21.75
N TYR C 218 -27.39 -30.70 -21.83
CA TYR C 218 -26.50 -29.58 -21.58
C TYR C 218 -25.93 -29.47 -20.20
N GLN C 219 -26.76 -29.49 -19.16
CA GLN C 219 -26.25 -29.32 -17.81
C GLN C 219 -25.86 -30.61 -17.14
N LEU C 220 -24.69 -30.60 -16.53
CA LEU C 220 -24.20 -31.77 -15.81
C LEU C 220 -24.01 -31.40 -14.33
N VAL C 221 -24.47 -32.28 -13.47
CA VAL C 221 -24.34 -32.10 -12.02
C VAL C 221 -23.81 -33.43 -11.49
N ARG C 222 -22.78 -33.40 -10.63
CA ARG C 222 -22.26 -34.64 -10.03
C ARG C 222 -22.71 -34.78 -8.56
N ALA C 223 -23.31 -35.92 -8.20
CA ALA C 223 -23.78 -36.19 -6.85
C ALA C 223 -22.63 -36.37 -5.89
N ARG C 224 -22.95 -36.35 -4.59
CA ARG C 224 -21.93 -36.61 -3.58
C ARG C 224 -21.35 -37.98 -3.96
N HIS C 225 -20.03 -38.12 -3.90
CA HIS C 225 -19.40 -39.40 -4.23
C HIS C 225 -18.06 -39.59 -3.49
#